data_3RFR
#
_entry.id   3RFR
#
_cell.length_a   107.718
_cell.length_b   178.310
_cell.length_c   183.147
_cell.angle_alpha   90.00
_cell.angle_beta   90.00
_cell.angle_gamma   90.00
#
_symmetry.space_group_name_H-M   'P 21 21 21'
#
loop_
_entity.id
_entity.type
_entity.pdbx_description
1 polymer PmoB
2 polymer peptide
3 polymer PmoA
4 polymer PmoC
5 non-polymer 'DINUCLEAR COPPER ION'
6 non-polymer 'ZINC ION'
7 non-polymer 'COPPER (II) ION'
8 water water
#
loop_
_entity_poly.entity_id
_entity_poly.type
_entity_poly.pdbx_seq_one_letter_code
_entity_poly.pdbx_strand_id
1 'polypeptide(L)'
;MKKLVKLAAFGAAAAVAATLGAIAPASAHGEKSQQAFLRMRTLNWYDVQWSKTTVNVNEEMILSGKVHVFSAWPQAVANP
RVSFLNAGEPGPVLVRTAQFIGEQFAPRSVSLEIGKDYAFSINLRGRRAGRWHVHAQINVEGGGPIIGPGQWIEIKGDMK
DFTDPVTLLDGSTVDLENYGISRIYAWHLPWLAVGAAWILFWFIRKGIIASYVRVAEGRPDDVIGDDDRRIGAIVLALTI
LATIVGYAVTNSTFPRTIPLQAGLQKPLTPIETEGTVGVGKEQVTTELNGGVYKVPGRELTINVKVKNGTSQPVRLGEYT
AAGLRFLNPTVFTQKPDFPDYLLADRGLSNDDVIAPGESKEIVVKIQDARWDIERLSDLAYDTDSQVGGLLFFFTPDGKR
FAAEIGGPVIPKFVAGDMP
;
A,E,I
2 'polypeptide(L)' AAAAAAAAAAAAAAAAAAA D,H
3 'polypeptide(L)'
;MSQSKSGGAVGPFNSVAEAAGCVATTDWMLLVLLFFAVLGGYHVHFMLTAGDWDFWVDWKDRRMWPTVLPILGVTFCAAS
QAFWWVNFRLPFGAVFAVLGLMIGEWINRYVNFWGWTYFPISLVFPSAMIVPAIWLDVILLLSGSYVITAVVGSLGWGLL
FYPNNWPAIAAFHQATEQHGQLMTLADLIGLHFVRTSMPEYIRMVERGTLRTFGKDVVPVAAFFSGFVSMMVYFLWWFMG
RWYSTTKRIEQI
;
J,B,F
4 'polypeptide(L)'
;MSSTTSTAAGAAAEVESVVDLRGMWIGLAVLNVFYLIVRIYEQVFGWRAGLDSFAPEFQTYWMSILWTEIPLELVSGLGL
AGYLWKTRDRNVDAVAPREEMRRLVVLVQWLVVYGIAIYWGASFFTEQDGAWHMTVIRDTDFTPSHIIEFYMSYPIYSVI
AVGAFFYAKTRIPYFAHGYSLAFLIVAIGPFMIIPNVGLNEWGHTFWFMEELFVAPLHWGFVFFGWMALGVFGVVLQILG
RIHALIGKEGVALLTE
;
C,G,K
#
# COMPACT_ATOMS: atom_id res chain seq x y z
N HIS A 29 -22.01 -27.76 -1.78
CA HIS A 29 -20.89 -28.72 -1.58
C HIS A 29 -19.60 -27.98 -1.30
N GLY A 30 -18.66 -28.67 -0.66
CA GLY A 30 -17.36 -28.10 -0.34
C GLY A 30 -17.20 -27.47 1.04
N GLU A 31 -18.29 -27.00 1.64
CA GLU A 31 -18.26 -26.37 2.97
C GLU A 31 -17.63 -27.28 4.06
N LYS A 32 -17.71 -28.57 3.81
CA LYS A 32 -17.12 -29.60 4.60
C LYS A 32 -15.63 -29.38 4.80
N SER A 33 -14.99 -28.67 3.87
CA SER A 33 -13.58 -28.45 3.98
C SER A 33 -13.21 -27.07 4.55
N GLN A 34 -14.20 -26.26 4.91
CA GLN A 34 -13.87 -25.02 5.58
C GLN A 34 -13.66 -25.29 7.06
N GLN A 35 -12.93 -24.41 7.73
CA GLN A 35 -12.60 -24.61 9.13
C GLN A 35 -13.84 -24.61 10.01
N ALA A 36 -13.89 -25.56 10.91
CA ALA A 36 -15.04 -25.80 11.75
C ALA A 36 -15.40 -24.61 12.61
N PHE A 37 -14.41 -24.02 13.27
CA PHE A 37 -14.71 -22.95 14.21
C PHE A 37 -15.29 -21.76 13.46
N LEU A 38 -14.82 -21.51 12.24
CA LEU A 38 -15.37 -20.43 11.45
C LEU A 38 -16.80 -20.74 11.04
N ARG A 39 -17.05 -22.01 10.73
CA ARG A 39 -18.39 -22.41 10.31
C ARG A 39 -19.34 -22.29 11.48
N MET A 40 -18.85 -22.57 12.68
CA MET A 40 -19.69 -22.58 13.87
C MET A 40 -19.94 -21.18 14.48
N ARG A 41 -18.99 -20.26 14.28
CA ARG A 41 -19.02 -19.01 14.99
C ARG A 41 -19.28 -17.79 14.10
N THR A 42 -19.98 -17.97 12.99
CA THR A 42 -20.32 -16.86 12.12
C THR A 42 -21.83 -16.76 11.85
N LEU A 43 -22.39 -17.72 11.09
CA LEU A 43 -23.81 -17.68 10.82
C LEU A 43 -24.48 -18.94 11.35
N ASN A 44 -25.51 -18.76 12.16
CA ASN A 44 -26.20 -19.91 12.75
C ASN A 44 -27.54 -20.04 12.06
N TRP A 45 -27.62 -21.05 11.17
CA TRP A 45 -28.70 -21.17 10.21
C TRP A 45 -29.80 -21.90 10.92
N TYR A 46 -31.05 -21.50 10.68
CA TYR A 46 -32.20 -22.26 11.15
C TYR A 46 -33.50 -21.95 10.39
N ASP A 47 -34.47 -22.87 10.47
CA ASP A 47 -35.75 -22.77 9.75
C ASP A 47 -35.62 -22.73 8.22
N VAL A 48 -34.47 -23.25 7.73
CA VAL A 48 -34.19 -23.30 6.30
C VAL A 48 -35.08 -24.36 5.68
N GLN A 49 -35.87 -23.93 4.71
CA GLN A 49 -36.69 -24.85 3.98
C GLN A 49 -36.66 -24.64 2.48
N TRP A 50 -37.06 -25.67 1.72
CA TRP A 50 -36.98 -25.59 0.27
C TRP A 50 -38.27 -25.64 -0.52
N SER A 51 -39.44 -25.44 0.06
CA SER A 51 -40.68 -25.26 -0.74
C SER A 51 -41.11 -26.33 -1.78
N LYS A 52 -40.25 -26.62 -2.77
CA LYS A 52 -40.38 -27.76 -3.71
C LYS A 52 -39.02 -28.41 -3.87
N THR A 53 -38.97 -29.73 -3.86
CA THR A 53 -37.71 -30.41 -4.18
C THR A 53 -37.73 -30.96 -5.61
N THR A 54 -38.81 -30.66 -6.34
CA THR A 54 -38.93 -31.08 -7.74
C THR A 54 -39.59 -29.99 -8.58
N VAL A 55 -38.92 -29.59 -9.65
CA VAL A 55 -39.44 -28.53 -10.51
C VAL A 55 -39.18 -28.81 -11.98
N ASN A 56 -40.12 -28.41 -12.83
CA ASN A 56 -39.89 -28.41 -14.26
C ASN A 56 -39.08 -27.18 -14.66
N VAL A 57 -38.48 -27.20 -15.83
CA VAL A 57 -37.90 -26.01 -16.40
C VAL A 57 -39.01 -24.95 -16.40
N ASN A 58 -38.68 -23.74 -15.93
CA ASN A 58 -39.62 -22.61 -15.79
C ASN A 58 -40.49 -22.54 -14.52
N GLU A 59 -40.39 -23.53 -13.63
CA GLU A 59 -41.23 -23.60 -12.44
C GLU A 59 -40.46 -23.02 -11.25
N GLU A 60 -41.14 -22.25 -10.39
CA GLU A 60 -40.49 -21.59 -9.21
C GLU A 60 -40.51 -22.44 -7.93
N MET A 61 -39.52 -22.24 -7.08
CA MET A 61 -39.54 -22.70 -5.70
C MET A 61 -38.94 -21.59 -4.84
N ILE A 62 -39.35 -21.51 -3.57
CA ILE A 62 -38.65 -20.61 -2.64
C ILE A 62 -37.69 -21.36 -1.70
N LEU A 63 -36.44 -20.95 -1.67
CA LEU A 63 -35.55 -21.37 -0.61
C LEU A 63 -35.57 -20.26 0.46
N SER A 64 -36.08 -20.57 1.65
CA SER A 64 -36.18 -19.62 2.75
C SER A 64 -35.54 -20.15 4.04
N GLY A 65 -35.25 -19.23 4.94
CA GLY A 65 -34.68 -19.57 6.23
C GLY A 65 -34.45 -18.35 7.11
N LYS A 66 -33.74 -18.58 8.20
CA LYS A 66 -33.37 -17.52 9.13
C LYS A 66 -31.91 -17.69 9.55
N VAL A 67 -31.28 -16.61 9.94
CA VAL A 67 -29.89 -16.66 10.26
C VAL A 67 -29.62 -15.77 11.48
N HIS A 68 -28.89 -16.31 12.45
CA HIS A 68 -28.48 -15.52 13.61
C HIS A 68 -27.00 -15.24 13.46
N VAL A 69 -26.62 -13.97 13.53
CA VAL A 69 -25.22 -13.59 13.44
C VAL A 69 -24.52 -13.74 14.77
N PHE A 70 -23.62 -14.73 14.90
CA PHE A 70 -22.93 -15.06 16.16
C PHE A 70 -22.26 -13.87 16.84
N SER A 71 -22.46 -13.71 18.13
CA SER A 71 -22.04 -12.48 18.79
C SER A 71 -20.54 -12.37 19.02
N ALA A 72 -19.84 -13.51 19.02
CA ALA A 72 -18.40 -13.47 19.14
C ALA A 72 -17.80 -13.68 17.77
N TRP A 73 -18.16 -12.81 16.82
CA TRP A 73 -17.72 -12.95 15.44
C TRP A 73 -16.20 -12.98 15.43
N PRO A 74 -15.62 -13.93 14.69
CA PRO A 74 -14.16 -14.19 14.71
C PRO A 74 -13.34 -13.09 14.02
N GLN A 75 -12.14 -12.86 14.57
CA GLN A 75 -11.22 -11.85 14.02
C GLN A 75 -10.87 -12.10 12.56
N ALA A 76 -10.68 -13.36 12.22
CA ALA A 76 -10.33 -13.76 10.88
C ALA A 76 -11.29 -13.24 9.84
N VAL A 77 -12.54 -13.03 10.19
CA VAL A 77 -13.57 -12.65 9.20
C VAL A 77 -13.96 -11.17 9.32
N ALA A 78 -13.79 -10.40 8.26
CA ALA A 78 -14.19 -8.99 8.33
C ALA A 78 -15.66 -8.81 8.79
N ASN A 79 -16.01 -7.63 9.27
CA ASN A 79 -17.32 -7.37 9.78
C ASN A 79 -18.42 -7.64 8.72
N PRO A 80 -19.50 -8.35 9.12
CA PRO A 80 -20.61 -8.65 8.20
C PRO A 80 -21.45 -7.42 7.86
N ARG A 81 -20.85 -6.27 8.09
CA ARG A 81 -21.39 -4.96 7.76
C ARG A 81 -21.63 -4.88 6.24
N VAL A 82 -20.89 -5.70 5.50
CA VAL A 82 -20.94 -5.72 4.02
C VAL A 82 -21.08 -7.19 3.56
N SER A 83 -22.27 -7.57 3.11
CA SER A 83 -22.57 -8.97 2.91
C SER A 83 -23.50 -9.15 1.75
N PHE A 84 -23.56 -10.38 1.22
CA PHE A 84 -24.41 -10.71 0.09
C PHE A 84 -25.07 -12.08 0.23
N LEU A 85 -26.40 -12.09 0.12
CA LEU A 85 -27.20 -13.32 0.21
C LEU A 85 -27.05 -13.97 -1.14
N ASN A 86 -27.12 -15.29 -1.19
CA ASN A 86 -26.96 -16.04 -2.46
C ASN A 86 -27.54 -17.43 -2.40
N ALA A 87 -27.81 -17.99 -3.59
CA ALA A 87 -28.17 -19.40 -3.78
C ALA A 87 -26.93 -20.16 -4.14
N GLY A 88 -26.42 -20.96 -3.20
CA GLY A 88 -25.26 -21.81 -3.49
C GLY A 88 -25.68 -22.95 -4.41
N GLU A 89 -25.16 -22.96 -5.64
CA GLU A 89 -25.55 -23.91 -6.65
C GLU A 89 -24.50 -24.03 -7.75
N PRO A 90 -24.42 -25.17 -8.46
CA PRO A 90 -23.39 -25.27 -9.49
C PRO A 90 -23.74 -24.46 -10.75
N GLY A 91 -23.58 -23.16 -10.71
CA GLY A 91 -23.90 -22.39 -11.90
C GLY A 91 -25.40 -22.18 -11.96
N PRO A 92 -25.88 -21.54 -13.03
CA PRO A 92 -27.30 -21.20 -13.06
C PRO A 92 -28.19 -22.36 -13.53
N VAL A 93 -28.30 -23.39 -12.69
CA VAL A 93 -29.23 -24.51 -12.93
C VAL A 93 -30.64 -24.07 -12.55
N LEU A 94 -30.73 -23.24 -11.52
CA LEU A 94 -31.93 -22.42 -11.30
C LEU A 94 -31.56 -20.94 -11.42
N VAL A 95 -32.40 -20.19 -12.11
CA VAL A 95 -32.22 -18.75 -12.23
C VAL A 95 -32.86 -18.10 -11.02
N ARG A 96 -32.14 -17.15 -10.40
CA ARG A 96 -32.67 -16.36 -9.26
C ARG A 96 -33.50 -15.18 -9.74
N THR A 97 -34.77 -15.18 -9.36
CA THR A 97 -35.74 -14.22 -9.85
C THR A 97 -35.90 -13.03 -8.90
N ALA A 98 -35.75 -13.29 -7.61
CA ALA A 98 -35.72 -12.30 -6.56
C ALA A 98 -35.10 -12.93 -5.34
N GLN A 99 -34.71 -12.11 -4.38
CA GLN A 99 -34.28 -12.61 -3.09
C GLN A 99 -34.48 -11.48 -2.10
N PHE A 100 -34.61 -11.83 -0.82
CA PHE A 100 -34.93 -10.93 0.27
C PHE A 100 -34.15 -11.32 1.52
N ILE A 101 -33.84 -10.34 2.34
CA ILE A 101 -33.24 -10.54 3.66
C ILE A 101 -33.39 -9.21 4.36
N GLY A 102 -33.66 -9.23 5.67
CA GLY A 102 -33.80 -7.99 6.43
C GLY A 102 -35.27 -7.72 6.44
N GLU A 103 -35.79 -7.33 5.31
CA GLU A 103 -37.24 -7.39 5.00
C GLU A 103 -37.28 -6.67 3.69
N GLN A 104 -36.23 -6.93 2.92
CA GLN A 104 -35.81 -6.08 1.83
C GLN A 104 -35.44 -6.90 0.65
N PHE A 105 -35.92 -6.51 -0.53
CA PHE A 105 -35.40 -7.00 -1.79
C PHE A 105 -33.90 -6.75 -1.72
N ALA A 106 -33.09 -7.74 -2.03
CA ALA A 106 -31.67 -7.56 -1.89
C ALA A 106 -30.86 -8.04 -3.10
N PRO A 107 -30.94 -7.32 -4.24
CA PRO A 107 -30.03 -7.62 -5.35
C PRO A 107 -28.62 -7.07 -5.14
N ARG A 108 -28.46 -6.15 -4.16
CA ARG A 108 -27.14 -5.58 -3.84
C ARG A 108 -26.74 -6.01 -2.46
N SER A 109 -25.58 -5.56 -1.98
CA SER A 109 -25.09 -6.05 -0.68
C SER A 109 -25.79 -5.44 0.53
N VAL A 110 -25.80 -6.19 1.63
CA VAL A 110 -26.55 -5.82 2.83
C VAL A 110 -25.65 -5.82 4.11
N SER A 111 -26.13 -5.20 5.19
CA SER A 111 -25.44 -5.20 6.46
C SER A 111 -26.12 -6.10 7.44
N LEU A 112 -25.36 -7.06 7.96
CA LEU A 112 -25.82 -7.89 9.07
C LEU A 112 -25.20 -7.41 10.35
N GLU A 113 -26.02 -7.16 11.36
CA GLU A 113 -25.54 -6.73 12.67
C GLU A 113 -25.13 -7.87 13.59
N ILE A 114 -23.98 -7.77 14.23
CA ILE A 114 -23.51 -8.83 15.10
C ILE A 114 -24.49 -9.07 16.25
N GLY A 115 -24.90 -10.33 16.45
CA GLY A 115 -25.79 -10.70 17.55
C GLY A 115 -27.26 -10.64 17.22
N LYS A 116 -27.60 -10.30 15.98
CA LYS A 116 -29.01 -10.20 15.54
C LYS A 116 -29.49 -11.31 14.59
N ASP A 117 -30.78 -11.33 14.31
CA ASP A 117 -31.35 -12.42 13.54
C ASP A 117 -32.00 -11.90 12.28
N TYR A 118 -31.81 -12.61 11.18
CA TYR A 118 -32.42 -12.22 9.92
C TYR A 118 -33.19 -13.33 9.20
N ALA A 119 -34.39 -12.98 8.70
CA ALA A 119 -35.17 -13.81 7.80
C ALA A 119 -34.72 -13.54 6.36
N PHE A 120 -34.62 -14.61 5.57
CA PHE A 120 -34.27 -14.47 4.15
C PHE A 120 -35.10 -15.42 3.28
N SER A 121 -35.20 -15.11 2.01
CA SER A 121 -35.78 -16.03 1.06
C SER A 121 -35.31 -15.74 -0.36
N ILE A 122 -35.19 -16.79 -1.16
CA ILE A 122 -34.77 -16.70 -2.55
C ILE A 122 -35.80 -17.38 -3.44
N ASN A 123 -36.18 -16.70 -4.52
CA ASN A 123 -37.06 -17.28 -5.53
C ASN A 123 -36.22 -17.79 -6.68
N LEU A 124 -36.30 -19.09 -6.94
CA LEU A 124 -35.49 -19.75 -7.95
C LEU A 124 -36.39 -20.35 -9.06
N ARG A 125 -35.86 -20.46 -10.28
CA ARG A 125 -36.64 -20.88 -11.45
C ARG A 125 -35.89 -21.91 -12.27
N GLY A 126 -36.51 -23.08 -12.45
CA GLY A 126 -35.87 -24.22 -13.10
C GLY A 126 -35.31 -23.90 -14.46
N ARG A 127 -34.04 -24.22 -14.67
CA ARG A 127 -33.36 -23.91 -15.93
C ARG A 127 -32.71 -25.13 -16.62
N ARG A 128 -31.88 -25.87 -15.89
CA ARG A 128 -31.21 -27.05 -16.41
C ARG A 128 -31.65 -28.35 -15.73
N ALA A 129 -32.14 -29.30 -16.52
CA ALA A 129 -32.55 -30.60 -16.01
C ALA A 129 -31.40 -31.28 -15.27
N GLY A 130 -31.69 -31.91 -14.14
CA GLY A 130 -30.68 -32.65 -13.37
C GLY A 130 -31.10 -32.85 -11.94
N ARG A 131 -30.11 -32.99 -11.07
CA ARG A 131 -30.31 -33.13 -9.64
C ARG A 131 -29.21 -32.34 -9.01
N TRP A 132 -29.56 -31.32 -8.24
CA TRP A 132 -28.63 -30.26 -7.86
C TRP A 132 -28.73 -29.92 -6.39
N HIS A 133 -27.57 -29.73 -5.75
CA HIS A 133 -27.54 -29.41 -4.33
C HIS A 133 -27.54 -27.90 -4.10
N VAL A 134 -28.64 -27.38 -3.62
CA VAL A 134 -28.84 -25.93 -3.57
C VAL A 134 -28.86 -25.45 -2.14
N HIS A 135 -27.92 -24.58 -1.80
CA HIS A 135 -27.75 -24.10 -0.44
C HIS A 135 -28.18 -22.69 -0.25
N ALA A 136 -28.49 -22.35 0.99
CA ALA A 136 -28.50 -20.94 1.38
C ALA A 136 -27.05 -20.58 1.60
N GLN A 137 -26.67 -19.38 1.20
CA GLN A 137 -25.29 -18.94 1.25
C GLN A 137 -25.25 -17.47 1.44
N ILE A 138 -24.40 -17.03 2.35
CA ILE A 138 -24.10 -15.61 2.50
C ILE A 138 -22.59 -15.41 2.44
N ASN A 139 -22.14 -14.39 1.70
CA ASN A 139 -20.73 -14.00 1.61
C ASN A 139 -20.43 -12.69 2.32
N VAL A 140 -19.37 -12.67 3.11
CA VAL A 140 -18.99 -11.48 3.87
C VAL A 140 -17.76 -10.88 3.22
N GLU A 141 -17.61 -9.55 3.25
CA GLU A 141 -16.61 -8.85 2.39
C GLU A 141 -15.15 -9.23 2.53
N GLY A 142 -14.56 -9.03 3.69
CA GLY A 142 -13.21 -9.51 3.83
C GLY A 142 -13.29 -10.91 4.39
N GLY A 143 -14.29 -11.65 3.94
CA GLY A 143 -14.66 -12.87 4.63
C GLY A 143 -14.46 -14.11 3.78
N GLY A 144 -15.29 -14.20 2.74
CA GLY A 144 -15.44 -15.39 1.93
C GLY A 144 -16.86 -15.91 2.01
N PRO A 145 -17.09 -17.11 1.45
CA PRO A 145 -18.40 -17.71 1.48
C PRO A 145 -18.67 -18.45 2.80
N ILE A 146 -19.84 -18.20 3.35
CA ILE A 146 -20.42 -19.02 4.41
C ILE A 146 -21.67 -19.75 3.84
N ILE A 147 -21.63 -21.08 3.91
CA ILE A 147 -22.57 -21.95 3.25
C ILE A 147 -23.59 -22.54 4.24
N GLY A 148 -24.85 -22.20 4.07
CA GLY A 148 -25.93 -22.73 4.89
C GLY A 148 -26.39 -24.08 4.35
N PRO A 149 -27.39 -24.70 5.00
CA PRO A 149 -27.86 -26.02 4.56
C PRO A 149 -28.30 -26.10 3.10
N GLY A 150 -28.18 -27.28 2.49
CA GLY A 150 -28.59 -27.44 1.10
C GLY A 150 -29.46 -28.66 0.92
N GLN A 151 -30.28 -28.65 -0.13
CA GLN A 151 -31.12 -29.79 -0.46
C GLN A 151 -31.05 -30.11 -1.95
N TRP A 152 -31.14 -31.39 -2.27
CA TRP A 152 -31.24 -31.84 -3.65
C TRP A 152 -32.55 -31.44 -4.34
N ILE A 153 -32.43 -30.67 -5.40
CA ILE A 153 -33.55 -30.26 -6.23
C ILE A 153 -33.45 -30.97 -7.58
N GLU A 154 -34.47 -31.76 -7.94
CA GLU A 154 -34.53 -32.36 -9.26
C GLU A 154 -35.20 -31.38 -10.19
N ILE A 155 -34.55 -31.11 -11.33
CA ILE A 155 -35.13 -30.23 -12.32
C ILE A 155 -35.33 -31.08 -13.55
N LYS A 156 -36.55 -31.11 -14.08
CA LYS A 156 -36.82 -31.90 -15.26
C LYS A 156 -37.45 -31.10 -16.39
N GLY A 157 -37.19 -31.52 -17.61
CA GLY A 157 -37.61 -30.75 -18.77
C GLY A 157 -36.44 -30.51 -19.67
N ASP A 158 -36.60 -29.57 -20.58
CA ASP A 158 -35.59 -29.29 -21.61
C ASP A 158 -35.12 -27.82 -21.54
N MET A 159 -33.83 -27.63 -21.31
CA MET A 159 -33.27 -26.28 -21.25
C MET A 159 -33.67 -25.37 -22.43
N LYS A 160 -33.90 -25.97 -23.59
CA LYS A 160 -34.43 -25.26 -24.76
C LYS A 160 -35.75 -24.54 -24.49
N ASP A 161 -36.53 -25.03 -23.52
CA ASP A 161 -37.82 -24.44 -23.18
C ASP A 161 -37.77 -23.30 -22.17
N PHE A 162 -36.61 -23.11 -21.54
CA PHE A 162 -36.43 -22.01 -20.58
C PHE A 162 -36.63 -20.59 -21.14
N THR A 163 -37.39 -19.82 -20.39
CA THR A 163 -37.71 -18.44 -20.66
C THR A 163 -37.50 -17.73 -19.34
N ASP A 164 -37.31 -16.41 -19.39
CA ASP A 164 -37.62 -15.60 -18.21
C ASP A 164 -39.11 -15.34 -17.89
N PRO A 165 -39.68 -14.22 -18.35
CA PRO A 165 -39.05 -13.09 -18.95
C PRO A 165 -39.09 -11.93 -17.98
N VAL A 166 -39.00 -10.72 -18.52
CA VAL A 166 -38.65 -9.55 -17.73
C VAL A 166 -39.28 -8.35 -18.37
N THR A 167 -39.89 -7.51 -17.55
CA THR A 167 -40.55 -6.29 -18.04
C THR A 167 -39.69 -5.02 -17.92
N LEU A 168 -39.49 -4.37 -19.06
CA LEU A 168 -38.84 -3.08 -19.15
C LEU A 168 -39.75 -1.95 -18.66
N LEU A 169 -39.17 -0.81 -18.29
CA LEU A 169 -39.91 0.37 -17.85
C LEU A 169 -40.82 0.88 -18.95
N ASP A 170 -40.29 0.91 -20.17
CA ASP A 170 -41.04 1.37 -21.34
C ASP A 170 -42.21 0.42 -21.68
N GLY A 171 -42.44 -0.58 -20.82
CA GLY A 171 -43.56 -1.52 -20.97
C GLY A 171 -43.33 -2.84 -21.71
N SER A 172 -42.32 -2.92 -22.58
CA SER A 172 -42.06 -4.16 -23.32
C SER A 172 -41.54 -5.29 -22.43
N THR A 173 -41.53 -6.52 -22.96
CA THR A 173 -41.00 -7.69 -22.24
C THR A 173 -39.89 -8.34 -23.06
N VAL A 174 -38.78 -8.65 -22.40
CA VAL A 174 -37.67 -9.31 -23.06
C VAL A 174 -37.50 -10.68 -22.47
N ASP A 175 -36.91 -11.58 -23.23
CA ASP A 175 -36.45 -12.85 -22.68
C ASP A 175 -34.97 -12.75 -22.34
N LEU A 176 -34.66 -12.63 -21.05
CA LEU A 176 -33.26 -12.41 -20.67
C LEU A 176 -32.33 -13.52 -21.12
N GLU A 177 -32.88 -14.70 -21.33
CA GLU A 177 -32.07 -15.81 -21.76
C GLU A 177 -31.39 -15.53 -23.10
N ASN A 178 -32.10 -14.88 -24.03
CA ASN A 178 -31.56 -14.61 -25.37
C ASN A 178 -31.31 -13.11 -25.65
N TYR A 179 -31.96 -12.23 -24.88
CA TYR A 179 -31.90 -10.78 -25.13
C TYR A 179 -30.50 -10.17 -25.31
N GLY A 180 -30.38 -9.34 -26.35
CA GLY A 180 -29.22 -8.52 -26.60
C GLY A 180 -28.06 -9.23 -27.26
N ILE A 181 -28.07 -10.57 -27.22
CA ILE A 181 -26.94 -11.39 -27.68
C ILE A 181 -26.61 -11.28 -29.20
N SER A 182 -27.63 -11.23 -30.06
CA SER A 182 -27.36 -11.10 -31.49
C SER A 182 -26.74 -9.77 -31.80
N ARG A 183 -27.20 -8.77 -31.06
CA ARG A 183 -26.73 -7.42 -31.24
C ARG A 183 -25.25 -7.29 -30.84
N ILE A 184 -24.84 -8.06 -29.82
CA ILE A 184 -23.44 -8.18 -29.46
C ILE A 184 -22.65 -8.79 -30.61
N TYR A 185 -23.09 -9.94 -31.11
CA TYR A 185 -22.41 -10.59 -32.23
C TYR A 185 -22.34 -9.68 -33.45
N ALA A 186 -23.45 -9.01 -33.76
CA ALA A 186 -23.54 -8.14 -34.92
C ALA A 186 -22.50 -7.02 -34.86
N TRP A 187 -22.09 -6.62 -33.67
CA TRP A 187 -21.06 -5.63 -33.55
C TRP A 187 -19.67 -6.29 -33.39
N HIS A 188 -19.55 -7.33 -32.58
CA HIS A 188 -18.26 -7.95 -32.36
C HIS A 188 -17.68 -8.72 -33.56
N LEU A 189 -18.51 -9.48 -34.27
CA LEU A 189 -17.97 -10.33 -35.33
C LEU A 189 -17.43 -9.54 -36.54
N PRO A 190 -18.21 -8.57 -37.08
CA PRO A 190 -17.63 -7.73 -38.15
C PRO A 190 -16.29 -7.09 -37.82
N TRP A 191 -16.13 -6.48 -36.65
CA TRP A 191 -14.81 -5.91 -36.24
C TRP A 191 -13.71 -6.97 -36.12
N LEU A 192 -14.01 -8.11 -35.48
CA LEU A 192 -13.09 -9.25 -35.49
C LEU A 192 -12.67 -9.53 -36.96
N ALA A 193 -13.62 -9.49 -37.89
CA ALA A 193 -13.38 -9.75 -39.33
C ALA A 193 -12.59 -8.64 -40.01
N VAL A 194 -12.93 -7.39 -39.74
CA VAL A 194 -12.17 -6.25 -40.28
C VAL A 194 -10.75 -6.28 -39.74
N GLY A 195 -10.61 -6.63 -38.48
CA GLY A 195 -9.30 -6.88 -37.87
C GLY A 195 -8.46 -7.84 -38.70
N ALA A 196 -8.99 -9.04 -38.94
CA ALA A 196 -8.28 -10.07 -39.73
C ALA A 196 -7.88 -9.60 -41.14
N ALA A 197 -8.82 -8.94 -41.84
CA ALA A 197 -8.58 -8.37 -43.19
C ALA A 197 -7.40 -7.39 -43.22
N TRP A 198 -7.31 -6.53 -42.20
CA TRP A 198 -6.17 -5.64 -42.07
C TRP A 198 -4.84 -6.38 -41.90
N ILE A 199 -4.82 -7.44 -41.12
CA ILE A 199 -3.62 -8.25 -41.01
C ILE A 199 -3.33 -8.89 -42.37
N LEU A 200 -4.30 -9.66 -42.93
CA LEU A 200 -4.02 -10.42 -44.18
C LEU A 200 -3.54 -9.49 -45.27
N PHE A 201 -4.23 -8.36 -45.43
CA PHE A 201 -3.87 -7.37 -46.42
C PHE A 201 -2.37 -7.08 -46.40
N TRP A 202 -1.86 -6.53 -45.31
CA TRP A 202 -0.43 -6.22 -45.20
C TRP A 202 0.47 -7.43 -45.35
N PHE A 203 0.13 -8.53 -44.69
CA PHE A 203 0.91 -9.77 -44.80
C PHE A 203 1.12 -10.12 -46.28
N ILE A 204 0.02 -10.21 -47.04
CA ILE A 204 0.07 -10.61 -48.44
C ILE A 204 0.64 -9.54 -49.41
N ARG A 205 0.27 -8.27 -49.23
CA ARG A 205 0.86 -7.17 -50.01
C ARG A 205 2.24 -6.79 -49.52
N LYS A 206 3.19 -7.69 -49.76
CA LYS A 206 4.60 -7.48 -49.41
C LYS A 206 4.81 -7.89 -47.97
N GLY A 207 5.45 -9.06 -47.80
CA GLY A 207 5.20 -10.00 -46.68
C GLY A 207 6.11 -9.95 -45.48
N ILE A 208 6.35 -11.09 -44.84
CA ILE A 208 7.20 -11.16 -43.63
C ILE A 208 8.69 -11.21 -43.98
N ILE A 209 9.21 -12.37 -44.39
CA ILE A 209 10.64 -12.48 -44.81
C ILE A 209 11.08 -11.39 -45.81
N ALA A 210 10.29 -11.15 -46.86
CA ALA A 210 10.62 -10.12 -47.86
C ALA A 210 10.80 -8.75 -47.19
N SER A 211 10.06 -8.51 -46.11
CA SER A 211 10.12 -7.23 -45.36
C SER A 211 11.23 -7.19 -44.32
N TYR A 212 11.46 -8.33 -43.66
CA TYR A 212 12.58 -8.42 -42.74
C TYR A 212 13.83 -8.04 -43.50
N VAL A 213 14.08 -8.77 -44.59
CA VAL A 213 15.23 -8.54 -45.45
C VAL A 213 15.31 -7.04 -45.82
N ARG A 214 14.25 -6.45 -46.37
CA ARG A 214 14.30 -5.05 -46.84
C ARG A 214 14.77 -4.08 -45.77
N VAL A 215 14.13 -4.13 -44.61
CA VAL A 215 14.51 -3.30 -43.46
C VAL A 215 15.95 -3.54 -43.03
N ALA A 216 16.34 -4.81 -42.95
CA ALA A 216 17.66 -5.21 -42.46
C ALA A 216 18.75 -4.80 -43.42
N GLU A 217 18.42 -4.81 -44.72
CA GLU A 217 19.34 -4.38 -45.79
C GLU A 217 19.38 -2.86 -45.80
N GLY A 218 19.09 -2.26 -46.96
CA GLY A 218 18.99 -0.81 -47.05
C GLY A 218 17.86 -0.33 -46.18
N ARG A 219 17.26 0.78 -46.55
CA ARG A 219 16.10 1.24 -45.82
C ARG A 219 14.85 0.40 -46.17
N PRO A 220 13.79 0.49 -45.35
CA PRO A 220 12.45 0.09 -45.72
C PRO A 220 12.01 0.84 -46.97
N ASP A 221 11.10 1.80 -46.80
CA ASP A 221 10.60 2.68 -47.86
C ASP A 221 10.19 1.94 -49.14
N ASP A 222 10.82 0.80 -49.35
CA ASP A 222 10.41 -0.16 -50.36
C ASP A 222 9.30 -1.01 -49.75
N VAL A 223 9.10 -0.86 -48.44
CA VAL A 223 8.04 -1.54 -47.72
C VAL A 223 6.83 -0.63 -47.60
N ILE A 224 7.08 0.56 -47.05
CA ILE A 224 6.01 1.51 -46.81
C ILE A 224 6.32 2.85 -47.45
N GLY A 225 5.33 3.37 -48.16
CA GLY A 225 5.36 4.74 -48.61
C GLY A 225 3.99 4.91 -49.19
N ASP A 226 3.41 6.10 -49.05
CA ASP A 226 2.17 6.44 -49.76
C ASP A 226 2.38 5.89 -51.15
N ASP A 227 1.45 5.08 -51.68
CA ASP A 227 0.06 4.96 -51.26
C ASP A 227 -0.29 4.03 -50.08
N ASP A 228 0.72 3.42 -49.46
CA ASP A 228 0.50 2.55 -48.30
C ASP A 228 -0.15 3.33 -47.16
N ARG A 229 0.40 4.51 -46.91
CA ARG A 229 -0.18 5.47 -45.99
C ARG A 229 -1.59 5.91 -46.36
N ARG A 230 -1.84 6.13 -47.66
CA ARG A 230 -3.18 6.51 -48.14
C ARG A 230 -4.27 5.50 -47.79
N ILE A 231 -4.02 4.23 -48.11
CA ILE A 231 -4.87 3.13 -47.67
C ILE A 231 -5.20 3.32 -46.18
N GLY A 232 -4.13 3.40 -45.36
CA GLY A 232 -4.25 3.59 -43.93
C GLY A 232 -5.11 4.77 -43.53
N ALA A 233 -4.83 5.93 -44.11
CA ALA A 233 -5.63 7.11 -43.85
C ALA A 233 -7.09 6.88 -44.22
N ILE A 234 -7.32 6.17 -45.33
CA ILE A 234 -8.68 5.86 -45.77
C ILE A 234 -9.30 4.97 -44.70
N VAL A 235 -8.68 3.81 -44.47
CA VAL A 235 -9.18 2.81 -43.50
C VAL A 235 -9.55 3.45 -42.15
N LEU A 236 -8.63 4.23 -41.60
CA LEU A 236 -8.93 4.98 -40.39
C LEU A 236 -10.19 5.83 -40.53
N ALA A 237 -10.33 6.58 -41.63
CA ALA A 237 -11.47 7.49 -41.77
C ALA A 237 -12.81 6.74 -41.84
N LEU A 238 -12.82 5.59 -42.53
CA LEU A 238 -13.99 4.73 -42.54
C LEU A 238 -14.23 4.14 -41.16
N THR A 239 -13.16 3.70 -40.48
CA THR A 239 -13.27 3.19 -39.10
C THR A 239 -14.02 4.17 -38.19
N ILE A 240 -13.49 5.39 -38.07
CA ILE A 240 -14.10 6.44 -37.25
C ILE A 240 -15.56 6.74 -37.64
N LEU A 241 -15.84 6.71 -38.94
CA LEU A 241 -17.18 6.90 -39.45
C LEU A 241 -18.08 5.77 -38.95
N ALA A 242 -17.66 4.53 -39.15
CA ALA A 242 -18.42 3.35 -38.69
C ALA A 242 -18.69 3.41 -37.17
N THR A 243 -17.68 3.88 -36.43
CA THR A 243 -17.81 4.08 -34.98
C THR A 243 -18.83 5.14 -34.64
N ILE A 244 -18.76 6.31 -35.30
CA ILE A 244 -19.75 7.38 -35.12
C ILE A 244 -21.16 6.90 -35.49
N VAL A 245 -21.28 6.21 -36.62
CA VAL A 245 -22.61 5.81 -37.09
C VAL A 245 -23.19 4.83 -36.08
N GLY A 246 -22.42 3.78 -35.77
CA GLY A 246 -22.84 2.79 -34.80
C GLY A 246 -23.24 3.39 -33.48
N TYR A 247 -22.54 4.45 -33.08
CA TYR A 247 -22.84 5.11 -31.84
C TYR A 247 -24.18 5.87 -31.90
N ALA A 248 -24.41 6.58 -33.01
CA ALA A 248 -25.61 7.39 -33.18
C ALA A 248 -26.83 6.50 -33.39
N VAL A 249 -26.62 5.43 -34.16
CA VAL A 249 -27.70 4.47 -34.39
C VAL A 249 -28.14 3.83 -33.05
N THR A 250 -27.16 3.45 -32.21
CA THR A 250 -27.53 2.82 -30.95
C THR A 250 -28.15 3.79 -29.93
N ASN A 251 -27.92 5.09 -30.09
CA ASN A 251 -28.66 6.09 -29.33
C ASN A 251 -30.10 6.31 -29.85
N SER A 252 -30.37 5.89 -31.08
CA SER A 252 -31.71 6.05 -31.65
C SER A 252 -32.64 4.93 -31.22
N THR A 253 -32.18 3.69 -31.29
CA THR A 253 -32.72 2.59 -30.50
C THR A 253 -32.23 3.01 -29.14
N PHE A 254 -32.83 2.56 -28.06
CA PHE A 254 -32.24 2.89 -26.73
C PHE A 254 -31.91 4.37 -26.44
N PRO A 255 -32.89 5.30 -26.52
CA PRO A 255 -32.52 6.70 -26.24
C PRO A 255 -32.53 7.13 -24.78
N ARG A 256 -33.04 6.28 -23.89
CA ARG A 256 -32.98 6.56 -22.46
C ARG A 256 -32.36 5.37 -21.75
N THR A 257 -31.21 5.59 -21.10
CA THR A 257 -30.47 4.52 -20.44
C THR A 257 -30.00 4.95 -19.05
N ILE A 258 -29.78 4.01 -18.16
CA ILE A 258 -29.28 4.34 -16.84
C ILE A 258 -27.94 3.62 -16.55
N PRO A 259 -27.14 4.16 -15.64
CA PRO A 259 -25.92 3.42 -15.24
C PRO A 259 -26.23 2.26 -14.28
N LEU A 260 -25.31 1.28 -14.20
CA LEU A 260 -25.49 0.13 -13.29
C LEU A 260 -25.79 0.61 -11.90
N GLN A 261 -26.80 0.02 -11.28
CA GLN A 261 -27.23 0.42 -9.93
C GLN A 261 -26.43 -0.35 -8.89
N ALA A 262 -25.66 0.36 -8.07
CA ALA A 262 -24.77 -0.30 -7.10
C ALA A 262 -24.62 0.42 -5.78
N GLY A 263 -24.29 -0.36 -4.76
CA GLY A 263 -24.07 0.18 -3.42
C GLY A 263 -24.89 -0.54 -2.37
N LEU A 264 -24.32 -0.58 -1.18
CA LEU A 264 -24.98 -1.08 0.03
C LEU A 264 -26.40 -0.56 0.21
N GLN A 265 -27.27 -1.41 0.72
CA GLN A 265 -28.67 -1.02 0.95
C GLN A 265 -28.87 -0.51 2.37
N LYS A 266 -29.96 0.23 2.58
CA LYS A 266 -30.35 0.70 3.93
C LYS A 266 -30.36 -0.42 4.98
N PRO A 267 -30.04 -0.09 6.23
CA PRO A 267 -30.00 -1.15 7.26
C PRO A 267 -31.21 -2.07 7.25
N LEU A 268 -30.98 -3.32 7.58
CA LEU A 268 -32.01 -4.37 7.51
C LEU A 268 -32.88 -4.42 8.78
N THR A 269 -34.02 -5.09 8.70
CA THR A 269 -34.89 -5.22 9.85
C THR A 269 -34.64 -6.59 10.49
N PRO A 270 -34.19 -6.62 11.74
CA PRO A 270 -34.07 -7.96 12.29
C PRO A 270 -35.43 -8.63 12.69
N ILE A 271 -35.39 -9.93 12.96
CA ILE A 271 -36.55 -10.65 13.48
C ILE A 271 -36.83 -10.18 14.90
N GLU A 272 -38.05 -9.68 15.15
CA GLU A 272 -38.49 -9.18 16.50
C GLU A 272 -39.38 -10.19 17.22
N THR A 273 -39.79 -11.20 16.49
CA THR A 273 -40.70 -12.19 17.01
C THR A 273 -39.81 -13.31 17.51
N GLU A 274 -39.93 -13.77 18.75
CA GLU A 274 -41.02 -13.54 19.66
C GLU A 274 -40.85 -14.38 20.94
N GLY A 275 -39.83 -15.24 21.06
CA GLY A 275 -38.70 -15.41 20.14
C GLY A 275 -37.62 -16.26 20.80
N THR A 276 -36.34 -16.26 20.37
CA THR A 276 -35.64 -15.37 19.40
C THR A 276 -34.54 -14.59 20.14
N VAL A 277 -33.28 -14.89 19.88
CA VAL A 277 -32.18 -14.51 20.77
C VAL A 277 -32.16 -13.03 21.16
N GLY A 278 -32.13 -12.75 22.46
CA GLY A 278 -32.01 -11.39 22.97
C GLY A 278 -33.15 -10.45 22.60
N VAL A 279 -34.37 -10.96 22.57
CA VAL A 279 -35.57 -10.17 22.25
C VAL A 279 -36.72 -10.49 23.21
N GLY A 280 -37.34 -9.44 23.76
CA GLY A 280 -38.55 -9.55 24.57
C GLY A 280 -38.31 -9.83 26.04
N LYS A 281 -39.39 -9.85 26.80
CA LYS A 281 -39.33 -10.10 28.23
C LYS A 281 -38.89 -11.53 28.54
N GLU A 282 -39.32 -12.47 27.69
CA GLU A 282 -39.07 -13.89 27.92
C GLU A 282 -37.85 -14.44 27.14
N GLN A 283 -36.77 -14.73 27.87
CA GLN A 283 -35.48 -15.17 27.29
C GLN A 283 -35.08 -16.53 27.81
N VAL A 284 -34.17 -17.19 27.09
CA VAL A 284 -33.31 -18.21 27.68
C VAL A 284 -31.87 -17.78 27.53
N THR A 285 -31.04 -18.11 28.49
CA THR A 285 -29.65 -17.75 28.48
C THR A 285 -28.79 -18.98 28.67
N THR A 286 -27.67 -19.03 27.96
CA THR A 286 -26.81 -20.20 27.99
C THR A 286 -25.33 -19.84 27.99
N GLU A 287 -24.66 -20.03 29.13
CA GLU A 287 -23.21 -19.85 29.23
C GLU A 287 -22.58 -21.21 29.05
N LEU A 288 -21.50 -21.29 28.29
CA LEU A 288 -20.79 -22.53 28.15
C LEU A 288 -19.71 -22.59 29.22
N ASN A 289 -19.56 -23.75 29.82
CA ASN A 289 -18.68 -23.93 30.95
C ASN A 289 -17.71 -25.09 30.72
N GLY A 290 -17.01 -25.06 29.60
CA GLY A 290 -16.08 -26.14 29.28
C GLY A 290 -16.73 -27.30 28.58
N GLY A 291 -15.98 -27.96 27.72
CA GLY A 291 -16.52 -29.02 26.89
C GLY A 291 -15.39 -29.87 26.39
N VAL A 292 -15.74 -31.08 25.95
CA VAL A 292 -14.77 -32.08 25.50
C VAL A 292 -15.25 -32.76 24.22
N TYR A 293 -14.38 -32.79 23.23
CA TYR A 293 -14.64 -33.50 21.99
C TYR A 293 -13.50 -34.47 21.70
N LYS A 294 -13.90 -35.71 21.44
CA LYS A 294 -12.99 -36.81 21.20
C LYS A 294 -12.40 -36.75 19.81
N VAL A 295 -11.09 -37.01 19.72
CA VAL A 295 -10.37 -36.91 18.47
C VAL A 295 -9.61 -38.20 18.21
N PRO A 296 -10.09 -39.01 17.23
CA PRO A 296 -11.38 -38.87 16.56
C PRO A 296 -12.48 -39.50 17.43
N GLY A 297 -13.76 -39.16 17.25
CA GLY A 297 -14.20 -38.09 16.38
C GLY A 297 -15.69 -38.02 16.18
N ARG A 298 -16.50 -38.48 17.13
CA ARG A 298 -17.97 -38.44 16.96
C ARG A 298 -18.77 -37.70 18.03
N GLU A 299 -18.15 -37.39 19.17
CA GLU A 299 -18.86 -36.87 20.33
C GLU A 299 -18.36 -35.53 20.79
N LEU A 300 -19.28 -34.70 21.25
CA LEU A 300 -18.98 -33.46 21.92
C LEU A 300 -19.80 -33.42 23.21
N THR A 301 -19.14 -33.22 24.35
CA THR A 301 -19.85 -33.13 25.62
C THR A 301 -19.66 -31.74 26.20
N ILE A 302 -20.76 -31.05 26.53
CA ILE A 302 -20.66 -29.68 27.02
C ILE A 302 -21.46 -29.40 28.29
N ASN A 303 -20.90 -28.59 29.18
CA ASN A 303 -21.59 -28.06 30.36
C ASN A 303 -22.19 -26.70 30.09
N VAL A 304 -23.52 -26.61 30.21
CA VAL A 304 -24.23 -25.36 29.93
C VAL A 304 -24.89 -24.78 31.20
N LYS A 305 -24.59 -23.53 31.51
CA LYS A 305 -25.30 -22.85 32.58
C LYS A 305 -26.49 -22.12 32.01
N VAL A 306 -27.68 -22.69 32.22
CA VAL A 306 -28.90 -22.12 31.67
C VAL A 306 -29.62 -21.24 32.69
N LYS A 307 -30.22 -20.16 32.20
CA LYS A 307 -31.08 -19.30 32.98
C LYS A 307 -32.40 -19.08 32.24
N ASN A 308 -33.49 -19.48 32.88
CA ASN A 308 -34.85 -19.35 32.34
C ASN A 308 -35.50 -18.16 33.09
N GLY A 309 -35.41 -16.86 32.75
CA GLY A 309 -35.78 -16.12 31.57
C GLY A 309 -37.29 -16.02 31.34
N THR A 310 -37.91 -17.18 31.14
CA THR A 310 -39.30 -17.24 30.70
C THR A 310 -40.24 -17.58 31.87
N SER A 311 -41.51 -17.77 31.55
CA SER A 311 -42.49 -18.09 32.56
C SER A 311 -43.09 -19.44 32.28
N GLN A 312 -42.31 -20.30 31.63
CA GLN A 312 -42.71 -21.68 31.34
C GLN A 312 -41.55 -22.67 31.49
N PRO A 313 -41.84 -23.87 32.03
CA PRO A 313 -40.82 -24.92 32.05
C PRO A 313 -40.38 -25.26 30.61
N VAL A 314 -39.07 -25.28 30.39
CA VAL A 314 -38.53 -25.52 29.03
C VAL A 314 -37.58 -26.73 29.02
N ARG A 315 -37.66 -27.54 27.98
CA ARG A 315 -36.68 -28.60 27.79
C ARG A 315 -35.80 -28.27 26.59
N LEU A 316 -34.55 -28.69 26.67
CA LEU A 316 -33.65 -28.53 25.54
C LEU A 316 -34.03 -29.49 24.41
N GLY A 317 -34.32 -28.92 23.24
CA GLY A 317 -34.71 -29.70 22.07
C GLY A 317 -33.67 -29.88 20.97
N GLU A 318 -32.76 -28.93 20.83
CA GLU A 318 -31.91 -28.87 19.64
C GLU A 318 -30.61 -28.11 19.88
N TYR A 319 -29.52 -28.64 19.31
CA TYR A 319 -28.29 -27.87 19.03
C TYR A 319 -28.09 -27.76 17.51
N THR A 320 -27.94 -26.53 16.98
CA THR A 320 -27.52 -26.33 15.57
C THR A 320 -26.19 -25.65 15.51
N ALA A 321 -25.34 -26.08 14.60
CA ALA A 321 -23.99 -25.58 14.47
C ALA A 321 -23.76 -24.97 13.10
N ALA A 322 -23.39 -25.78 12.11
CA ALA A 322 -22.91 -25.21 10.86
C ALA A 322 -23.91 -25.56 9.78
N GLY A 323 -25.17 -25.26 10.08
CA GLY A 323 -26.28 -25.83 9.32
C GLY A 323 -26.81 -27.12 9.94
N LEU A 324 -25.92 -27.94 10.52
CA LEU A 324 -26.27 -29.23 11.15
C LEU A 324 -27.30 -29.11 12.27
N ARG A 325 -28.18 -30.08 12.41
CA ARG A 325 -29.16 -30.10 13.50
C ARG A 325 -29.00 -31.39 14.33
N PHE A 326 -28.72 -31.21 15.61
CA PHE A 326 -28.63 -32.30 16.59
C PHE A 326 -29.87 -32.24 17.50
N LEU A 327 -30.83 -33.14 17.26
CA LEU A 327 -32.12 -33.15 17.97
C LEU A 327 -32.16 -34.03 19.18
N ASN A 328 -33.03 -33.70 20.12
CA ASN A 328 -33.27 -34.50 21.30
C ASN A 328 -34.52 -35.31 21.04
N PRO A 329 -34.39 -36.65 20.99
CA PRO A 329 -35.52 -37.49 20.63
C PRO A 329 -36.60 -37.48 21.72
N THR A 330 -36.27 -36.90 22.87
CA THR A 330 -37.25 -36.69 23.91
C THR A 330 -38.18 -35.56 23.50
N VAL A 331 -37.66 -34.54 22.83
CA VAL A 331 -38.48 -33.38 22.45
C VAL A 331 -38.98 -33.51 21.03
N PHE A 332 -38.09 -33.92 20.14
CA PHE A 332 -38.48 -34.21 18.77
C PHE A 332 -38.82 -35.69 18.70
N THR A 333 -40.02 -36.02 19.19
CA THR A 333 -40.48 -37.40 19.24
C THR A 333 -40.48 -38.00 17.85
N GLN A 334 -40.90 -37.22 16.86
CA GLN A 334 -40.66 -37.56 15.44
C GLN A 334 -41.28 -36.56 14.47
N LYS A 335 -40.53 -35.93 13.55
CA LYS A 335 -39.08 -36.03 13.26
C LYS A 335 -38.89 -35.39 11.87
N PRO A 336 -38.28 -34.19 11.83
CA PRO A 336 -38.58 -33.16 10.82
C PRO A 336 -38.14 -33.41 9.39
N ASP A 337 -38.79 -32.70 8.48
CA ASP A 337 -38.37 -32.61 7.07
C ASP A 337 -37.11 -31.74 6.91
N PHE A 338 -35.97 -32.39 6.68
CA PHE A 338 -34.70 -31.70 6.61
C PHE A 338 -33.67 -32.63 5.98
N PRO A 339 -32.82 -32.08 5.10
CA PRO A 339 -31.75 -32.80 4.41
C PRO A 339 -31.05 -33.90 5.20
N ASP A 340 -30.89 -35.06 4.57
CA ASP A 340 -29.92 -36.11 4.99
C ASP A 340 -29.20 -35.87 6.31
N TYR A 341 -28.23 -34.97 6.44
CA TYR A 341 -26.89 -35.10 5.89
C TYR A 341 -25.83 -34.63 6.91
N LEU A 342 -26.11 -33.75 7.89
CA LEU A 342 -27.25 -32.83 8.22
C LEU A 342 -28.28 -32.98 9.39
N LEU A 343 -29.25 -33.88 9.30
CA LEU A 343 -30.20 -34.06 10.40
C LEU A 343 -29.84 -35.19 11.38
N ALA A 344 -29.43 -34.85 12.60
CA ALA A 344 -28.97 -35.88 13.52
C ALA A 344 -29.94 -36.02 14.66
N ASP A 345 -30.46 -37.23 14.81
CA ASP A 345 -31.40 -37.56 15.88
C ASP A 345 -30.80 -38.03 17.22
N ARG A 346 -29.69 -37.40 17.62
CA ARG A 346 -29.06 -37.57 18.92
C ARG A 346 -28.27 -36.33 19.36
N GLY A 347 -28.97 -35.46 20.05
CA GLY A 347 -28.34 -34.45 20.86
C GLY A 347 -28.96 -34.54 22.23
N LEU A 348 -28.91 -35.74 22.82
CA LEU A 348 -29.30 -36.05 24.21
C LEU A 348 -28.42 -35.41 25.29
N SER A 349 -28.93 -35.04 26.48
CA SER A 349 -30.35 -34.96 26.85
C SER A 349 -30.50 -34.50 28.32
N ASN A 350 -30.84 -35.46 29.20
CA ASN A 350 -31.38 -35.26 30.58
C ASN A 350 -32.73 -34.52 30.65
N ASP A 351 -33.80 -35.28 30.81
CA ASP A 351 -35.13 -34.67 30.81
C ASP A 351 -35.58 -34.21 32.18
N ASP A 352 -35.78 -32.90 32.28
CA ASP A 352 -36.07 -32.23 33.54
C ASP A 352 -36.44 -30.82 33.25
N VAL A 353 -37.68 -30.63 32.83
CA VAL A 353 -38.19 -29.31 32.60
C VAL A 353 -37.39 -28.25 33.42
N ILE A 354 -36.58 -27.41 32.79
CA ILE A 354 -35.95 -26.31 33.52
C ILE A 354 -37.05 -25.33 33.88
N ALA A 355 -37.15 -25.01 35.17
CA ALA A 355 -38.30 -24.30 35.73
C ALA A 355 -38.24 -22.80 35.48
N PRO A 356 -39.40 -22.12 35.46
CA PRO A 356 -39.42 -20.67 35.22
C PRO A 356 -38.63 -19.94 36.28
N GLY A 357 -37.80 -19.00 35.87
CA GLY A 357 -36.92 -18.31 36.77
C GLY A 357 -35.74 -19.12 37.28
N GLU A 358 -35.74 -20.42 37.01
CA GLU A 358 -34.67 -21.32 37.49
C GLU A 358 -33.34 -21.05 36.79
N SER A 359 -32.26 -21.50 37.41
CA SER A 359 -30.92 -21.27 36.93
C SER A 359 -30.08 -22.52 37.19
N LYS A 360 -29.84 -23.31 36.15
CA LYS A 360 -29.34 -24.69 36.28
C LYS A 360 -28.16 -24.99 35.33
N GLU A 361 -27.28 -25.92 35.71
CA GLU A 361 -26.18 -26.32 34.85
C GLU A 361 -26.35 -27.75 34.44
N ILE A 362 -26.43 -27.98 33.12
CA ILE A 362 -26.77 -29.28 32.53
C ILE A 362 -25.66 -29.79 31.61
N VAL A 363 -25.44 -31.10 31.64
CA VAL A 363 -24.46 -31.73 30.78
C VAL A 363 -25.15 -32.18 29.49
N VAL A 364 -24.71 -31.66 28.35
CA VAL A 364 -25.27 -31.99 27.04
C VAL A 364 -24.29 -32.88 26.29
N LYS A 365 -24.80 -33.92 25.64
CA LYS A 365 -23.95 -34.85 24.90
C LYS A 365 -24.40 -34.87 23.46
N ILE A 366 -23.55 -34.32 22.61
CA ILE A 366 -23.77 -34.29 21.18
C ILE A 366 -23.03 -35.52 20.68
N GLN A 367 -23.77 -36.47 20.13
CA GLN A 367 -23.17 -37.62 19.50
C GLN A 367 -23.91 -37.97 18.22
N ASP A 368 -23.14 -37.97 17.12
CA ASP A 368 -23.59 -38.46 15.84
C ASP A 368 -22.43 -38.52 14.86
N ALA A 369 -22.56 -39.38 13.86
CA ALA A 369 -21.53 -39.52 12.87
C ALA A 369 -21.38 -38.22 12.11
N ARG A 370 -22.50 -37.54 11.89
CA ARG A 370 -22.52 -36.28 11.14
C ARG A 370 -21.55 -35.20 11.69
N TRP A 371 -21.22 -35.30 12.97
CA TRP A 371 -20.17 -34.47 13.56
C TRP A 371 -18.84 -34.75 12.86
N ASP A 372 -18.48 -36.02 12.72
CA ASP A 372 -17.27 -36.43 11.97
C ASP A 372 -17.39 -36.16 10.46
N ILE A 373 -18.52 -36.55 9.87
CA ILE A 373 -18.69 -36.45 8.43
C ILE A 373 -18.66 -35.03 7.91
N GLU A 374 -19.29 -34.08 8.60
CA GLU A 374 -19.22 -32.67 8.19
C GLU A 374 -17.98 -31.97 8.76
N ARG A 375 -17.10 -32.79 9.33
CA ARG A 375 -15.75 -32.40 9.74
C ARG A 375 -15.72 -31.34 10.82
N LEU A 376 -16.73 -31.33 11.66
CA LEU A 376 -16.68 -30.49 12.83
C LEU A 376 -15.65 -31.06 13.79
N SER A 377 -15.40 -32.36 13.72
CA SER A 377 -14.34 -32.99 14.53
C SER A 377 -12.93 -32.45 14.23
N ASP A 378 -12.74 -31.86 13.05
CA ASP A 378 -11.43 -31.34 12.63
C ASP A 378 -11.11 -29.98 13.29
N LEU A 379 -11.84 -29.72 14.38
CA LEU A 379 -11.66 -28.53 15.18
C LEU A 379 -10.28 -28.49 15.79
N ALA A 380 -9.71 -29.67 16.03
CA ALA A 380 -8.36 -29.80 16.63
C ALA A 380 -7.25 -29.36 15.71
N TYR A 381 -7.55 -29.27 14.41
CA TYR A 381 -6.66 -28.67 13.43
C TYR A 381 -6.75 -27.10 13.34
N ASP A 382 -7.75 -26.47 13.96
CA ASP A 382 -7.93 -25.02 13.84
C ASP A 382 -7.06 -24.21 14.84
N THR A 383 -6.97 -22.90 14.60
CA THR A 383 -6.19 -22.04 15.47
C THR A 383 -7.05 -21.48 16.58
N ASP A 384 -8.31 -21.89 16.61
CA ASP A 384 -9.22 -21.48 17.68
C ASP A 384 -10.13 -22.66 18.00
N SER A 385 -9.77 -23.39 19.06
CA SER A 385 -10.50 -24.58 19.45
C SER A 385 -11.73 -24.21 20.29
N GLN A 386 -12.81 -23.88 19.59
CA GLN A 386 -13.92 -23.20 20.20
C GLN A 386 -15.22 -23.53 19.42
N VAL A 387 -16.30 -23.87 20.13
CA VAL A 387 -17.62 -24.13 19.47
C VAL A 387 -18.50 -22.89 19.41
N GLY A 388 -19.51 -22.93 18.56
CA GLY A 388 -20.50 -21.87 18.48
C GLY A 388 -21.78 -22.53 18.05
N GLY A 389 -22.86 -21.74 17.94
CA GLY A 389 -24.18 -22.19 17.47
C GLY A 389 -25.32 -21.80 18.39
N LEU A 390 -26.55 -22.28 18.09
CA LEU A 390 -27.77 -22.01 18.90
C LEU A 390 -28.34 -23.24 19.56
N LEU A 391 -28.88 -23.05 20.76
CA LEU A 391 -29.63 -24.10 21.47
C LEU A 391 -31.10 -23.75 21.44
N PHE A 392 -31.96 -24.70 21.11
CA PHE A 392 -33.39 -24.42 21.13
C PHE A 392 -34.10 -25.10 22.29
N PHE A 393 -34.79 -24.29 23.09
CA PHE A 393 -35.54 -24.75 24.26
C PHE A 393 -37.03 -24.70 24.00
N PHE A 394 -37.75 -25.75 24.38
CA PHE A 394 -39.17 -25.84 24.11
C PHE A 394 -40.04 -25.91 25.37
N THR A 395 -41.16 -25.20 25.30
CA THR A 395 -42.22 -25.24 26.29
C THR A 395 -43.05 -26.54 26.12
N PRO A 396 -43.91 -26.88 27.11
CA PRO A 396 -44.81 -28.03 26.95
C PRO A 396 -45.81 -27.87 25.80
N ASP A 397 -46.24 -26.63 25.53
CA ASP A 397 -46.99 -26.33 24.30
C ASP A 397 -46.01 -26.11 23.14
N GLY A 398 -46.38 -25.31 22.15
CA GLY A 398 -45.48 -25.06 21.02
C GLY A 398 -44.12 -24.37 21.29
N LYS A 399 -44.19 -23.14 21.82
CA LYS A 399 -43.09 -22.17 21.83
C LYS A 399 -41.64 -22.65 21.94
N ARG A 400 -40.84 -22.19 20.97
CA ARG A 400 -39.41 -22.35 20.94
C ARG A 400 -38.74 -21.07 21.44
N PHE A 401 -37.80 -21.22 22.38
CA PHE A 401 -37.00 -20.09 22.86
C PHE A 401 -35.54 -20.44 22.57
N ALA A 402 -34.82 -19.51 21.93
CA ALA A 402 -33.43 -19.71 21.46
C ALA A 402 -32.38 -18.97 22.27
N ALA A 403 -31.29 -19.67 22.59
CA ALA A 403 -30.09 -19.11 23.21
C ALA A 403 -28.85 -19.39 22.36
N GLU A 404 -27.90 -18.47 22.34
CA GLU A 404 -26.61 -18.68 21.69
C GLU A 404 -25.68 -19.44 22.62
N ILE A 405 -25.03 -20.47 22.13
CA ILE A 405 -23.98 -21.13 22.88
C ILE A 405 -22.68 -20.96 22.12
N GLY A 406 -21.59 -20.89 22.87
CA GLY A 406 -20.27 -20.82 22.28
C GLY A 406 -19.19 -20.72 23.33
N GLY A 407 -17.97 -21.10 22.96
CA GLY A 407 -16.79 -20.95 23.81
C GLY A 407 -15.78 -22.08 23.69
N PRO A 408 -14.70 -22.01 24.49
CA PRO A 408 -13.60 -22.96 24.46
C PRO A 408 -14.05 -24.39 24.65
N VAL A 409 -13.51 -25.30 23.85
CA VAL A 409 -13.72 -26.74 24.12
C VAL A 409 -12.39 -27.46 23.94
N ILE A 410 -12.17 -28.52 24.72
CA ILE A 410 -10.86 -29.16 24.73
C ILE A 410 -10.94 -30.51 23.99
N PRO A 411 -9.91 -30.86 23.18
CA PRO A 411 -9.92 -32.16 22.52
C PRO A 411 -9.45 -33.25 23.46
N LYS A 412 -10.04 -34.43 23.35
CA LYS A 412 -9.53 -35.57 24.07
C LYS A 412 -9.07 -36.55 23.01
N PHE A 413 -7.76 -36.86 23.02
CA PHE A 413 -7.17 -37.69 21.95
C PHE A 413 -7.37 -39.21 22.09
N VAL A 414 -7.66 -39.84 20.95
CA VAL A 414 -8.19 -41.22 20.79
C VAL A 414 -9.24 -41.59 21.83
N ALA B 1 -12.15 -42.50 -18.36
CA ALA B 1 -11.91 -43.25 -17.11
C ALA B 1 -10.38 -43.31 -16.87
N ALA B 2 -9.69 -43.87 -17.85
CA ALA B 2 -8.25 -43.87 -17.90
C ALA B 2 -7.81 -43.42 -19.32
N ALA B 3 -8.58 -42.50 -19.92
CA ALA B 3 -8.07 -41.59 -20.98
C ALA B 3 -7.06 -40.54 -20.38
N ALA B 4 -6.69 -40.80 -19.11
CA ALA B 4 -5.48 -40.30 -18.46
C ALA B 4 -4.27 -40.78 -19.23
N ALA B 5 -3.67 -41.86 -18.75
CA ALA B 5 -2.66 -42.58 -19.53
C ALA B 5 -3.37 -43.39 -20.63
N ALA B 6 -3.98 -42.68 -21.57
CA ALA B 6 -4.51 -43.35 -22.74
C ALA B 6 -4.19 -42.49 -23.94
N ALA B 7 -5.04 -41.50 -24.15
CA ALA B 7 -4.85 -40.55 -25.21
C ALA B 7 -3.54 -39.78 -24.98
N ALA B 8 -3.10 -39.66 -23.73
CA ALA B 8 -1.82 -38.99 -23.47
C ALA B 8 -0.64 -39.91 -23.75
N ALA B 9 -0.63 -41.15 -23.24
CA ALA B 9 0.42 -42.14 -23.60
C ALA B 9 0.47 -42.38 -25.11
N ALA B 10 -0.73 -42.49 -25.73
CA ALA B 10 -0.86 -42.61 -27.19
C ALA B 10 -0.47 -41.37 -28.01
N ALA B 11 -0.73 -40.17 -27.49
CA ALA B 11 -0.22 -38.93 -28.11
C ALA B 11 1.31 -38.82 -28.01
N ALA B 12 1.88 -39.20 -26.87
CA ALA B 12 3.34 -39.20 -26.75
C ALA B 12 3.99 -40.24 -27.65
N ALA B 13 3.38 -41.41 -27.83
CA ALA B 13 4.01 -42.51 -28.60
C ALA B 13 3.86 -42.41 -30.11
N ALA B 14 2.71 -42.00 -30.62
CA ALA B 14 2.61 -41.79 -32.09
C ALA B 14 3.67 -40.74 -32.55
N ALA B 15 4.10 -39.90 -31.60
CA ALA B 15 5.16 -38.90 -31.83
C ALA B 15 6.56 -39.52 -31.86
N ALA B 16 6.92 -40.25 -30.81
CA ALA B 16 8.23 -40.91 -30.72
C ALA B 16 8.49 -41.92 -31.87
N ALA B 17 7.47 -42.69 -32.25
CA ALA B 17 7.49 -43.49 -33.50
C ALA B 17 7.05 -42.63 -34.73
N ALA B 18 7.79 -41.54 -34.93
CA ALA B 18 7.77 -40.64 -36.10
C ALA B 18 9.03 -39.75 -35.87
N ALA B 19 10.17 -40.46 -35.75
CA ALA B 19 11.54 -39.94 -35.50
C ALA B 19 12.54 -40.63 -36.44
N ALA C 1 33.03 2.55 36.90
CA ALA C 1 33.00 4.04 36.93
C ALA C 1 32.90 4.58 35.51
N ALA C 2 33.97 5.25 35.04
CA ALA C 2 34.16 5.61 33.63
C ALA C 2 34.96 4.51 32.87
N ALA C 3 34.64 3.23 33.20
CA ALA C 3 35.33 2.03 32.69
C ALA C 3 35.39 1.92 31.15
N ALA C 4 34.21 1.86 30.50
CA ALA C 4 34.06 1.77 29.02
C ALA C 4 34.67 2.97 28.25
N ALA C 5 34.39 4.17 28.73
CA ALA C 5 34.96 5.40 28.15
C ALA C 5 36.51 5.50 28.29
N ALA C 6 37.04 5.19 29.49
CA ALA C 6 38.51 5.13 29.73
C ALA C 6 39.22 4.03 28.93
N ALA C 7 38.61 2.84 28.87
CA ALA C 7 39.18 1.69 28.15
C ALA C 7 39.11 1.79 26.62
N ALA C 8 38.14 2.56 26.10
CA ALA C 8 38.05 2.83 24.67
C ALA C 8 39.26 3.65 24.24
N ALA C 9 39.50 4.77 24.94
CA ALA C 9 40.68 5.62 24.72
C ALA C 9 41.97 4.80 24.82
N ALA C 10 41.96 3.82 25.74
CA ALA C 10 43.06 2.88 25.88
C ALA C 10 43.34 2.14 24.56
N ALA C 11 42.28 1.62 23.90
CA ALA C 11 42.41 0.89 22.63
C ALA C 11 42.98 1.69 21.42
N ALA C 12 42.42 2.87 21.12
CA ALA C 12 42.92 3.76 20.04
C ALA C 12 44.39 4.19 20.24
N ALA C 13 44.64 4.92 21.34
CA ALA C 13 46.00 5.31 21.76
C ALA C 13 46.97 4.10 21.88
N ALA C 14 46.62 3.08 22.67
CA ALA C 14 47.46 1.89 22.85
C ALA C 14 47.42 0.90 21.68
N ALA C 15 47.55 1.45 20.46
CA ALA C 15 47.65 0.66 19.21
C ALA C 15 49.14 0.50 18.74
N ALA C 16 49.90 -0.29 19.52
CA ALA C 16 51.37 -0.47 19.37
C ALA C 16 51.73 -1.33 18.17
N GLY D 11 37.81 35.00 -34.03
CA GLY D 11 37.02 33.74 -34.12
C GLY D 11 36.21 33.63 -35.41
N PRO D 12 34.91 33.23 -35.30
CA PRO D 12 33.90 33.62 -36.29
C PRO D 12 33.40 35.04 -35.95
N PHE D 13 34.24 35.78 -35.22
CA PHE D 13 33.95 37.15 -34.80
C PHE D 13 34.82 38.15 -35.56
N ASN D 14 34.22 39.30 -35.86
CA ASN D 14 34.89 40.41 -36.55
C ASN D 14 36.01 41.12 -35.76
N SER D 15 35.98 41.03 -34.43
CA SER D 15 37.04 41.61 -33.57
C SER D 15 37.15 40.87 -32.22
N VAL D 16 37.86 41.45 -31.25
CA VAL D 16 37.89 40.88 -29.90
C VAL D 16 36.71 41.43 -29.11
N ALA D 17 36.40 42.69 -29.38
CA ALA D 17 35.20 43.37 -28.84
C ALA D 17 33.89 42.62 -29.14
N GLU D 18 33.70 42.17 -30.38
CA GLU D 18 32.51 41.36 -30.70
C GLU D 18 32.54 39.99 -30.01
N ALA D 19 33.73 39.43 -29.83
CA ALA D 19 33.90 38.17 -29.12
C ALA D 19 33.49 38.29 -27.63
N ALA D 20 33.96 39.35 -26.98
CA ALA D 20 33.69 39.54 -25.57
C ALA D 20 32.24 39.93 -25.33
N GLY D 21 31.68 40.73 -26.22
CA GLY D 21 30.31 41.21 -26.12
C GLY D 21 29.33 40.08 -26.30
N CYS D 22 29.66 39.15 -27.18
CA CYS D 22 28.84 37.96 -27.37
C CYS D 22 28.89 37.05 -26.13
N VAL D 23 30.10 36.79 -25.60
CA VAL D 23 30.26 35.89 -24.45
C VAL D 23 29.45 36.40 -23.26
N ALA D 24 29.62 37.68 -22.91
CA ALA D 24 28.91 38.26 -21.78
C ALA D 24 27.39 38.24 -21.95
N THR D 25 26.89 38.45 -23.17
CA THR D 25 25.43 38.45 -23.34
C THR D 25 24.80 37.08 -23.58
N THR D 26 25.57 36.11 -24.07
CA THR D 26 25.05 34.74 -24.07
C THR D 26 25.06 34.19 -22.63
N ASP D 27 26.08 34.57 -21.86
CA ASP D 27 26.14 34.27 -20.42
C ASP D 27 24.86 34.72 -19.63
N TRP D 28 24.44 35.97 -19.82
CA TRP D 28 23.18 36.41 -19.25
C TRP D 28 21.99 35.56 -19.70
N MET D 29 21.75 35.47 -21.00
CA MET D 29 20.62 34.72 -21.53
C MET D 29 20.52 33.30 -20.98
N LEU D 30 21.69 32.63 -20.90
CA LEU D 30 21.76 31.28 -20.38
C LEU D 30 21.37 31.18 -18.90
N LEU D 31 21.90 32.09 -18.08
CA LEU D 31 21.56 32.16 -16.64
C LEU D 31 20.07 32.35 -16.44
N VAL D 32 19.50 33.33 -17.14
CA VAL D 32 18.06 33.60 -17.11
C VAL D 32 17.20 32.44 -17.66
N LEU D 33 17.57 31.85 -18.78
CA LEU D 33 16.78 30.72 -19.27
C LEU D 33 16.89 29.52 -18.32
N LEU D 34 18.07 29.28 -17.76
CA LEU D 34 18.25 28.15 -16.84
C LEU D 34 17.50 28.39 -15.55
N PHE D 35 17.55 29.62 -15.05
CA PHE D 35 16.88 29.94 -13.82
C PHE D 35 15.38 29.70 -13.94
N PHE D 36 14.74 30.21 -14.99
CA PHE D 36 13.29 29.96 -15.14
C PHE D 36 12.91 28.55 -15.59
N ALA D 37 13.85 27.83 -16.22
CA ALA D 37 13.63 26.42 -16.59
C ALA D 37 13.56 25.56 -15.37
N VAL D 38 14.47 25.80 -14.44
CA VAL D 38 14.54 24.99 -13.25
C VAL D 38 13.40 25.33 -12.28
N LEU D 39 13.10 26.62 -12.16
CA LEU D 39 11.95 27.13 -11.41
C LEU D 39 10.69 26.40 -11.79
N GLY D 40 10.42 26.24 -13.07
CA GLY D 40 9.24 25.52 -13.50
C GLY D 40 9.30 24.07 -13.02
N GLY D 41 10.25 23.31 -13.51
CA GLY D 41 10.42 21.92 -13.03
C GLY D 41 10.28 21.75 -11.52
N TYR D 42 11.21 22.32 -10.78
CA TYR D 42 11.15 22.35 -9.31
C TYR D 42 9.81 22.70 -8.71
N HIS D 43 9.17 23.76 -9.19
CA HIS D 43 7.95 24.27 -8.55
C HIS D 43 6.80 23.32 -8.75
N VAL D 44 6.62 22.80 -9.95
CA VAL D 44 5.51 21.90 -10.19
C VAL D 44 5.66 20.67 -9.34
N HIS D 45 6.87 20.11 -9.39
CA HIS D 45 7.18 18.90 -8.63
C HIS D 45 6.87 19.12 -7.18
N PHE D 46 7.49 20.14 -6.58
CA PHE D 46 7.36 20.48 -5.14
C PHE D 46 5.90 20.74 -4.80
N MET D 47 5.28 21.69 -5.47
CA MET D 47 3.85 21.98 -5.33
C MET D 47 2.94 20.74 -5.25
N LEU D 48 3.10 19.83 -6.20
CA LEU D 48 2.42 18.54 -6.18
C LEU D 48 2.77 17.59 -5.02
N THR D 49 3.97 17.68 -4.45
CA THR D 49 4.33 16.79 -3.34
C THR D 49 4.32 17.49 -1.96
N ALA D 50 5.36 18.31 -1.70
CA ALA D 50 5.48 19.11 -0.47
C ALA D 50 4.41 20.17 -0.30
N GLY D 51 3.53 20.30 -1.30
CA GLY D 51 2.12 20.68 -1.04
C GLY D 51 1.95 22.03 -0.42
N ASP D 52 0.90 22.31 0.34
CA ASP D 52 0.10 21.49 1.25
C ASP D 52 0.73 21.75 2.61
N TRP D 53 1.94 21.26 2.83
CA TRP D 53 2.67 21.75 3.98
C TRP D 53 3.31 23.09 3.74
N ASP D 54 3.65 23.41 2.49
CA ASP D 54 4.26 24.72 2.22
C ASP D 54 3.13 25.76 2.14
N PHE D 55 1.98 25.38 1.57
CA PHE D 55 0.91 26.38 1.36
C PHE D 55 0.44 27.12 2.62
N TRP D 56 0.41 26.41 3.77
CA TRP D 56 -0.45 26.81 4.91
C TRP D 56 0.24 26.81 6.26
N VAL D 57 0.15 27.95 6.94
CA VAL D 57 0.79 28.11 8.25
C VAL D 57 0.43 27.01 9.26
N ASP D 58 -0.83 26.61 9.30
CA ASP D 58 -1.27 25.62 10.27
C ASP D 58 -1.07 24.18 9.79
N TRP D 59 -0.24 24.00 8.77
CA TRP D 59 0.28 22.69 8.43
C TRP D 59 1.73 22.54 8.83
N LYS D 60 2.35 23.58 9.38
CA LYS D 60 3.81 23.56 9.63
C LYS D 60 4.10 23.08 11.05
N ASP D 61 3.88 21.80 11.30
CA ASP D 61 3.99 21.18 12.60
C ASP D 61 5.42 20.75 12.98
N ARG D 62 5.58 19.94 14.02
CA ARG D 62 6.93 19.58 14.44
C ARG D 62 7.46 18.32 13.80
N ARG D 63 6.62 17.60 13.05
CA ARG D 63 6.99 16.27 12.61
C ARG D 63 6.89 16.08 11.12
N MET D 64 5.71 16.40 10.56
CA MET D 64 5.48 16.16 9.13
C MET D 64 6.28 17.11 8.28
N TRP D 65 5.96 18.37 8.40
CA TRP D 65 6.56 19.42 7.62
C TRP D 65 8.11 19.33 7.60
N PRO D 66 8.77 19.33 8.77
CA PRO D 66 10.24 19.30 8.79
C PRO D 66 10.85 17.98 8.39
N THR D 67 9.97 17.07 7.98
CA THR D 67 10.29 15.77 7.36
C THR D 67 10.02 15.76 5.83
N VAL D 68 8.78 16.00 5.41
CA VAL D 68 8.49 15.89 3.97
C VAL D 68 9.20 16.92 3.14
N LEU D 69 9.38 18.10 3.70
CA LEU D 69 9.95 19.23 2.98
C LEU D 69 11.42 19.08 2.61
N PRO D 70 12.33 18.95 3.60
CA PRO D 70 13.74 18.75 3.24
C PRO D 70 13.96 17.61 2.24
N ILE D 71 13.23 16.51 2.43
CA ILE D 71 13.29 15.34 1.56
C ILE D 71 12.75 15.61 0.13
N LEU D 72 11.62 16.27 0.01
CA LEU D 72 11.15 16.52 -1.37
C LEU D 72 11.84 17.67 -2.03
N GLY D 73 12.49 18.50 -1.21
CA GLY D 73 13.08 19.76 -1.62
C GLY D 73 14.49 19.58 -2.08
N VAL D 74 15.18 18.52 -1.60
CA VAL D 74 16.59 18.32 -1.90
C VAL D 74 16.71 17.86 -3.33
N THR D 75 15.63 17.25 -3.86
CA THR D 75 15.59 16.65 -5.20
C THR D 75 16.26 17.51 -6.28
N PHE D 76 15.69 18.67 -6.58
CA PHE D 76 16.20 19.60 -7.61
C PHE D 76 17.49 20.39 -7.24
N CYS D 77 17.81 20.44 -5.96
CA CYS D 77 19.06 21.01 -5.54
C CYS D 77 20.20 20.09 -6.00
N ALA D 78 20.03 18.79 -5.76
CA ALA D 78 21.01 17.80 -6.15
C ALA D 78 21.18 17.75 -7.67
N ALA D 79 20.05 17.81 -8.42
CA ALA D 79 20.10 17.73 -9.86
C ALA D 79 20.77 18.95 -10.40
N SER D 80 20.45 20.10 -9.79
CA SER D 80 21.06 21.38 -10.18
C SER D 80 22.53 21.42 -9.82
N GLN D 81 22.93 20.93 -8.66
CA GLN D 81 24.37 20.81 -8.37
C GLN D 81 25.08 19.94 -9.42
N ALA D 82 24.46 18.82 -9.80
CA ALA D 82 25.00 17.87 -10.80
C ALA D 82 25.28 18.56 -12.15
N PHE D 83 24.37 19.41 -12.56
CA PHE D 83 24.56 20.15 -13.75
C PHE D 83 25.65 21.21 -13.53
N TRP D 84 25.51 22.06 -12.54
CA TRP D 84 26.42 23.18 -12.43
C TRP D 84 27.84 22.80 -12.00
N TRP D 85 27.97 21.87 -11.05
CA TRP D 85 29.30 21.49 -10.62
C TRP D 85 30.07 20.68 -11.65
N VAL D 86 29.45 19.61 -12.18
CA VAL D 86 30.17 18.71 -13.10
C VAL D 86 30.69 19.46 -14.34
N ASN D 87 29.85 20.34 -14.90
CA ASN D 87 30.18 20.96 -16.17
C ASN D 87 30.84 22.35 -16.10
N PHE D 88 30.73 23.05 -14.98
CA PHE D 88 31.29 24.41 -14.89
C PHE D 88 32.13 24.68 -13.65
N ARG D 89 32.10 23.78 -12.67
CA ARG D 89 32.64 24.07 -11.33
C ARG D 89 32.09 25.33 -10.68
N LEU D 90 30.82 25.64 -10.96
CA LEU D 90 30.13 26.76 -10.34
C LEU D 90 29.38 26.24 -9.08
N PRO D 91 29.65 26.84 -7.91
CA PRO D 91 29.21 26.26 -6.65
C PRO D 91 27.86 26.88 -6.17
N PHE D 92 26.90 26.97 -7.09
CA PHE D 92 25.62 27.51 -6.71
C PHE D 92 24.41 26.70 -7.19
N GLY D 93 24.58 25.41 -7.43
CA GLY D 93 23.47 24.58 -7.88
C GLY D 93 22.28 24.55 -6.92
N ALA D 94 22.57 24.31 -5.63
CA ALA D 94 21.52 24.25 -4.61
C ALA D 94 20.76 25.58 -4.55
N VAL D 95 21.49 26.67 -4.31
CA VAL D 95 20.92 27.97 -4.06
C VAL D 95 20.19 28.45 -5.32
N PHE D 96 20.76 28.12 -6.47
CA PHE D 96 20.14 28.40 -7.76
C PHE D 96 18.72 27.85 -7.77
N ALA D 97 18.59 26.59 -7.42
CA ALA D 97 17.32 25.91 -7.49
C ALA D 97 16.34 26.39 -6.42
N VAL D 98 16.83 26.38 -5.19
CA VAL D 98 16.11 26.84 -4.03
C VAL D 98 15.55 28.23 -4.14
N LEU D 99 16.36 29.19 -4.64
CA LEU D 99 15.95 30.61 -4.74
C LEU D 99 14.82 30.77 -5.75
N GLY D 100 15.02 30.10 -6.88
CA GLY D 100 14.00 29.87 -7.89
C GLY D 100 12.68 29.45 -7.29
N LEU D 101 12.66 28.33 -6.57
CA LEU D 101 11.48 27.91 -5.78
C LEU D 101 10.89 29.03 -4.93
N MET D 102 11.67 29.56 -3.99
CA MET D 102 11.30 30.76 -3.23
C MET D 102 10.64 31.86 -4.02
N ILE D 103 11.27 32.29 -5.10
CA ILE D 103 10.75 33.37 -5.92
C ILE D 103 9.42 32.97 -6.54
N GLY D 104 9.39 31.79 -7.15
CA GLY D 104 8.20 31.28 -7.78
C GLY D 104 7.05 31.23 -6.79
N GLU D 105 7.35 30.76 -5.57
CA GLU D 105 6.38 30.64 -4.46
C GLU D 105 5.90 32.01 -3.95
N TRP D 106 6.83 32.78 -3.39
CA TRP D 106 6.56 34.16 -2.97
C TRP D 106 5.76 35.02 -3.98
N ILE D 107 6.19 35.06 -5.22
CA ILE D 107 5.46 35.84 -6.20
C ILE D 107 4.00 35.40 -6.17
N ASN D 108 3.79 34.08 -6.12
CA ASN D 108 2.45 33.59 -6.20
C ASN D 108 1.65 33.91 -4.93
N ARG D 109 2.26 33.74 -3.77
CA ARG D 109 1.51 33.87 -2.52
C ARG D 109 1.03 35.31 -2.45
N TYR D 110 1.94 36.23 -2.75
CA TYR D 110 1.63 37.64 -2.76
C TYR D 110 0.61 38.00 -3.87
N VAL D 111 0.94 37.70 -5.13
CA VAL D 111 0.16 38.19 -6.23
C VAL D 111 -1.20 37.47 -6.30
N ASN D 112 -1.26 36.22 -5.85
CA ASN D 112 -2.50 35.44 -5.97
C ASN D 112 -3.19 35.02 -4.70
N PHE D 113 -2.50 34.25 -3.85
CA PHE D 113 -3.12 33.77 -2.63
C PHE D 113 -3.71 34.99 -1.97
N TRP D 114 -2.90 36.04 -1.91
CA TRP D 114 -3.28 37.28 -1.25
C TRP D 114 -3.95 38.24 -2.25
N GLY D 115 -3.21 38.70 -3.26
CA GLY D 115 -3.73 39.57 -4.30
C GLY D 115 -5.03 39.20 -5.02
N TRP D 116 -5.29 37.90 -5.19
CA TRP D 116 -6.47 37.42 -5.89
C TRP D 116 -7.52 36.99 -4.92
N THR D 117 -7.10 36.29 -3.85
CA THR D 117 -8.06 35.62 -2.99
C THR D 117 -8.11 36.17 -1.56
N TYR D 118 -7.36 37.24 -1.32
CA TYR D 118 -7.33 37.87 0.00
C TYR D 118 -6.96 37.02 1.26
N PHE D 119 -6.23 35.92 1.08
CA PHE D 119 -5.60 35.23 2.23
C PHE D 119 -4.39 35.96 2.72
N PRO D 120 -4.40 36.42 3.94
CA PRO D 120 -3.23 37.08 4.54
C PRO D 120 -1.87 36.27 4.52
N ILE D 121 -0.79 36.97 4.30
CA ILE D 121 0.45 36.33 4.06
C ILE D 121 0.94 35.46 5.27
N SER D 122 0.64 35.90 6.48
CA SER D 122 0.77 35.00 7.63
C SER D 122 0.14 33.61 7.47
N LEU D 123 -0.85 33.45 6.62
CA LEU D 123 -1.48 32.16 6.38
C LEU D 123 -0.79 31.34 5.30
N VAL D 124 -0.03 31.99 4.39
CA VAL D 124 0.40 31.33 3.13
C VAL D 124 1.88 31.50 2.81
N PHE D 125 2.65 32.00 3.74
CA PHE D 125 4.10 32.12 3.50
C PHE D 125 4.84 30.78 3.37
N PRO D 126 5.82 30.69 2.47
CA PRO D 126 6.53 29.46 2.15
C PRO D 126 7.61 29.04 3.16
N SER D 127 8.06 27.80 3.00
CA SER D 127 9.09 27.28 3.85
C SER D 127 10.45 27.97 3.61
N ALA D 128 11.21 28.21 4.66
CA ALA D 128 12.47 28.90 4.42
C ALA D 128 13.59 27.88 4.09
N MET D 129 14.17 28.04 2.90
CA MET D 129 15.16 27.05 2.40
C MET D 129 16.54 27.50 2.00
N ILE D 130 16.73 28.81 1.75
CA ILE D 130 18.05 29.35 1.38
C ILE D 130 19.20 28.88 2.30
N VAL D 131 19.03 28.95 3.61
CA VAL D 131 20.09 28.50 4.51
C VAL D 131 20.60 27.07 4.28
N PRO D 132 19.71 26.04 4.30
CA PRO D 132 20.20 24.71 4.01
C PRO D 132 20.77 24.59 2.60
N ALA D 133 20.11 25.17 1.62
CA ALA D 133 20.66 25.30 0.28
C ALA D 133 22.11 25.81 0.22
N ILE D 134 22.47 26.77 1.07
CA ILE D 134 23.84 27.28 1.18
C ILE D 134 24.76 26.21 1.73
N TRP D 135 24.41 25.62 2.88
CA TRP D 135 25.15 24.52 3.46
C TRP D 135 25.48 23.51 2.39
N LEU D 136 24.47 23.23 1.55
CA LEU D 136 24.60 22.17 0.55
C LEU D 136 25.65 22.53 -0.49
N ASP D 137 25.51 23.74 -1.04
CA ASP D 137 26.46 24.30 -1.99
C ASP D 137 27.91 24.41 -1.52
N VAL D 138 28.15 24.81 -0.27
CA VAL D 138 29.54 25.02 0.13
C VAL D 138 30.22 23.73 0.62
N ILE D 139 29.43 22.73 1.01
CA ILE D 139 29.99 21.43 1.33
C ILE D 139 30.51 20.83 0.03
N LEU D 140 29.77 21.02 -1.06
CA LEU D 140 30.24 20.60 -2.39
C LEU D 140 31.48 21.38 -2.85
N LEU D 141 31.51 22.69 -2.59
CA LEU D 141 32.65 23.55 -2.93
C LEU D 141 33.95 23.13 -2.19
N LEU D 142 33.86 22.94 -0.88
CA LEU D 142 35.00 22.59 -0.04
C LEU D 142 35.60 21.21 -0.34
N SER D 143 34.80 20.31 -0.87
CA SER D 143 35.28 18.96 -1.16
C SER D 143 34.61 18.57 -2.45
N GLY D 144 35.26 18.78 -3.57
CA GLY D 144 34.60 18.60 -4.85
C GLY D 144 34.09 17.20 -5.04
N SER D 145 33.53 16.63 -3.97
CA SER D 145 32.95 15.29 -3.94
C SER D 145 31.44 15.32 -3.67
N TYR D 146 30.67 14.86 -4.64
CA TYR D 146 29.24 14.63 -4.46
C TYR D 146 28.97 13.55 -3.40
N VAL D 147 29.90 12.62 -3.22
CA VAL D 147 29.77 11.55 -2.21
C VAL D 147 29.83 12.10 -0.78
N ILE D 148 30.81 12.94 -0.50
CA ILE D 148 30.89 13.61 0.81
C ILE D 148 29.73 14.55 1.00
N THR D 149 29.21 15.10 -0.10
CA THR D 149 28.10 16.02 -0.05
C THR D 149 26.85 15.24 0.26
N ALA D 150 26.60 14.19 -0.54
CA ALA D 150 25.41 13.35 -0.40
C ALA D 150 25.25 12.92 1.05
N VAL D 151 26.36 12.71 1.74
CA VAL D 151 26.30 12.37 3.15
C VAL D 151 26.23 13.65 3.97
N VAL D 152 27.40 14.23 4.30
CA VAL D 152 27.48 15.32 5.31
C VAL D 152 26.81 16.60 4.88
N GLY D 153 26.77 16.83 3.57
CA GLY D 153 26.10 17.99 3.02
C GLY D 153 24.61 17.89 3.29
N SER D 154 23.99 16.85 2.74
CA SER D 154 22.57 16.71 2.87
C SER D 154 22.04 16.39 4.30
N LEU D 155 22.92 15.97 5.20
CA LEU D 155 22.56 15.82 6.62
C LEU D 155 22.37 17.19 7.20
N GLY D 156 23.18 18.13 6.74
CA GLY D 156 23.16 19.49 7.25
C GLY D 156 21.94 20.17 6.69
N TRP D 157 21.65 19.87 5.43
CA TRP D 157 20.43 20.26 4.76
C TRP D 157 19.23 19.92 5.63
N GLY D 158 19.24 18.72 6.19
CA GLY D 158 18.14 18.28 7.00
C GLY D 158 18.07 19.06 8.30
N LEU D 159 19.05 18.80 9.16
CA LEU D 159 19.16 19.45 10.46
C LEU D 159 18.78 20.93 10.41
N LEU D 160 19.44 21.68 9.54
CA LEU D 160 19.23 23.12 9.41
C LEU D 160 17.82 23.61 9.12
N PHE D 161 16.93 22.74 8.63
CA PHE D 161 15.64 23.20 8.08
C PHE D 161 14.82 23.95 9.11
N TYR D 162 14.44 23.22 10.15
CA TYR D 162 13.67 23.82 11.22
C TYR D 162 14.32 25.08 11.75
N PRO D 163 15.60 25.03 12.15
CA PRO D 163 16.02 26.29 12.72
C PRO D 163 15.83 27.50 11.78
N ASN D 164 15.90 27.28 10.47
CA ASN D 164 15.98 28.45 9.62
C ASN D 164 14.60 29.04 9.29
N ASN D 165 13.60 28.43 9.91
CA ASN D 165 12.22 28.68 9.69
C ASN D 165 11.65 29.23 10.94
N TRP D 166 12.27 28.82 12.03
CA TRP D 166 11.89 29.22 13.38
C TRP D 166 11.69 30.70 13.53
N PRO D 167 12.64 31.53 13.04
CA PRO D 167 12.34 32.96 13.15
C PRO D 167 11.09 33.45 12.41
N ALA D 168 10.60 32.75 11.39
CA ALA D 168 9.39 33.22 10.68
C ALA D 168 8.14 32.62 11.28
N ILE D 169 8.37 31.60 12.08
CA ILE D 169 7.32 30.66 12.43
C ILE D 169 6.85 30.89 13.85
N ALA D 170 7.81 31.15 14.72
CA ALA D 170 7.59 31.19 16.14
C ALA D 170 6.49 32.12 16.62
N ALA D 171 6.25 33.23 15.94
CA ALA D 171 5.24 34.22 16.38
C ALA D 171 3.84 33.60 16.34
N PHE D 172 3.67 32.67 15.42
CA PHE D 172 2.40 32.00 15.26
C PHE D 172 2.15 30.85 16.22
N HIS D 173 3.20 30.46 16.95
CA HIS D 173 3.14 29.45 17.97
C HIS D 173 3.03 29.96 19.39
N GLN D 174 2.71 31.25 19.49
CA GLN D 174 2.27 31.86 20.74
C GLN D 174 0.84 31.36 20.99
N ALA D 175 0.42 31.29 22.26
CA ALA D 175 -0.81 30.61 22.62
C ALA D 175 -2.00 31.57 22.73
N THR D 176 -3.16 31.16 22.30
CA THR D 176 -4.31 31.90 22.63
C THR D 176 -5.27 30.93 23.37
N GLU D 177 -6.22 31.46 24.14
CA GLU D 177 -7.39 30.70 24.59
C GLU D 177 -8.64 31.20 23.86
N GLN D 178 -9.37 30.31 23.19
CA GLN D 178 -10.63 30.65 22.42
C GLN D 178 -11.74 29.75 22.89
N HIS D 179 -12.73 30.33 23.54
CA HIS D 179 -13.80 29.58 24.16
C HIS D 179 -13.38 28.37 24.94
N GLY D 180 -12.37 28.52 25.82
CA GLY D 180 -12.09 27.51 26.81
C GLY D 180 -11.01 26.55 26.40
N GLN D 181 -10.50 26.74 25.17
CA GLN D 181 -9.67 25.75 24.48
C GLN D 181 -8.46 26.46 23.87
N LEU D 182 -7.26 25.89 24.11
CA LEU D 182 -5.98 26.38 23.64
C LEU D 182 -5.86 26.22 22.14
N MET D 183 -5.15 27.14 21.51
CA MET D 183 -4.99 27.18 20.06
C MET D 183 -3.66 27.94 19.88
N THR D 184 -2.91 27.61 18.85
CA THR D 184 -1.94 28.58 18.41
C THR D 184 -2.55 29.68 17.52
N LEU D 185 -1.80 30.76 17.40
CA LEU D 185 -2.17 31.74 16.44
C LEU D 185 -2.32 31.07 15.05
N ALA D 186 -1.36 30.21 14.67
CA ALA D 186 -1.49 29.48 13.37
C ALA D 186 -2.88 28.83 13.19
N ASP D 187 -3.29 28.06 14.20
CA ASP D 187 -4.57 27.38 14.18
C ASP D 187 -5.61 28.45 14.00
N LEU D 188 -5.38 29.60 14.64
CA LEU D 188 -6.41 30.60 14.66
C LEU D 188 -6.57 31.33 13.29
N ILE D 189 -5.45 31.55 12.62
CA ILE D 189 -5.41 32.13 11.31
C ILE D 189 -6.02 31.16 10.33
N GLY D 190 -5.72 29.89 10.53
CA GLY D 190 -6.47 28.83 9.92
C GLY D 190 -7.98 28.96 10.02
N LEU D 191 -8.53 28.96 11.26
CA LEU D 191 -10.01 28.96 11.45
C LEU D 191 -10.61 30.24 10.87
N HIS D 192 -9.95 31.36 11.11
CA HIS D 192 -10.46 32.69 10.81
C HIS D 192 -10.67 32.96 9.31
N PHE D 193 -9.58 32.74 8.56
CA PHE D 193 -9.56 33.09 7.15
C PHE D 193 -10.04 31.91 6.29
N VAL D 194 -11.37 31.82 6.20
CA VAL D 194 -12.03 30.60 5.75
C VAL D 194 -11.57 30.19 4.37
N ARG D 195 -10.92 29.00 4.32
CA ARG D 195 -10.71 28.20 3.07
C ARG D 195 -11.89 27.22 2.80
N THR D 196 -12.41 27.16 1.58
CA THR D 196 -13.59 26.27 1.36
C THR D 196 -13.31 24.79 1.45
N SER D 197 -12.06 24.38 1.24
CA SER D 197 -11.73 22.96 1.26
C SER D 197 -10.54 22.62 2.13
N MET D 198 -10.48 23.16 3.33
CA MET D 198 -9.38 22.79 4.21
C MET D 198 -9.96 22.47 5.60
N PRO D 199 -10.73 21.36 5.68
CA PRO D 199 -11.19 20.90 6.96
C PRO D 199 -9.97 20.41 7.83
N GLU D 200 -9.99 20.74 9.12
CA GLU D 200 -8.91 20.38 10.09
C GLU D 200 -9.03 18.92 10.22
N TYR D 201 -8.35 18.14 9.38
CA TYR D 201 -8.38 16.68 9.52
C TYR D 201 -7.85 16.15 8.25
N ILE D 202 -7.81 17.04 7.27
CA ILE D 202 -7.18 16.74 6.04
C ILE D 202 -5.69 17.01 6.25
N ARG D 203 -5.36 17.60 7.41
CA ARG D 203 -4.05 18.20 7.64
C ARG D 203 -2.87 17.32 7.49
N MET D 204 -2.60 16.45 8.43
CA MET D 204 -1.33 15.69 8.35
C MET D 204 -0.30 16.49 8.99
N VAL D 205 -0.53 16.64 10.30
CA VAL D 205 0.42 17.22 11.22
C VAL D 205 0.46 16.29 12.40
N GLU D 206 1.47 16.47 13.26
CA GLU D 206 1.65 15.64 14.43
C GLU D 206 0.43 15.71 15.37
N ARG D 207 -0.09 14.55 15.77
CA ARG D 207 -1.26 14.47 16.65
C ARG D 207 -1.00 13.65 17.91
N GLY D 208 0.27 13.33 18.21
CA GLY D 208 0.63 12.58 19.41
C GLY D 208 0.71 11.07 19.20
N THR D 209 1.54 10.40 19.99
CA THR D 209 1.64 8.96 19.98
C THR D 209 2.11 8.45 21.33
N LEU D 210 1.82 7.18 21.60
CA LEU D 210 2.27 6.52 22.81
C LEU D 210 3.73 6.14 22.71
N ARG D 211 4.28 6.24 21.50
CA ARG D 211 5.64 5.78 21.33
C ARG D 211 6.61 6.94 21.30
N THR D 212 6.13 8.13 21.64
CA THR D 212 7.00 9.31 21.80
C THR D 212 7.46 9.46 23.24
N PHE D 213 8.78 9.60 23.40
CA PHE D 213 9.42 9.74 24.71
C PHE D 213 10.30 11.00 24.70
N GLY D 214 9.98 12.00 25.52
CA GLY D 214 10.40 13.40 25.26
C GLY D 214 9.22 13.99 24.48
N LYS D 215 9.23 15.28 24.11
CA LYS D 215 10.28 16.32 24.27
C LYS D 215 11.31 16.35 23.12
N ASP D 216 11.39 15.27 22.35
CA ASP D 216 12.36 15.13 21.28
C ASP D 216 11.78 15.23 19.86
N VAL D 217 10.54 15.73 19.73
CA VAL D 217 9.83 15.67 18.44
C VAL D 217 10.60 16.27 17.24
N VAL D 218 11.00 17.52 17.34
CA VAL D 218 11.73 18.21 16.25
C VAL D 218 13.14 17.62 15.98
N PRO D 219 14.00 17.48 17.01
CA PRO D 219 15.33 16.87 16.80
C PRO D 219 15.32 15.55 16.00
N VAL D 220 14.45 14.58 16.34
CA VAL D 220 14.40 13.33 15.57
C VAL D 220 13.87 13.58 14.15
N ALA D 221 12.89 14.47 13.97
CA ALA D 221 12.39 14.75 12.62
C ALA D 221 13.50 15.40 11.77
N ALA D 222 14.29 16.26 12.37
CA ALA D 222 15.44 16.83 11.69
C ALA D 222 16.42 15.73 11.27
N PHE D 223 16.79 14.84 12.20
CA PHE D 223 17.77 13.78 11.91
C PHE D 223 17.28 12.77 10.89
N PHE D 224 16.02 12.43 11.00
CA PHE D 224 15.31 11.63 10.01
C PHE D 224 15.42 12.26 8.62
N SER D 225 15.16 13.56 8.51
CA SER D 225 15.10 14.20 7.19
C SER D 225 16.48 14.34 6.59
N GLY D 226 17.49 14.56 7.45
CA GLY D 226 18.90 14.50 7.06
C GLY D 226 19.22 13.15 6.46
N PHE D 227 19.09 12.10 7.25
CA PHE D 227 19.41 10.76 6.75
C PHE D 227 18.64 10.38 5.46
N VAL D 228 17.34 10.66 5.38
CA VAL D 228 16.59 10.22 4.18
C VAL D 228 16.95 11.05 2.94
N SER D 229 17.23 12.34 3.13
CA SER D 229 17.67 13.20 2.03
C SER D 229 18.93 12.71 1.33
N MET D 230 19.83 12.02 2.07
CA MET D 230 21.09 11.47 1.53
C MET D 230 20.78 10.57 0.36
N MET D 231 19.89 9.61 0.59
CA MET D 231 19.45 8.71 -0.46
C MET D 231 18.87 9.47 -1.63
N VAL D 232 17.93 10.39 -1.35
CA VAL D 232 17.25 11.15 -2.38
C VAL D 232 18.28 12.00 -3.15
N TYR D 233 19.26 12.53 -2.42
CA TYR D 233 20.33 13.30 -3.04
C TYR D 233 21.19 12.47 -3.99
N PHE D 234 21.53 11.24 -3.57
CA PHE D 234 22.29 10.34 -4.44
C PHE D 234 21.59 10.04 -5.72
N LEU D 235 20.31 9.71 -5.60
CA LEU D 235 19.49 9.39 -6.75
C LEU D 235 19.39 10.59 -7.70
N TRP D 236 19.12 11.77 -7.15
CA TRP D 236 18.81 12.95 -7.96
C TRP D 236 20.03 13.58 -8.56
N TRP D 237 21.18 13.28 -7.97
CA TRP D 237 22.42 13.74 -8.54
C TRP D 237 22.47 13.07 -9.88
N PHE D 238 22.34 11.74 -9.90
CA PHE D 238 22.44 11.00 -11.12
C PHE D 238 21.33 11.40 -12.07
N MET D 239 20.14 11.63 -11.57
CA MET D 239 19.11 12.26 -12.41
C MET D 239 19.57 13.51 -13.16
N GLY D 240 20.16 14.44 -12.43
CA GLY D 240 20.81 15.58 -13.01
C GLY D 240 21.79 15.21 -14.11
N ARG D 241 22.57 14.16 -13.90
CA ARG D 241 23.53 13.70 -14.91
C ARG D 241 22.82 13.24 -16.15
N TRP D 242 21.74 12.49 -15.98
CA TRP D 242 21.01 11.94 -17.14
C TRP D 242 20.25 13.03 -17.90
N TYR D 243 19.85 14.08 -17.19
CA TYR D 243 19.15 15.21 -17.79
C TYR D 243 20.14 16.14 -18.52
N SER D 244 21.42 16.01 -18.15
CA SER D 244 22.57 16.64 -18.78
C SER D 244 22.98 15.94 -20.10
N THR D 245 22.36 14.83 -20.45
CA THR D 245 22.79 14.04 -21.61
C THR D 245 22.89 14.81 -22.90
N THR D 246 23.99 14.60 -23.62
CA THR D 246 24.17 15.23 -24.93
C THR D 246 24.01 14.24 -26.08
N LYS D 247 23.34 13.13 -25.83
CA LYS D 247 23.12 12.07 -26.83
C LYS D 247 22.15 12.47 -27.97
N ARG D 248 22.46 12.04 -29.20
CA ARG D 248 21.53 12.08 -30.34
C ARG D 248 21.04 10.66 -30.66
N ILE D 249 19.82 10.51 -31.17
CA ILE D 249 19.26 9.16 -31.28
C ILE D 249 18.93 8.55 -32.64
N GLU D 250 18.76 9.36 -33.68
CA GLU D 250 18.63 8.81 -35.06
C GLU D 250 17.21 8.41 -35.48
N GLN D 251 16.48 7.75 -34.61
CA GLN D 251 15.12 7.25 -34.91
C GLN D 251 14.14 7.89 -33.94
N ILE D 252 12.94 8.21 -34.43
CA ILE D 252 11.77 8.45 -33.56
C ILE D 252 10.54 7.74 -34.12
N GLY E 11 20.13 -20.03 -54.54
CA GLY E 11 20.30 -19.98 -53.06
C GLY E 11 21.16 -21.09 -52.47
N PRO E 12 20.78 -21.58 -51.26
CA PRO E 12 20.82 -22.98 -50.84
C PRO E 12 19.59 -23.68 -51.40
N PHE E 13 19.00 -23.10 -52.45
CA PHE E 13 17.84 -23.66 -53.13
C PHE E 13 18.17 -24.25 -54.52
N ASN E 14 17.51 -25.36 -54.85
CA ASN E 14 17.68 -26.04 -56.13
C ASN E 14 17.17 -25.27 -57.36
N SER E 15 16.30 -24.27 -57.14
CA SER E 15 15.71 -23.43 -58.19
C SER E 15 15.22 -22.09 -57.64
N VAL E 16 14.49 -21.33 -58.45
CA VAL E 16 13.80 -20.14 -57.94
C VAL E 16 12.42 -20.52 -57.41
N ALA E 17 11.79 -21.52 -58.03
CA ALA E 17 10.55 -22.10 -57.53
C ALA E 17 10.66 -22.61 -56.09
N GLU E 18 11.74 -23.31 -55.76
CA GLU E 18 11.94 -23.80 -54.39
C GLU E 18 12.21 -22.65 -53.41
N ALA E 19 12.86 -21.60 -53.89
CA ALA E 19 13.12 -20.41 -53.09
C ALA E 19 11.81 -19.68 -52.76
N ALA E 20 10.95 -19.48 -53.77
CA ALA E 20 9.67 -18.80 -53.61
C ALA E 20 8.72 -19.60 -52.74
N GLY E 21 8.68 -20.91 -52.97
CA GLY E 21 7.84 -21.82 -52.21
C GLY E 21 8.22 -21.84 -50.75
N CYS E 22 9.51 -21.70 -50.49
CA CYS E 22 10.01 -21.68 -49.12
C CYS E 22 9.62 -20.37 -48.41
N VAL E 23 9.89 -19.25 -49.07
CA VAL E 23 9.60 -17.94 -48.50
C VAL E 23 8.12 -17.78 -48.12
N ALA E 24 7.21 -18.07 -49.05
CA ALA E 24 5.76 -18.06 -48.80
C ALA E 24 5.30 -18.96 -47.67
N THR E 25 5.85 -20.17 -47.56
CA THR E 25 5.35 -21.07 -46.50
C THR E 25 6.03 -20.91 -45.14
N THR E 26 7.26 -20.38 -45.12
CA THR E 26 7.84 -19.96 -43.85
C THR E 26 7.12 -18.70 -43.36
N ASP E 27 6.71 -17.84 -44.29
CA ASP E 27 5.91 -16.68 -43.97
C ASP E 27 4.62 -17.02 -43.22
N TRP E 28 3.84 -17.97 -43.73
CA TRP E 28 2.63 -18.44 -43.04
C TRP E 28 2.94 -18.92 -41.64
N MET E 29 3.92 -19.82 -41.54
CA MET E 29 4.25 -20.47 -40.29
C MET E 29 4.63 -19.46 -39.23
N LEU E 30 5.37 -18.43 -39.64
CA LEU E 30 5.78 -17.36 -38.72
C LEU E 30 4.61 -16.50 -38.26
N LEU E 31 3.72 -16.16 -39.19
CA LEU E 31 2.49 -15.44 -38.86
C LEU E 31 1.61 -16.20 -37.88
N VAL E 32 1.48 -17.52 -38.07
CA VAL E 32 0.66 -18.37 -37.22
C VAL E 32 1.34 -18.62 -35.85
N LEU E 33 2.63 -18.91 -35.83
CA LEU E 33 3.30 -19.06 -34.54
C LEU E 33 3.34 -17.72 -33.74
N LEU E 34 3.45 -16.59 -34.44
CA LEU E 34 3.54 -15.30 -33.73
C LEU E 34 2.18 -14.89 -33.19
N PHE E 35 1.15 -15.09 -34.00
CA PHE E 35 -0.21 -14.84 -33.55
C PHE E 35 -0.48 -15.61 -32.26
N PHE E 36 -0.30 -16.92 -32.28
CA PHE E 36 -0.65 -17.68 -31.09
C PHE E 36 0.29 -17.50 -29.92
N ALA E 37 1.55 -17.14 -30.20
CA ALA E 37 2.49 -16.78 -29.13
C ALA E 37 2.10 -15.50 -28.38
N VAL E 38 1.73 -14.46 -29.12
CA VAL E 38 1.30 -13.19 -28.55
C VAL E 38 -0.05 -13.32 -27.81
N LEU E 39 -1.01 -14.01 -28.43
CA LEU E 39 -2.29 -14.36 -27.81
C LEU E 39 -2.08 -14.92 -26.39
N GLY E 40 -1.20 -15.92 -26.25
CA GLY E 40 -0.95 -16.59 -25.00
C GLY E 40 -0.54 -15.58 -23.97
N GLY E 41 0.59 -14.91 -24.18
CA GLY E 41 1.07 -13.87 -23.26
C GLY E 41 0.01 -12.81 -22.94
N TYR E 42 -0.55 -12.18 -23.98
CA TYR E 42 -1.52 -11.10 -23.83
C TYR E 42 -2.62 -11.59 -22.93
N HIS E 43 -3.19 -12.74 -23.28
CA HIS E 43 -4.40 -13.22 -22.60
C HIS E 43 -4.19 -13.48 -21.14
N VAL E 44 -3.09 -14.11 -20.77
CA VAL E 44 -2.85 -14.45 -19.38
C VAL E 44 -2.74 -13.17 -18.60
N HIS E 45 -1.87 -12.27 -19.08
CA HIS E 45 -1.66 -10.97 -18.49
C HIS E 45 -2.96 -10.24 -18.33
N PHE E 46 -3.70 -10.07 -19.43
CA PHE E 46 -4.94 -9.30 -19.43
C PHE E 46 -5.94 -9.93 -18.46
N MET E 47 -6.07 -11.24 -18.54
CA MET E 47 -7.04 -11.95 -17.73
C MET E 47 -6.80 -11.71 -16.26
N LEU E 48 -5.53 -11.77 -15.84
CA LEU E 48 -5.11 -11.58 -14.47
C LEU E 48 -5.26 -10.18 -13.98
N THR E 49 -5.28 -9.21 -14.88
CA THR E 49 -5.37 -7.81 -14.46
C THR E 49 -6.73 -7.19 -14.81
N ALA E 50 -7.00 -7.03 -16.10
CA ALA E 50 -8.28 -6.48 -16.59
C ALA E 50 -9.47 -7.41 -16.40
N GLY E 51 -9.21 -8.66 -16.03
CA GLY E 51 -10.17 -9.36 -15.17
C GLY E 51 -11.44 -9.74 -15.88
N ASP E 52 -12.58 -9.93 -15.21
CA ASP E 52 -13.09 -9.26 -14.01
C ASP E 52 -13.94 -8.14 -14.54
N TRP E 53 -13.34 -7.10 -15.09
CA TRP E 53 -14.17 -6.17 -15.86
C TRP E 53 -14.51 -6.78 -17.22
N ASP E 54 -13.55 -7.47 -17.85
CA ASP E 54 -13.84 -8.06 -19.15
C ASP E 54 -14.85 -9.25 -19.03
N PHE E 55 -14.70 -10.06 -17.97
CA PHE E 55 -15.58 -11.25 -17.77
C PHE E 55 -17.06 -10.99 -17.74
N TRP E 56 -17.49 -9.92 -17.06
CA TRP E 56 -18.91 -9.75 -16.64
C TRP E 56 -19.57 -8.46 -17.09
N VAL E 57 -20.73 -8.58 -17.68
CA VAL E 57 -21.50 -7.42 -18.15
C VAL E 57 -21.86 -6.43 -17.03
N ASP E 58 -22.24 -6.91 -15.86
CA ASP E 58 -22.47 -5.98 -14.74
C ASP E 58 -21.19 -5.41 -14.09
N TRP E 59 -20.00 -5.60 -14.68
CA TRP E 59 -18.82 -4.88 -14.22
C TRP E 59 -18.48 -3.72 -15.18
N LYS E 60 -19.18 -3.65 -16.31
CA LYS E 60 -18.84 -2.67 -17.36
C LYS E 60 -19.50 -1.29 -17.10
N ASP E 61 -18.96 -0.57 -16.12
CA ASP E 61 -19.51 0.68 -15.58
C ASP E 61 -18.97 1.91 -16.32
N ARG E 62 -19.24 3.11 -15.82
CA ARG E 62 -18.80 4.30 -16.50
C ARG E 62 -17.40 4.74 -16.13
N ARG E 63 -16.84 4.23 -15.05
CA ARG E 63 -15.62 4.81 -14.53
C ARG E 63 -14.45 3.83 -14.51
N MET E 64 -14.63 2.69 -13.87
CA MET E 64 -13.55 1.70 -13.73
C MET E 64 -13.17 0.98 -15.02
N TRP E 65 -14.17 0.35 -15.63
CA TRP E 65 -13.95 -0.42 -16.84
C TRP E 65 -13.28 0.41 -17.95
N PRO E 66 -13.82 1.60 -18.28
CA PRO E 66 -13.22 2.36 -19.38
C PRO E 66 -11.96 3.05 -18.97
N THR E 67 -11.52 2.76 -17.76
CA THR E 67 -10.24 3.22 -17.25
C THR E 67 -9.24 2.05 -17.26
N VAL E 68 -9.48 0.97 -16.49
CA VAL E 68 -8.45 -0.07 -16.34
C VAL E 68 -8.21 -0.76 -17.65
N LEU E 69 -9.26 -0.85 -18.46
CA LEU E 69 -9.14 -1.68 -19.65
C LEU E 69 -8.23 -1.15 -20.75
N PRO E 70 -8.49 0.07 -21.24
CA PRO E 70 -7.54 0.61 -22.19
C PRO E 70 -6.09 0.63 -21.65
N ILE E 71 -5.93 0.90 -20.34
CA ILE E 71 -4.58 1.06 -19.79
C ILE E 71 -3.86 -0.28 -19.76
N LEU E 72 -4.56 -1.32 -19.35
CA LEU E 72 -3.88 -2.61 -19.23
C LEU E 72 -3.83 -3.23 -20.59
N GLY E 73 -4.75 -2.82 -21.48
CA GLY E 73 -4.84 -3.40 -22.82
C GLY E 73 -3.83 -2.87 -23.81
N VAL E 74 -3.29 -1.68 -23.57
CA VAL E 74 -2.35 -1.06 -24.50
C VAL E 74 -0.99 -1.72 -24.44
N THR E 75 -0.73 -2.45 -23.35
CA THR E 75 0.58 -3.02 -23.04
C THR E 75 1.13 -3.83 -24.20
N PHE E 76 0.42 -4.90 -24.53
CA PHE E 76 0.81 -5.83 -25.61
C PHE E 76 0.64 -5.24 -27.00
N CYS E 77 -0.18 -4.21 -27.12
CA CYS E 77 -0.27 -3.57 -28.43
C CYS E 77 1.01 -2.82 -28.74
N ALA E 78 1.52 -2.10 -27.76
CA ALA E 78 2.78 -1.37 -27.92
C ALA E 78 3.96 -2.32 -28.18
N ALA E 79 4.04 -3.43 -27.45
CA ALA E 79 5.16 -4.33 -27.63
C ALA E 79 5.09 -4.99 -28.97
N SER E 80 3.88 -5.32 -29.40
CA SER E 80 3.68 -5.91 -30.71
C SER E 80 4.04 -4.91 -31.84
N GLN E 81 3.67 -3.63 -31.67
CA GLN E 81 4.08 -2.61 -32.63
C GLN E 81 5.62 -2.48 -32.64
N ALA E 82 6.24 -2.41 -31.46
CA ALA E 82 7.69 -2.42 -31.31
C ALA E 82 8.38 -3.54 -32.07
N PHE E 83 7.78 -4.72 -32.08
CA PHE E 83 8.31 -5.82 -32.87
C PHE E 83 7.98 -5.64 -34.36
N TRP E 84 6.72 -5.45 -34.72
CA TRP E 84 6.36 -5.47 -36.14
C TRP E 84 6.85 -4.26 -36.97
N TRP E 85 6.83 -3.07 -36.37
CA TRP E 85 7.22 -1.86 -37.07
C TRP E 85 8.77 -1.74 -37.14
N VAL E 86 9.45 -1.77 -35.98
CA VAL E 86 10.92 -1.67 -35.99
C VAL E 86 11.60 -2.62 -37.00
N ASN E 87 11.25 -3.90 -36.97
CA ASN E 87 11.96 -4.88 -37.79
C ASN E 87 11.37 -5.18 -39.16
N PHE E 88 10.13 -4.76 -39.47
CA PHE E 88 9.55 -5.12 -40.76
C PHE E 88 8.77 -4.00 -41.42
N ARG E 89 8.46 -2.94 -40.69
CA ARG E 89 7.59 -1.88 -41.17
C ARG E 89 6.18 -2.40 -41.53
N LEU E 90 5.74 -3.41 -40.80
CA LEU E 90 4.38 -3.89 -40.94
C LEU E 90 3.46 -3.16 -39.96
N PRO E 91 2.40 -2.52 -40.48
CA PRO E 91 1.60 -1.62 -39.69
C PRO E 91 0.37 -2.26 -39.01
N PHE E 92 0.56 -3.44 -38.43
CA PHE E 92 -0.54 -4.14 -37.81
C PHE E 92 -0.22 -4.69 -36.41
N GLY E 93 0.80 -4.16 -35.75
CA GLY E 93 1.20 -4.68 -34.41
C GLY E 93 0.09 -4.65 -33.39
N ALA E 94 -0.64 -3.53 -33.31
CA ALA E 94 -1.76 -3.39 -32.36
C ALA E 94 -2.88 -4.34 -32.72
N VAL E 95 -3.33 -4.28 -33.97
CA VAL E 95 -4.51 -5.06 -34.41
C VAL E 95 -4.21 -6.56 -34.27
N PHE E 96 -2.99 -6.94 -34.62
CA PHE E 96 -2.46 -8.29 -34.42
C PHE E 96 -2.68 -8.77 -32.98
N ALA E 97 -2.20 -7.99 -32.01
CA ALA E 97 -2.33 -8.31 -30.58
C ALA E 97 -3.80 -8.35 -30.16
N VAL E 98 -4.47 -7.23 -30.38
CA VAL E 98 -5.87 -7.04 -30.04
C VAL E 98 -6.83 -8.07 -30.59
N LEU E 99 -6.66 -8.44 -31.86
CA LEU E 99 -7.49 -9.49 -32.47
C LEU E 99 -7.29 -10.80 -31.76
N GLY E 100 -6.03 -11.14 -31.52
CA GLY E 100 -5.65 -12.33 -30.78
C GLY E 100 -6.37 -12.41 -29.45
N LEU E 101 -6.30 -11.32 -28.69
CA LEU E 101 -7.01 -11.24 -27.42
C LEU E 101 -8.51 -11.52 -27.67
N MET E 102 -9.13 -10.75 -28.54
CA MET E 102 -10.54 -11.02 -28.87
C MET E 102 -10.83 -12.49 -29.18
N ILE E 103 -9.99 -13.13 -29.99
CA ILE E 103 -10.26 -14.48 -30.44
C ILE E 103 -10.14 -15.41 -29.24
N GLY E 104 -9.04 -15.28 -28.51
CA GLY E 104 -8.78 -16.11 -27.33
C GLY E 104 -9.94 -16.02 -26.34
N GLU E 105 -10.39 -14.78 -26.11
CA GLU E 105 -11.52 -14.44 -25.27
C GLU E 105 -12.82 -15.04 -25.82
N TRP E 106 -13.26 -14.64 -27.01
CA TRP E 106 -14.52 -15.08 -27.58
C TRP E 106 -14.63 -16.61 -27.68
N ILE E 107 -13.53 -17.30 -28.02
CA ILE E 107 -13.58 -18.75 -28.12
C ILE E 107 -13.94 -19.21 -26.73
N ASN E 108 -13.32 -18.63 -25.72
CA ASN E 108 -13.56 -19.12 -24.38
C ASN E 108 -14.96 -18.84 -23.86
N ARG E 109 -15.51 -17.68 -24.20
CA ARG E 109 -16.79 -17.27 -23.64
C ARG E 109 -17.83 -18.18 -24.20
N TYR E 110 -17.74 -18.42 -25.49
CA TYR E 110 -18.67 -19.30 -26.16
C TYR E 110 -18.46 -20.78 -25.83
N VAL E 111 -17.23 -21.26 -25.96
CA VAL E 111 -17.00 -22.67 -25.75
C VAL E 111 -17.09 -23.04 -24.26
N ASN E 112 -16.68 -22.14 -23.36
CA ASN E 112 -16.64 -22.49 -21.95
C ASN E 112 -17.58 -21.82 -21.00
N PHE E 113 -17.41 -20.51 -20.78
CA PHE E 113 -18.39 -19.73 -19.99
C PHE E 113 -19.85 -20.12 -20.32
N TRP E 114 -20.14 -20.32 -21.60
CA TRP E 114 -21.46 -20.73 -22.04
C TRP E 114 -21.56 -22.25 -22.27
N GLY E 115 -20.78 -22.77 -23.22
CA GLY E 115 -20.76 -24.20 -23.52
C GLY E 115 -20.53 -25.16 -22.35
N TRP E 116 -19.71 -24.77 -21.39
CA TRP E 116 -19.45 -25.65 -20.24
C TRP E 116 -20.37 -25.30 -19.11
N THR E 117 -20.44 -24.02 -18.76
CA THR E 117 -21.12 -23.59 -17.51
C THR E 117 -22.44 -22.81 -17.73
N TYR E 118 -22.87 -22.72 -18.99
CA TYR E 118 -24.21 -22.27 -19.32
C TYR E 118 -24.57 -20.87 -18.87
N PHE E 119 -23.58 -19.98 -18.72
CA PHE E 119 -23.81 -18.53 -18.55
C PHE E 119 -24.10 -17.97 -19.93
N PRO E 120 -25.22 -17.25 -20.08
CA PRO E 120 -25.58 -16.66 -21.38
C PRO E 120 -24.56 -15.60 -21.89
N ILE E 121 -24.38 -15.50 -23.20
CA ILE E 121 -23.34 -14.66 -23.77
C ILE E 121 -23.48 -13.18 -23.36
N SER E 122 -24.73 -12.69 -23.24
CA SER E 122 -24.97 -11.35 -22.71
C SER E 122 -24.37 -11.11 -21.32
N LEU E 123 -23.92 -12.15 -20.63
CA LEU E 123 -23.32 -11.97 -19.31
C LEU E 123 -21.79 -11.93 -19.40
N VAL E 124 -21.26 -12.57 -20.44
CA VAL E 124 -19.85 -12.86 -20.44
C VAL E 124 -19.08 -12.34 -21.66
N PHE E 125 -19.71 -11.57 -22.51
CA PHE E 125 -19.01 -11.04 -23.68
C PHE E 125 -17.89 -10.07 -23.35
N PRO E 126 -16.81 -10.11 -24.16
CA PRO E 126 -15.58 -9.33 -23.91
C PRO E 126 -15.69 -7.91 -24.32
N SER E 127 -14.74 -7.07 -23.90
CA SER E 127 -14.67 -5.65 -24.27
C SER E 127 -14.29 -5.45 -25.75
N ALA E 128 -14.92 -4.52 -26.44
CA ALA E 128 -14.59 -4.27 -27.82
C ALA E 128 -13.26 -3.49 -27.93
N MET E 129 -12.28 -4.04 -28.67
CA MET E 129 -11.00 -3.33 -28.83
C MET E 129 -10.37 -3.09 -30.20
N ILE E 130 -10.91 -3.71 -31.25
CA ILE E 130 -10.36 -3.56 -32.60
C ILE E 130 -10.27 -2.09 -32.99
N VAL E 131 -11.37 -1.33 -32.84
CA VAL E 131 -11.36 0.09 -33.23
C VAL E 131 -10.20 0.92 -32.63
N PRO E 132 -10.02 0.93 -31.31
CA PRO E 132 -8.86 1.69 -30.83
C PRO E 132 -7.56 1.12 -31.31
N ALA E 133 -7.45 -0.21 -31.39
CA ALA E 133 -6.26 -0.85 -31.99
C ALA E 133 -5.92 -0.34 -33.42
N ILE E 134 -6.95 -0.01 -34.19
CA ILE E 134 -6.75 0.45 -35.54
C ILE E 134 -6.17 1.83 -35.46
N TRP E 135 -6.78 2.71 -34.66
CA TRP E 135 -6.28 4.08 -34.51
C TRP E 135 -4.81 3.99 -34.17
N LEU E 136 -4.50 3.13 -33.21
CA LEU E 136 -3.15 2.97 -32.77
C LEU E 136 -2.23 2.58 -33.93
N ASP E 137 -2.56 1.53 -34.67
CA ASP E 137 -1.77 1.12 -35.83
C ASP E 137 -1.60 2.16 -36.94
N VAL E 138 -2.68 2.88 -37.33
CA VAL E 138 -2.51 3.85 -38.43
C VAL E 138 -1.86 5.17 -38.02
N ILE E 139 -1.98 5.55 -36.75
CA ILE E 139 -1.15 6.67 -36.25
C ILE E 139 0.34 6.33 -36.38
N LEU E 140 0.70 5.08 -36.11
CA LEU E 140 2.09 4.69 -36.33
C LEU E 140 2.44 4.65 -37.84
N LEU E 141 1.52 4.16 -38.66
CA LEU E 141 1.75 4.13 -40.12
C LEU E 141 1.95 5.51 -40.76
N LEU E 142 1.09 6.47 -40.43
CA LEU E 142 1.20 7.83 -40.97
C LEU E 142 2.43 8.63 -40.52
N SER E 143 2.98 8.32 -39.35
CA SER E 143 4.15 9.02 -38.85
C SER E 143 4.99 7.97 -38.23
N GLY E 144 6.02 7.52 -38.93
CA GLY E 144 6.79 6.36 -38.46
C GLY E 144 7.43 6.61 -37.12
N SER E 145 6.74 7.40 -36.30
CA SER E 145 7.21 7.80 -35.00
C SER E 145 6.43 7.12 -33.87
N TYR E 146 7.15 6.35 -33.04
CA TYR E 146 6.60 5.81 -31.81
C TYR E 146 6.32 6.91 -30.79
N VAL E 147 7.10 7.99 -30.82
CA VAL E 147 6.87 9.11 -29.92
C VAL E 147 5.53 9.81 -30.21
N ILE E 148 5.25 10.12 -31.47
CA ILE E 148 3.96 10.70 -31.83
C ILE E 148 2.85 9.72 -31.55
N THR E 149 3.12 8.43 -31.76
CA THR E 149 2.13 7.40 -31.48
C THR E 149 1.86 7.30 -29.98
N ALA E 150 2.92 7.12 -29.18
CA ALA E 150 2.86 7.13 -27.71
C ALA E 150 1.98 8.27 -27.18
N VAL E 151 2.06 9.45 -27.82
CA VAL E 151 1.18 10.56 -27.43
C VAL E 151 -0.17 10.47 -28.11
N VAL E 152 -0.27 10.94 -29.35
CA VAL E 152 -1.60 11.09 -29.97
C VAL E 152 -2.27 9.75 -30.29
N GLY E 153 -1.49 8.78 -30.74
CA GLY E 153 -2.03 7.47 -31.01
C GLY E 153 -2.76 6.94 -29.80
N SER E 154 -2.05 6.87 -28.66
CA SER E 154 -2.58 6.22 -27.46
C SER E 154 -3.56 7.10 -26.66
N LEU E 155 -3.64 8.38 -26.99
CA LEU E 155 -4.74 9.21 -26.52
C LEU E 155 -6.02 8.81 -27.24
N GLY E 156 -5.94 8.55 -28.54
CA GLY E 156 -7.12 8.14 -29.34
C GLY E 156 -7.59 6.74 -28.94
N TRP E 157 -6.60 5.89 -28.58
CA TRP E 157 -6.83 4.56 -28.00
C TRP E 157 -7.75 4.68 -26.82
N GLY E 158 -7.44 5.61 -25.92
CA GLY E 158 -8.22 5.80 -24.72
C GLY E 158 -9.61 6.30 -25.04
N LEU E 159 -9.67 7.48 -25.64
CA LEU E 159 -10.93 8.12 -26.03
C LEU E 159 -11.88 7.19 -26.77
N LEU E 160 -11.36 6.43 -27.74
CA LEU E 160 -12.20 5.57 -28.57
C LEU E 160 -12.81 4.37 -27.86
N PHE E 161 -12.29 4.02 -26.68
CA PHE E 161 -12.70 2.77 -26.01
C PHE E 161 -14.19 2.65 -25.74
N TYR E 162 -14.73 3.57 -24.98
CA TYR E 162 -16.14 3.53 -24.69
C TYR E 162 -17.02 3.60 -25.95
N PRO E 163 -16.79 4.58 -26.84
CA PRO E 163 -17.80 4.65 -27.88
C PRO E 163 -17.84 3.39 -28.72
N ASN E 164 -16.72 2.66 -28.78
CA ASN E 164 -16.69 1.48 -29.65
C ASN E 164 -17.31 0.28 -28.95
N ASN E 165 -17.65 0.48 -27.68
CA ASN E 165 -18.28 -0.56 -26.87
C ASN E 165 -19.75 -0.35 -26.74
N TRP E 166 -20.12 0.91 -26.84
CA TRP E 166 -21.47 1.36 -26.69
C TRP E 166 -22.47 0.50 -27.49
N PRO E 167 -22.23 0.26 -28.77
CA PRO E 167 -23.24 -0.50 -29.50
C PRO E 167 -23.56 -1.88 -28.92
N ALA E 168 -22.57 -2.54 -28.31
CA ALA E 168 -22.70 -3.88 -27.73
C ALA E 168 -23.29 -3.87 -26.32
N ILE E 169 -23.22 -2.71 -25.67
CA ILE E 169 -23.38 -2.57 -24.24
C ILE E 169 -24.69 -1.92 -23.88
N ALA E 170 -25.19 -1.04 -24.76
CA ALA E 170 -26.30 -0.15 -24.47
C ALA E 170 -27.60 -0.87 -24.25
N ALA E 171 -27.82 -2.02 -24.90
CA ALA E 171 -29.09 -2.74 -24.79
C ALA E 171 -29.38 -3.08 -23.34
N PHE E 172 -28.29 -3.31 -22.62
CA PHE E 172 -28.31 -3.75 -21.24
C PHE E 172 -28.40 -2.61 -20.25
N HIS E 173 -28.30 -1.37 -20.76
CA HIS E 173 -28.46 -0.20 -19.89
C HIS E 173 -29.84 0.39 -19.95
N GLN E 174 -30.75 -0.33 -20.60
CA GLN E 174 -32.18 -0.12 -20.48
C GLN E 174 -32.64 -0.43 -19.06
N ALA E 175 -33.68 0.26 -18.63
CA ALA E 175 -34.05 0.24 -17.24
C ALA E 175 -35.17 -0.74 -16.99
N THR E 176 -35.16 -1.35 -15.81
CA THR E 176 -36.25 -2.20 -15.42
C THR E 176 -36.56 -1.84 -13.96
N GLU E 177 -37.83 -2.00 -13.58
CA GLU E 177 -38.23 -1.95 -12.18
C GLU E 177 -38.46 -3.35 -11.62
N GLN E 178 -37.72 -3.71 -10.56
CA GLN E 178 -37.85 -5.01 -9.92
C GLN E 178 -38.12 -4.79 -8.45
N HIS E 179 -39.31 -5.16 -8.03
CA HIS E 179 -39.70 -5.06 -6.64
C HIS E 179 -39.49 -3.67 -6.08
N GLY E 180 -39.81 -2.66 -6.87
CA GLY E 180 -39.81 -1.27 -6.40
C GLY E 180 -38.49 -0.54 -6.47
N GLN E 181 -37.54 -1.13 -7.20
CA GLN E 181 -36.18 -0.67 -7.20
C GLN E 181 -35.73 -0.75 -8.62
N LEU E 182 -35.02 0.28 -9.07
CA LEU E 182 -34.43 0.36 -10.40
C LEU E 182 -33.22 -0.56 -10.52
N MET E 183 -33.11 -1.17 -11.68
CA MET E 183 -31.98 -2.01 -12.05
C MET E 183 -31.74 -1.82 -13.56
N THR E 184 -30.51 -2.00 -13.99
CA THR E 184 -30.26 -2.12 -15.42
C THR E 184 -30.48 -3.58 -15.79
N LEU E 185 -30.68 -3.84 -17.07
CA LEU E 185 -30.71 -5.19 -17.53
C LEU E 185 -29.39 -5.91 -17.14
N ALA E 186 -28.26 -5.21 -17.19
CA ALA E 186 -26.99 -5.81 -16.82
C ALA E 186 -26.95 -6.27 -15.36
N ASP E 187 -27.46 -5.41 -14.47
CA ASP E 187 -27.59 -5.80 -13.08
C ASP E 187 -28.46 -7.06 -13.02
N LEU E 188 -29.56 -7.03 -13.79
CA LEU E 188 -30.48 -8.17 -13.77
C LEU E 188 -29.84 -9.49 -14.24
N ILE E 189 -28.98 -9.40 -15.25
CA ILE E 189 -28.45 -10.59 -15.84
C ILE E 189 -27.49 -11.16 -14.82
N GLY E 190 -26.76 -10.29 -14.14
CA GLY E 190 -25.93 -10.66 -13.01
C GLY E 190 -26.67 -11.33 -11.87
N LEU E 191 -27.80 -10.74 -11.39
CA LEU E 191 -28.64 -11.35 -10.31
C LEU E 191 -29.21 -12.71 -10.74
N HIS E 192 -29.73 -12.81 -11.98
CA HIS E 192 -30.48 -13.98 -12.49
C HIS E 192 -29.61 -15.22 -12.65
N PHE E 193 -28.54 -15.08 -13.42
CA PHE E 193 -27.73 -16.19 -13.80
C PHE E 193 -26.64 -16.48 -12.76
N VAL E 194 -27.06 -17.09 -11.67
CA VAL E 194 -26.26 -17.10 -10.45
C VAL E 194 -24.80 -17.61 -10.58
N ARG E 195 -23.87 -16.73 -10.24
CA ARG E 195 -22.47 -17.10 -10.10
C ARG E 195 -22.24 -17.46 -8.64
N THR E 196 -21.42 -18.43 -8.32
CA THR E 196 -21.22 -18.79 -6.91
C THR E 196 -20.44 -17.79 -6.13
N SER E 197 -19.50 -17.12 -6.78
CA SER E 197 -18.53 -16.22 -6.08
C SER E 197 -18.46 -14.80 -6.66
N MET E 198 -19.62 -14.21 -6.89
CA MET E 198 -19.69 -12.85 -7.45
C MET E 198 -20.70 -11.98 -6.66
N PRO E 199 -20.46 -11.83 -5.34
CA PRO E 199 -21.32 -10.98 -4.54
C PRO E 199 -21.23 -9.53 -5.00
N GLU E 200 -22.37 -8.86 -5.16
CA GLU E 200 -22.46 -7.46 -5.60
C GLU E 200 -21.71 -6.63 -4.56
N TYR E 201 -20.45 -6.31 -4.78
CA TYR E 201 -19.68 -5.60 -3.73
C TYR E 201 -18.22 -5.90 -3.85
N ILE E 202 -17.93 -7.05 -4.45
CA ILE E 202 -16.62 -7.34 -4.92
C ILE E 202 -16.44 -6.55 -6.22
N ARG E 203 -17.52 -5.99 -6.78
CA ARG E 203 -17.53 -5.44 -8.15
C ARG E 203 -16.45 -4.44 -8.52
N MET E 204 -16.45 -3.24 -7.95
CA MET E 204 -15.46 -2.24 -8.43
C MET E 204 -16.05 -1.65 -9.66
N VAL E 205 -17.15 -0.98 -9.42
CA VAL E 205 -17.78 -0.14 -10.40
C VAL E 205 -18.04 1.20 -9.72
N GLU E 206 -18.35 2.22 -10.52
CA GLU E 206 -18.72 3.51 -9.99
C GLU E 206 -19.87 3.38 -9.01
N ARG E 207 -19.75 4.02 -7.84
CA ARG E 207 -20.81 4.04 -6.82
C ARG E 207 -21.16 5.46 -6.38
N GLY E 208 -20.70 6.49 -7.09
CA GLY E 208 -20.98 7.90 -6.75
C GLY E 208 -19.92 8.53 -5.86
N THR E 209 -19.78 9.85 -5.93
CA THR E 209 -18.90 10.60 -5.03
C THR E 209 -19.41 12.03 -4.89
N LEU E 210 -19.01 12.70 -3.82
CA LEU E 210 -19.38 14.11 -3.65
C LEU E 210 -18.52 15.01 -4.51
N ARG E 211 -17.46 14.45 -5.09
CA ARG E 211 -16.52 15.23 -5.87
C ARG E 211 -16.76 15.10 -7.37
N THR E 212 -17.92 14.54 -7.75
CA THR E 212 -18.35 14.53 -9.14
C THR E 212 -19.28 15.69 -9.39
N PHE E 213 -18.99 16.43 -10.46
CA PHE E 213 -19.79 17.58 -10.88
C PHE E 213 -20.11 17.37 -12.36
N GLY E 214 -21.39 17.37 -12.73
CA GLY E 214 -21.84 16.69 -13.96
C GLY E 214 -22.00 15.20 -13.61
N LYS E 215 -22.48 14.31 -14.49
CA LYS E 215 -22.76 14.46 -15.95
C LYS E 215 -21.53 14.16 -16.84
N ASP E 216 -20.34 14.29 -16.27
CA ASP E 216 -19.10 14.14 -17.01
C ASP E 216 -18.34 12.80 -16.76
N VAL E 217 -19.01 11.80 -16.20
CA VAL E 217 -18.31 10.60 -15.74
C VAL E 217 -17.51 9.86 -16.84
N VAL E 218 -18.15 9.56 -17.96
CA VAL E 218 -17.46 8.83 -19.05
C VAL E 218 -16.39 9.67 -19.78
N PRO E 219 -16.72 10.92 -20.14
CA PRO E 219 -15.69 11.76 -20.72
C PRO E 219 -14.40 11.86 -19.92
N VAL E 220 -14.47 12.09 -18.61
CA VAL E 220 -13.19 12.17 -17.86
C VAL E 220 -12.50 10.82 -17.74
N ALA E 221 -13.26 9.73 -17.72
CA ALA E 221 -12.66 8.40 -17.65
C ALA E 221 -11.90 8.14 -18.93
N ALA E 222 -12.50 8.57 -20.04
CA ALA E 222 -11.92 8.41 -21.37
C ALA E 222 -10.60 9.13 -21.50
N PHE E 223 -10.58 10.39 -21.07
CA PHE E 223 -9.38 11.22 -21.12
C PHE E 223 -8.30 10.68 -20.18
N PHE E 224 -8.68 10.42 -18.94
CA PHE E 224 -7.80 9.78 -18.00
C PHE E 224 -7.11 8.56 -18.63
N SER E 225 -7.88 7.71 -19.31
CA SER E 225 -7.31 6.46 -19.84
C SER E 225 -6.33 6.76 -20.98
N GLY E 226 -6.68 7.75 -21.81
CA GLY E 226 -5.80 8.21 -22.86
C GLY E 226 -4.45 8.67 -22.31
N PHE E 227 -4.50 9.58 -21.35
CA PHE E 227 -3.27 10.15 -20.80
C PHE E 227 -2.43 9.09 -20.08
N VAL E 228 -3.08 8.20 -19.32
CA VAL E 228 -2.28 7.19 -18.61
C VAL E 228 -1.66 6.16 -19.59
N SER E 229 -2.42 5.79 -20.61
CA SER E 229 -1.94 4.85 -21.63
C SER E 229 -0.64 5.30 -22.34
N MET E 230 -0.43 6.62 -22.42
CA MET E 230 0.77 7.17 -23.05
C MET E 230 1.96 6.60 -22.36
N MET E 231 1.96 6.68 -21.03
CA MET E 231 3.09 6.23 -20.21
C MET E 231 3.29 4.75 -20.38
N VAL E 232 2.19 4.01 -20.33
CA VAL E 232 2.23 2.56 -20.39
C VAL E 232 2.73 2.20 -21.78
N TYR E 233 2.27 2.92 -22.78
CA TYR E 233 2.70 2.69 -24.16
C TYR E 233 4.20 2.88 -24.30
N PHE E 234 4.70 4.00 -23.78
CA PHE E 234 6.13 4.25 -23.78
C PHE E 234 6.91 3.10 -23.20
N LEU E 235 6.50 2.67 -22.02
CA LEU E 235 7.24 1.65 -21.31
C LEU E 235 7.23 0.36 -22.11
N TRP E 236 6.05 0.00 -22.63
CA TRP E 236 5.84 -1.31 -23.26
C TRP E 236 6.38 -1.41 -24.67
N TRP E 237 6.56 -0.27 -25.31
CA TRP E 237 7.31 -0.20 -26.53
C TRP E 237 8.72 -0.76 -26.22
N PHE E 238 9.40 -0.14 -25.27
CA PHE E 238 10.74 -0.54 -24.98
C PHE E 238 10.86 -1.97 -24.50
N MET E 239 9.78 -2.45 -23.86
CA MET E 239 9.68 -3.84 -23.47
C MET E 239 9.68 -4.71 -24.71
N GLY E 240 8.90 -4.31 -25.72
CA GLY E 240 8.86 -5.01 -26.99
C GLY E 240 10.23 -5.04 -27.62
N ARG E 241 10.97 -3.94 -27.50
CA ARG E 241 12.36 -3.86 -27.94
C ARG E 241 13.22 -4.89 -27.24
N TRP E 242 13.12 -4.97 -25.91
CA TRP E 242 14.00 -5.86 -25.14
C TRP E 242 13.66 -7.34 -25.34
N TYR E 243 12.37 -7.62 -25.61
CA TYR E 243 11.89 -8.97 -25.91
C TYR E 243 12.30 -9.40 -27.31
N SER E 244 12.60 -8.38 -28.15
CA SER E 244 13.16 -8.55 -29.49
C SER E 244 14.65 -8.93 -29.52
N THR E 245 15.33 -8.87 -28.38
CA THR E 245 16.79 -9.08 -28.29
C THR E 245 17.34 -10.32 -28.96
N THR E 246 18.41 -10.14 -29.73
CA THR E 246 19.07 -11.23 -30.40
C THR E 246 20.40 -11.59 -29.73
N LYS E 247 20.56 -11.24 -28.46
CA LYS E 247 21.79 -11.47 -27.71
C LYS E 247 22.03 -12.95 -27.34
N ARG E 248 23.27 -13.43 -27.43
CA ARG E 248 23.65 -14.75 -26.87
C ARG E 248 24.45 -14.47 -25.62
N ILE E 249 24.43 -15.38 -24.63
CA ILE E 249 25.04 -15.06 -23.34
C ILE E 249 26.26 -15.87 -22.83
N GLU E 250 26.54 -17.05 -23.38
CA GLU E 250 27.80 -17.79 -23.05
C GLU E 250 27.78 -18.63 -21.74
N GLN E 251 27.24 -18.08 -20.66
CA GLN E 251 27.19 -18.80 -19.37
C GLN E 251 25.75 -19.01 -18.92
N ILE E 252 25.45 -20.17 -18.33
CA ILE E 252 24.23 -20.32 -17.52
C ILE E 252 24.52 -21.02 -16.20
N GLY F 11 58.81 -16.85 -7.22
CA GLY F 11 58.06 -15.72 -6.58
C GLY F 11 58.19 -14.35 -7.26
N PRO F 12 57.69 -13.25 -6.65
CA PRO F 12 58.02 -12.48 -5.45
C PRO F 12 58.37 -13.17 -4.15
N PHE F 13 58.54 -14.49 -4.20
CA PHE F 13 58.89 -15.28 -3.03
C PHE F 13 60.34 -15.79 -3.04
N ASN F 14 60.94 -15.79 -1.85
CA ASN F 14 62.32 -16.24 -1.64
C ASN F 14 62.56 -17.75 -1.86
N SER F 15 61.49 -18.54 -1.84
CA SER F 15 61.55 -20.00 -2.04
C SER F 15 60.19 -20.53 -2.48
N VAL F 16 60.03 -21.85 -2.52
CA VAL F 16 58.70 -22.43 -2.72
C VAL F 16 57.97 -22.56 -1.37
N ALA F 17 58.74 -22.78 -0.30
CA ALA F 17 58.21 -22.81 1.06
C ALA F 17 57.49 -21.52 1.43
N GLU F 18 58.06 -20.38 1.04
CA GLU F 18 57.47 -19.08 1.35
C GLU F 18 56.22 -18.80 0.53
N ALA F 19 56.20 -19.34 -0.69
CA ALA F 19 55.03 -19.29 -1.55
C ALA F 19 53.87 -20.14 -1.00
N ALA F 20 54.20 -21.35 -0.57
CA ALA F 20 53.18 -22.25 -0.06
C ALA F 20 52.64 -21.73 1.25
N GLY F 21 53.55 -21.22 2.08
CA GLY F 21 53.20 -20.72 3.41
C GLY F 21 52.32 -19.50 3.29
N CYS F 22 52.53 -18.73 2.22
CA CYS F 22 51.72 -17.56 1.96
C CYS F 22 50.33 -17.91 1.45
N VAL F 23 50.26 -18.86 0.54
CA VAL F 23 49.00 -19.23 -0.09
C VAL F 23 48.04 -19.76 0.96
N ALA F 24 48.51 -20.70 1.78
CA ALA F 24 47.70 -21.31 2.85
C ALA F 24 47.22 -20.31 3.91
N THR F 25 48.06 -19.35 4.29
CA THR F 25 47.64 -18.44 5.35
C THR F 25 46.89 -17.21 4.88
N THR F 26 47.02 -16.85 3.61
CA THR F 26 46.12 -15.87 3.02
C THR F 26 44.76 -16.54 2.82
N ASP F 27 44.78 -17.84 2.55
CA ASP F 27 43.56 -18.59 2.34
C ASP F 27 42.68 -18.56 3.59
N TRP F 28 43.27 -18.79 4.76
CA TRP F 28 42.53 -18.75 6.03
C TRP F 28 41.93 -17.38 6.21
N MET F 29 42.77 -16.36 6.11
CA MET F 29 42.35 -15.00 6.39
C MET F 29 41.15 -14.60 5.53
N LEU F 30 41.16 -15.00 4.26
CA LEU F 30 40.09 -14.65 3.32
C LEU F 30 38.79 -15.35 3.68
N LEU F 31 38.88 -16.63 4.02
CA LEU F 31 37.74 -17.39 4.54
C LEU F 31 37.17 -16.80 5.85
N VAL F 32 38.06 -16.33 6.72
CA VAL F 32 37.67 -15.82 8.03
C VAL F 32 37.10 -14.43 7.89
N LEU F 33 37.68 -13.63 7.00
CA LEU F 33 37.11 -12.30 6.71
C LEU F 33 35.80 -12.42 6.00
N LEU F 34 35.68 -13.38 5.08
CA LEU F 34 34.49 -13.43 4.20
C LEU F 34 33.29 -13.96 4.96
N PHE F 35 33.60 -14.89 5.89
CA PHE F 35 32.58 -15.49 6.72
C PHE F 35 31.94 -14.39 7.55
N PHE F 36 32.80 -13.67 8.28
CA PHE F 36 32.27 -12.61 9.12
C PHE F 36 31.64 -11.45 8.37
N ALA F 37 32.12 -11.17 7.16
CA ALA F 37 31.61 -10.10 6.36
C ALA F 37 30.14 -10.39 5.86
N VAL F 38 29.89 -11.62 5.42
CA VAL F 38 28.60 -12.07 4.92
C VAL F 38 27.60 -12.24 6.05
N LEU F 39 28.08 -12.83 7.16
CA LEU F 39 27.39 -12.87 8.44
C LEU F 39 26.78 -11.50 8.78
N GLY F 40 27.65 -10.51 9.02
CA GLY F 40 27.22 -9.14 9.20
C GLY F 40 26.00 -8.73 8.36
N GLY F 41 26.18 -8.65 7.05
CA GLY F 41 25.12 -8.24 6.14
C GLY F 41 23.87 -9.10 6.21
N TYR F 42 24.03 -10.43 6.05
CA TYR F 42 22.91 -11.35 6.14
C TYR F 42 22.14 -11.08 7.41
N HIS F 43 22.80 -11.17 8.54
CA HIS F 43 22.11 -11.02 9.80
C HIS F 43 21.24 -9.74 9.88
N VAL F 44 21.81 -8.58 9.52
CA VAL F 44 21.10 -7.32 9.72
C VAL F 44 19.82 -7.36 8.88
N HIS F 45 20.01 -7.62 7.59
CA HIS F 45 18.95 -7.79 6.66
C HIS F 45 17.88 -8.74 7.19
N PHE F 46 18.24 -9.97 7.44
CA PHE F 46 17.27 -10.97 7.90
C PHE F 46 16.53 -10.52 9.16
N MET F 47 17.28 -9.97 10.10
CA MET F 47 16.75 -9.62 11.39
C MET F 47 15.74 -8.47 11.24
N LEU F 48 16.02 -7.55 10.34
CA LEU F 48 15.11 -6.48 10.02
C LEU F 48 13.85 -6.89 9.22
N THR F 49 13.85 -8.09 8.65
CA THR F 49 12.73 -8.50 7.82
C THR F 49 12.08 -9.75 8.36
N ALA F 50 12.84 -10.83 8.44
CA ALA F 50 12.30 -12.10 8.95
C ALA F 50 12.29 -12.15 10.46
N GLY F 51 12.84 -11.12 11.10
CA GLY F 51 12.24 -10.67 12.38
C GLY F 51 12.46 -11.64 13.51
N ASP F 52 11.64 -11.70 14.56
CA ASP F 52 10.18 -11.49 14.64
C ASP F 52 9.68 -12.88 14.50
N TRP F 53 9.54 -13.42 13.29
CA TRP F 53 9.32 -14.89 13.19
C TRP F 53 10.52 -15.66 13.75
N ASP F 54 11.73 -15.36 13.33
CA ASP F 54 12.88 -16.06 13.91
C ASP F 54 13.05 -15.85 15.45
N PHE F 55 12.80 -14.66 15.95
CA PHE F 55 13.01 -14.42 17.40
C PHE F 55 12.21 -15.32 18.35
N TRP F 56 10.94 -15.61 18.02
CA TRP F 56 9.98 -16.05 19.03
C TRP F 56 9.28 -17.32 18.67
N VAL F 57 9.12 -18.21 19.64
CA VAL F 57 8.68 -19.57 19.40
C VAL F 57 7.23 -19.60 19.16
N ASP F 58 6.48 -18.67 19.74
CA ASP F 58 5.03 -18.50 19.49
C ASP F 58 4.78 -17.71 18.21
N TRP F 59 5.83 -17.45 17.44
CA TRP F 59 5.64 -16.80 16.15
C TRP F 59 5.72 -17.81 15.00
N LYS F 60 6.35 -18.96 15.26
CA LYS F 60 6.63 -19.98 14.25
C LYS F 60 5.42 -20.83 13.98
N ASP F 61 4.48 -20.27 13.17
CA ASP F 61 3.16 -20.83 12.86
C ASP F 61 3.18 -21.72 11.59
N ARG F 62 2.03 -22.05 11.02
CA ARG F 62 2.06 -22.95 9.87
C ARG F 62 2.11 -22.19 8.54
N ARG F 63 1.75 -20.90 8.53
CA ARG F 63 1.54 -20.19 7.26
C ARG F 63 2.58 -19.09 7.02
N MET F 64 2.71 -18.15 7.96
CA MET F 64 3.63 -17.02 7.78
C MET F 64 5.11 -17.41 7.95
N TRP F 65 5.43 -17.97 9.08
CA TRP F 65 6.80 -18.31 9.28
C TRP F 65 7.44 -19.13 8.12
N PRO F 66 6.77 -20.20 7.66
CA PRO F 66 7.41 -21.04 6.64
C PRO F 66 7.10 -20.47 5.25
N THR F 67 6.59 -19.25 5.24
CA THR F 67 6.51 -18.48 4.03
C THR F 67 7.57 -17.42 4.05
N VAL F 68 7.53 -16.48 5.00
CA VAL F 68 8.45 -15.35 4.93
C VAL F 68 9.88 -15.78 5.00
N LEU F 69 10.16 -16.75 5.85
CA LEU F 69 11.50 -17.06 6.19
C LEU F 69 12.34 -17.62 5.07
N PRO F 70 11.89 -18.71 4.41
CA PRO F 70 12.63 -19.16 3.23
C PRO F 70 12.87 -18.07 2.15
N ILE F 71 11.82 -17.31 1.80
CA ILE F 71 11.89 -16.24 0.80
C ILE F 71 12.89 -15.16 1.15
N LEU F 72 12.94 -14.73 2.40
CA LEU F 72 13.85 -13.66 2.77
C LEU F 72 15.19 -14.26 3.09
N GLY F 73 15.21 -15.56 3.35
CA GLY F 73 16.49 -16.16 3.74
C GLY F 73 17.31 -16.61 2.55
N VAL F 74 16.69 -16.66 1.36
CA VAL F 74 17.39 -17.21 0.17
C VAL F 74 18.26 -16.13 -0.44
N THR F 75 18.07 -14.91 0.04
CA THR F 75 18.65 -13.73 -0.57
C THR F 75 20.13 -13.86 -0.60
N PHE F 76 20.72 -13.92 0.58
CA PHE F 76 22.15 -13.92 0.72
C PHE F 76 22.71 -15.24 0.39
N CYS F 77 21.84 -16.25 0.34
CA CYS F 77 22.31 -17.57 -0.10
C CYS F 77 22.72 -17.55 -1.58
N ALA F 78 21.86 -16.99 -2.42
CA ALA F 78 22.14 -16.87 -3.82
C ALA F 78 23.37 -16.01 -4.10
N ALA F 79 23.52 -14.90 -3.37
CA ALA F 79 24.59 -13.97 -3.67
C ALA F 79 25.94 -14.60 -3.19
N SER F 80 25.85 -15.37 -2.12
CA SER F 80 27.00 -16.08 -1.72
C SER F 80 27.38 -17.15 -2.75
N GLN F 81 26.40 -17.74 -3.41
CA GLN F 81 26.69 -18.74 -4.43
C GLN F 81 27.18 -18.04 -5.74
N ALA F 82 26.58 -16.91 -6.05
CA ALA F 82 27.05 -16.07 -7.17
C ALA F 82 28.52 -15.70 -6.98
N PHE F 83 28.95 -15.49 -5.75
CA PHE F 83 30.35 -15.21 -5.51
C PHE F 83 31.21 -16.49 -5.52
N TRP F 84 30.83 -17.49 -4.76
CA TRP F 84 31.74 -18.65 -4.60
C TRP F 84 31.81 -19.51 -5.85
N TRP F 85 30.67 -19.72 -6.49
CA TRP F 85 30.65 -20.59 -7.66
C TRP F 85 31.28 -19.96 -8.90
N VAL F 86 30.85 -18.73 -9.23
CA VAL F 86 31.29 -18.07 -10.47
C VAL F 86 32.80 -17.93 -10.46
N ASN F 87 33.33 -17.35 -9.39
CA ASN F 87 34.77 -17.11 -9.30
C ASN F 87 35.66 -18.21 -8.71
N PHE F 88 35.14 -19.27 -8.11
CA PHE F 88 36.08 -20.33 -7.57
C PHE F 88 35.63 -21.76 -7.76
N ARG F 89 34.45 -21.95 -8.29
CA ARG F 89 33.84 -23.28 -8.32
C ARG F 89 33.80 -23.93 -6.94
N LEU F 90 33.64 -23.16 -5.88
CA LEU F 90 33.42 -23.76 -4.57
C LEU F 90 31.90 -23.90 -4.29
N PRO F 91 31.49 -25.15 -3.97
CA PRO F 91 30.07 -25.48 -3.93
C PRO F 91 29.38 -25.25 -2.54
N PHE F 92 29.78 -24.20 -1.84
CA PHE F 92 29.34 -23.99 -0.47
C PHE F 92 28.81 -22.59 -0.21
N GLY F 93 28.39 -21.90 -1.27
CA GLY F 93 27.89 -20.54 -1.15
C GLY F 93 26.77 -20.42 -0.13
N ALA F 94 25.81 -21.36 -0.22
CA ALA F 94 24.58 -21.27 0.60
C ALA F 94 24.84 -21.63 2.09
N VAL F 95 25.48 -22.78 2.27
CA VAL F 95 25.85 -23.28 3.60
C VAL F 95 26.80 -22.30 4.34
N PHE F 96 27.66 -21.62 3.57
CA PHE F 96 28.51 -20.54 4.03
C PHE F 96 27.68 -19.47 4.69
N ALA F 97 26.76 -18.89 3.90
CA ALA F 97 25.87 -17.82 4.34
C ALA F 97 25.03 -18.30 5.52
N VAL F 98 24.37 -19.43 5.30
CA VAL F 98 23.38 -19.93 6.22
C VAL F 98 23.94 -20.22 7.56
N LEU F 99 25.15 -20.82 7.59
CA LEU F 99 25.80 -21.21 8.83
C LEU F 99 26.13 -19.96 9.60
N GLY F 100 26.77 -19.01 8.92
CA GLY F 100 26.97 -17.66 9.43
C GLY F 100 25.77 -17.08 10.10
N LEU F 101 24.64 -17.00 9.39
CA LEU F 101 23.39 -16.53 10.00
C LEU F 101 23.12 -17.30 11.29
N MET F 102 23.02 -18.63 11.19
CA MET F 102 22.88 -19.47 12.37
C MET F 102 23.83 -19.13 13.51
N ILE F 103 25.10 -18.97 13.23
CA ILE F 103 26.07 -18.73 14.31
C ILE F 103 25.87 -17.36 14.96
N GLY F 104 25.75 -16.34 14.11
CA GLY F 104 25.29 -15.00 14.48
C GLY F 104 24.08 -15.02 15.41
N GLU F 105 23.05 -15.74 15.00
CA GLU F 105 21.82 -15.85 15.77
C GLU F 105 22.08 -16.58 17.06
N TRP F 106 22.51 -17.82 16.98
CA TRP F 106 22.71 -18.64 18.16
C TRP F 106 23.56 -18.00 19.24
N ILE F 107 24.68 -17.38 18.85
CA ILE F 107 25.49 -16.68 19.86
C ILE F 107 24.63 -15.64 20.58
N ASN F 108 23.84 -14.88 19.82
CA ASN F 108 22.98 -13.89 20.42
C ASN F 108 21.87 -14.46 21.34
N ARG F 109 21.21 -15.54 20.92
CA ARG F 109 20.11 -16.06 21.72
C ARG F 109 20.66 -16.56 23.05
N TYR F 110 21.80 -17.22 22.99
CA TYR F 110 22.38 -17.77 24.19
C TYR F 110 23.05 -16.72 25.05
N VAL F 111 23.89 -15.89 24.47
CA VAL F 111 24.66 -14.95 25.28
C VAL F 111 23.78 -13.76 25.69
N ASN F 112 22.82 -13.36 24.85
CA ASN F 112 22.03 -12.17 25.15
C ASN F 112 20.57 -12.32 25.54
N PHE F 113 19.72 -12.75 24.59
CA PHE F 113 18.32 -13.07 24.88
C PHE F 113 18.17 -13.85 26.19
N TRP F 114 19.10 -14.79 26.44
CA TRP F 114 19.08 -15.60 27.65
C TRP F 114 20.08 -15.07 28.69
N GLY F 115 21.36 -14.89 28.32
CA GLY F 115 22.39 -14.51 29.30
C GLY F 115 22.25 -13.09 29.85
N TRP F 116 21.69 -12.19 29.06
CA TRP F 116 21.45 -10.83 29.53
C TRP F 116 20.03 -10.72 30.06
N THR F 117 19.04 -11.05 29.27
CA THR F 117 17.68 -10.76 29.67
C THR F 117 16.85 -11.97 30.14
N TYR F 118 17.51 -13.12 30.27
CA TYR F 118 16.95 -14.31 30.87
C TYR F 118 15.68 -14.92 30.26
N PHE F 119 15.44 -14.73 28.97
CA PHE F 119 14.40 -15.50 28.30
C PHE F 119 14.95 -16.90 27.98
N PRO F 120 14.21 -17.95 28.37
CA PRO F 120 14.66 -19.32 28.13
C PRO F 120 14.81 -19.67 26.62
N ILE F 121 15.75 -20.55 26.33
CA ILE F 121 16.11 -20.89 24.96
C ILE F 121 14.92 -21.44 24.19
N SER F 122 13.99 -22.07 24.89
CA SER F 122 12.81 -22.58 24.19
C SER F 122 11.95 -21.43 23.64
N LEU F 123 12.19 -20.21 24.10
CA LEU F 123 11.41 -19.10 23.61
C LEU F 123 12.06 -18.47 22.37
N VAL F 124 13.39 -18.50 22.33
CA VAL F 124 14.11 -17.56 21.47
C VAL F 124 14.99 -18.21 20.46
N PHE F 125 14.90 -19.54 20.30
CA PHE F 125 15.80 -20.27 19.39
C PHE F 125 15.47 -20.02 17.93
N PRO F 126 16.49 -20.06 17.04
CA PRO F 126 16.35 -19.64 15.65
C PRO F 126 15.77 -20.72 14.72
N SER F 127 15.33 -20.32 13.54
CA SER F 127 14.85 -21.28 12.52
C SER F 127 16.00 -22.09 11.91
N ALA F 128 15.71 -23.38 11.74
CA ALA F 128 16.62 -24.35 11.17
C ALA F 128 16.81 -24.10 9.67
N MET F 129 18.05 -23.93 9.23
CA MET F 129 18.27 -23.66 7.81
C MET F 129 19.38 -24.40 7.07
N ILE F 130 20.23 -25.14 7.76
CA ILE F 130 21.31 -25.82 7.07
C ILE F 130 20.75 -26.75 6.00
N VAL F 131 19.75 -27.56 6.34
CA VAL F 131 19.28 -28.53 5.37
C VAL F 131 18.82 -27.95 4.00
N PRO F 132 17.97 -26.92 4.03
CA PRO F 132 17.65 -26.37 2.72
C PRO F 132 18.82 -25.71 2.02
N ALA F 133 19.72 -25.06 2.76
CA ALA F 133 21.03 -24.62 2.23
C ALA F 133 21.86 -25.74 1.57
N ILE F 134 21.83 -26.94 2.11
CA ILE F 134 22.58 -28.03 1.48
C ILE F 134 21.95 -28.40 0.13
N TRP F 135 20.65 -28.61 0.11
CA TRP F 135 19.95 -28.86 -1.16
C TRP F 135 20.28 -27.82 -2.20
N LEU F 136 20.29 -26.55 -1.77
CA LEU F 136 20.64 -25.44 -2.65
C LEU F 136 22.06 -25.55 -3.18
N ASP F 137 23.02 -25.75 -2.27
CA ASP F 137 24.41 -25.90 -2.67
C ASP F 137 24.69 -27.07 -3.59
N VAL F 138 24.19 -28.27 -3.28
CA VAL F 138 24.50 -29.39 -4.18
C VAL F 138 23.73 -29.39 -5.50
N ILE F 139 22.50 -28.85 -5.55
CA ILE F 139 21.86 -28.68 -6.86
C ILE F 139 22.79 -27.83 -7.77
N LEU F 140 23.36 -26.77 -7.24
CA LEU F 140 24.31 -26.02 -8.05
C LEU F 140 25.57 -26.87 -8.37
N LEU F 141 26.02 -27.71 -7.44
CA LEU F 141 27.19 -28.55 -7.69
C LEU F 141 26.98 -29.53 -8.84
N LEU F 142 25.82 -30.19 -8.86
CA LEU F 142 25.55 -31.26 -9.83
C LEU F 142 25.26 -30.73 -11.21
N SER F 143 24.74 -29.52 -11.28
CA SER F 143 24.45 -28.89 -12.56
C SER F 143 24.96 -27.50 -12.39
N GLY F 144 26.09 -27.19 -13.02
CA GLY F 144 26.77 -25.90 -12.82
C GLY F 144 25.95 -24.73 -13.35
N SER F 145 24.64 -24.93 -13.40
CA SER F 145 23.67 -23.96 -13.82
C SER F 145 23.03 -23.24 -12.64
N TYR F 146 23.11 -21.93 -12.63
CA TYR F 146 22.33 -21.12 -11.73
C TYR F 146 20.86 -21.08 -12.16
N VAL F 147 20.57 -21.33 -13.43
CA VAL F 147 19.18 -21.33 -13.91
C VAL F 147 18.39 -22.55 -13.40
N ILE F 148 19.00 -23.73 -13.53
CA ILE F 148 18.47 -24.94 -12.88
C ILE F 148 18.38 -24.77 -11.35
N THR F 149 19.41 -24.16 -10.77
CA THR F 149 19.41 -24.00 -9.34
C THR F 149 18.31 -23.06 -8.89
N ALA F 150 18.24 -21.89 -9.52
CA ALA F 150 17.14 -20.95 -9.37
C ALA F 150 15.76 -21.62 -9.37
N VAL F 151 15.55 -22.60 -10.25
CA VAL F 151 14.27 -23.31 -10.30
C VAL F 151 14.24 -24.44 -9.28
N VAL F 152 14.82 -25.57 -9.62
CA VAL F 152 14.63 -26.73 -8.73
C VAL F 152 15.39 -26.59 -7.38
N GLY F 153 16.63 -26.05 -7.43
CA GLY F 153 17.42 -25.83 -6.23
C GLY F 153 16.65 -25.07 -5.17
N SER F 154 16.00 -23.98 -5.60
CA SER F 154 15.24 -23.13 -4.68
C SER F 154 13.79 -23.58 -4.43
N LEU F 155 13.32 -24.59 -5.16
CA LEU F 155 12.00 -25.14 -4.85
C LEU F 155 12.17 -26.14 -3.73
N GLY F 156 13.30 -26.83 -3.75
CA GLY F 156 13.66 -27.73 -2.64
C GLY F 156 13.88 -26.94 -1.38
N TRP F 157 14.59 -25.81 -1.52
CA TRP F 157 14.80 -24.81 -0.44
C TRP F 157 13.48 -24.57 0.26
N GLY F 158 12.51 -24.08 -0.50
CA GLY F 158 11.16 -23.87 0.02
C GLY F 158 10.60 -25.09 0.75
N LEU F 159 10.30 -26.14 -0.01
CA LEU F 159 9.80 -27.42 0.53
C LEU F 159 10.49 -27.91 1.79
N LEU F 160 11.81 -27.91 1.79
CA LEU F 160 12.55 -28.51 2.92
C LEU F 160 12.51 -27.74 4.22
N PHE F 161 11.93 -26.53 4.20
CA PHE F 161 12.05 -25.64 5.33
C PHE F 161 11.39 -26.22 6.58
N TYR F 162 10.08 -26.40 6.47
CA TYR F 162 9.30 -26.85 7.60
C TYR F 162 9.77 -28.23 8.09
N PRO F 163 9.92 -29.25 7.20
CA PRO F 163 10.30 -30.53 7.77
C PRO F 163 11.65 -30.49 8.49
N ASN F 164 12.54 -29.62 8.08
CA ASN F 164 13.82 -29.59 8.75
C ASN F 164 13.71 -28.84 10.09
N ASN F 165 12.58 -28.15 10.26
CA ASN F 165 12.28 -27.42 11.51
C ASN F 165 11.48 -28.20 12.52
N TRP F 166 10.62 -29.08 12.01
CA TRP F 166 9.80 -29.95 12.84
C TRP F 166 10.49 -30.60 14.08
N PRO F 167 11.66 -31.26 13.91
CA PRO F 167 12.26 -31.87 15.11
C PRO F 167 12.50 -30.91 16.27
N ALA F 168 12.73 -29.64 16.00
CA ALA F 168 13.07 -28.63 17.01
C ALA F 168 11.83 -27.98 17.61
N ILE F 169 10.74 -28.10 16.88
CA ILE F 169 9.57 -27.28 17.07
C ILE F 169 8.41 -28.04 17.69
N ALA F 170 8.37 -29.35 17.41
CA ALA F 170 7.19 -30.20 17.70
C ALA F 170 6.86 -30.42 19.19
N ALA F 171 7.89 -30.42 20.04
CA ALA F 171 7.69 -30.58 21.49
C ALA F 171 6.74 -29.53 22.00
N PHE F 172 6.85 -28.34 21.43
CA PHE F 172 6.07 -27.17 21.82
C PHE F 172 4.74 -27.09 21.13
N HIS F 173 4.39 -28.09 20.32
CA HIS F 173 3.05 -28.11 19.72
C HIS F 173 2.16 -29.13 20.36
N GLN F 174 2.71 -29.72 21.43
CA GLN F 174 1.91 -30.44 22.43
C GLN F 174 0.87 -29.50 23.05
N ALA F 175 -0.28 -30.07 23.41
CA ALA F 175 -1.38 -29.32 23.91
C ALA F 175 -1.41 -29.25 25.44
N THR F 176 -2.01 -28.18 25.93
CA THR F 176 -2.21 -27.99 27.35
C THR F 176 -3.52 -27.25 27.54
N GLU F 177 -4.23 -27.58 28.62
CA GLU F 177 -5.45 -26.87 28.93
C GLU F 177 -5.17 -25.91 30.04
N GLN F 178 -5.32 -24.63 29.75
CA GLN F 178 -5.14 -23.63 30.76
C GLN F 178 -6.46 -22.94 30.95
N HIS F 179 -6.99 -23.01 32.17
CA HIS F 179 -8.17 -22.30 32.59
C HIS F 179 -9.31 -22.40 31.62
N GLY F 180 -9.53 -23.62 31.12
CA GLY F 180 -10.69 -23.93 30.28
C GLY F 180 -10.45 -23.74 28.80
N GLN F 181 -9.20 -23.52 28.41
CA GLN F 181 -8.89 -23.03 27.09
C GLN F 181 -7.67 -23.74 26.56
N LEU F 182 -7.70 -24.07 25.27
CA LEU F 182 -6.58 -24.78 24.66
C LEU F 182 -5.45 -23.84 24.27
N MET F 183 -4.23 -24.26 24.58
CA MET F 183 -3.02 -23.53 24.21
C MET F 183 -1.94 -24.55 23.79
N THR F 184 -1.06 -24.14 22.88
CA THR F 184 0.15 -24.91 22.68
C THR F 184 1.17 -24.60 23.78
N LEU F 185 2.15 -25.49 23.99
CA LEU F 185 3.23 -25.14 24.88
C LEU F 185 3.94 -23.88 24.41
N ALA F 186 3.87 -23.61 23.09
CA ALA F 186 4.55 -22.43 22.53
C ALA F 186 3.82 -21.14 22.95
N ASP F 187 2.49 -21.17 22.89
CA ASP F 187 1.68 -20.10 23.38
C ASP F 187 2.03 -19.83 24.84
N LEU F 188 2.17 -20.91 25.59
CA LEU F 188 2.38 -20.83 27.03
C LEU F 188 3.74 -20.26 27.37
N ILE F 189 4.73 -20.58 26.56
CA ILE F 189 6.06 -20.05 26.82
C ILE F 189 6.05 -18.55 26.56
N GLY F 190 5.42 -18.16 25.46
CA GLY F 190 5.04 -16.76 25.20
C GLY F 190 4.34 -16.07 26.37
N LEU F 191 3.18 -16.61 26.84
CA LEU F 191 2.46 -15.99 27.98
C LEU F 191 3.32 -15.90 29.25
N HIS F 192 4.06 -16.96 29.56
CA HIS F 192 4.77 -17.10 30.86
C HIS F 192 5.95 -16.14 30.99
N PHE F 193 6.85 -16.19 30.03
CA PHE F 193 8.09 -15.46 30.13
C PHE F 193 7.99 -14.02 29.62
N VAL F 194 7.38 -13.17 30.43
CA VAL F 194 6.76 -11.93 29.96
C VAL F 194 7.72 -11.01 29.21
N ARG F 195 7.41 -10.75 27.95
CA ARG F 195 8.08 -9.68 27.19
C ARG F 195 7.27 -8.34 27.29
N THR F 196 7.93 -7.20 27.38
CA THR F 196 7.20 -5.95 27.60
C THR F 196 6.37 -5.48 26.40
N SER F 197 6.84 -5.83 25.19
CA SER F 197 6.30 -5.28 23.96
C SER F 197 5.97 -6.36 22.96
N MET F 198 5.23 -7.37 23.42
CA MET F 198 4.85 -8.50 22.56
C MET F 198 3.40 -8.95 22.76
N PRO F 199 2.45 -8.00 22.62
CA PRO F 199 1.01 -8.29 22.72
C PRO F 199 0.60 -9.28 21.68
N GLU F 200 -0.11 -10.33 22.10
CA GLU F 200 -0.60 -11.42 21.22
C GLU F 200 -1.57 -10.71 20.31
N TYR F 201 -1.18 -10.46 19.08
CA TYR F 201 -1.97 -9.61 18.14
C TYR F 201 -1.07 -8.87 17.19
N ILE F 202 0.13 -8.59 17.68
CA ILE F 202 1.17 -8.05 16.87
C ILE F 202 1.70 -9.21 16.05
N ARG F 203 1.43 -10.43 16.48
CA ARG F 203 2.02 -11.65 15.92
C ARG F 203 2.16 -11.82 14.40
N MET F 204 1.04 -11.93 13.69
CA MET F 204 1.17 -12.33 12.26
C MET F 204 1.54 -13.81 12.20
N VAL F 205 0.52 -14.59 12.52
CA VAL F 205 0.53 -16.00 12.46
C VAL F 205 -0.87 -16.32 11.97
N GLU F 206 -1.03 -17.52 11.43
CA GLU F 206 -2.28 -18.01 10.91
C GLU F 206 -3.42 -17.84 11.92
N ARG F 207 -4.56 -17.32 11.45
CA ARG F 207 -5.69 -17.11 12.33
C ARG F 207 -6.96 -17.75 11.73
N GLY F 208 -6.80 -18.46 10.62
CA GLY F 208 -7.93 -19.12 9.98
C GLY F 208 -8.53 -18.27 8.91
N THR F 209 -9.24 -18.86 7.94
CA THR F 209 -9.92 -18.13 6.88
C THR F 209 -11.02 -19.01 6.33
N LEU F 210 -12.07 -18.43 5.78
CA LEU F 210 -13.10 -19.23 5.13
C LEU F 210 -12.65 -19.81 3.80
N ARG F 211 -11.47 -19.41 3.32
CA ARG F 211 -10.99 -19.87 2.02
C ARG F 211 -9.90 -20.94 2.16
N THR F 212 -9.80 -21.56 3.34
CA THR F 212 -8.96 -22.73 3.50
C THR F 212 -9.84 -23.95 3.35
N PHE F 213 -9.39 -24.90 2.54
CA PHE F 213 -10.06 -26.18 2.41
C PHE F 213 -8.98 -27.25 2.67
N GLY F 214 -9.24 -28.20 3.58
CA GLY F 214 -8.15 -28.97 4.24
C GLY F 214 -7.65 -28.08 5.37
N LYS F 215 -6.71 -28.50 6.22
CA LYS F 215 -5.89 -29.71 6.22
C LYS F 215 -4.62 -29.58 5.39
N ASP F 216 -4.59 -28.60 4.50
CA ASP F 216 -3.46 -28.40 3.61
C ASP F 216 -2.52 -27.22 3.93
N VAL F 217 -2.66 -26.61 5.11
CA VAL F 217 -1.98 -25.32 5.41
C VAL F 217 -0.45 -25.35 5.26
N VAL F 218 0.22 -26.35 5.81
CA VAL F 218 1.67 -26.37 5.69
C VAL F 218 2.17 -26.71 4.29
N PRO F 219 1.57 -27.73 3.62
CA PRO F 219 1.98 -27.98 2.24
C PRO F 219 1.87 -26.77 1.28
N VAL F 220 0.76 -26.01 1.27
CA VAL F 220 0.70 -24.90 0.32
C VAL F 220 1.63 -23.78 0.72
N ALA F 221 1.91 -23.66 2.03
CA ALA F 221 2.91 -22.68 2.47
C ALA F 221 4.28 -23.03 1.89
N ALA F 222 4.61 -24.32 1.94
CA ALA F 222 5.89 -24.81 1.50
C ALA F 222 6.01 -24.56 -0.01
N PHE F 223 4.94 -24.81 -0.75
CA PHE F 223 5.00 -24.70 -2.21
C PHE F 223 5.13 -23.26 -2.59
N PHE F 224 4.18 -22.44 -2.15
CA PHE F 224 4.33 -21.00 -2.23
C PHE F 224 5.77 -20.48 -1.94
N SER F 225 6.38 -20.86 -0.81
CA SER F 225 7.73 -20.36 -0.50
C SER F 225 8.74 -20.74 -1.58
N GLY F 226 8.61 -21.97 -2.07
CA GLY F 226 9.52 -22.53 -3.07
C GLY F 226 9.48 -21.80 -4.37
N PHE F 227 8.25 -21.55 -4.84
CA PHE F 227 8.02 -20.83 -6.07
C PHE F 227 8.49 -19.37 -5.94
N VAL F 228 8.11 -18.67 -4.86
CA VAL F 228 8.50 -17.27 -4.74
C VAL F 228 10.02 -17.17 -4.60
N SER F 229 10.63 -18.09 -3.86
CA SER F 229 12.09 -18.08 -3.72
C SER F 229 12.84 -18.10 -5.08
N MET F 230 12.26 -18.73 -6.10
CA MET F 230 12.87 -18.75 -7.44
C MET F 230 13.20 -17.36 -7.92
N MET F 231 12.17 -16.50 -7.91
CA MET F 231 12.30 -15.08 -8.28
C MET F 231 13.32 -14.35 -7.47
N VAL F 232 13.15 -14.41 -6.16
CA VAL F 232 14.16 -13.91 -5.20
C VAL F 232 15.55 -14.42 -5.51
N TYR F 233 15.73 -15.73 -5.66
CA TYR F 233 17.05 -16.31 -6.00
C TYR F 233 17.62 -15.71 -7.29
N PHE F 234 16.79 -15.62 -8.35
CA PHE F 234 17.26 -15.05 -9.61
C PHE F 234 17.84 -13.72 -9.33
N LEU F 235 17.03 -12.84 -8.75
CA LEU F 235 17.43 -11.46 -8.54
C LEU F 235 18.72 -11.37 -7.70
N TRP F 236 18.78 -12.16 -6.65
CA TRP F 236 19.86 -12.09 -5.68
C TRP F 236 21.17 -12.71 -6.15
N TRP F 237 21.08 -13.64 -7.10
CA TRP F 237 22.23 -14.11 -7.83
C TRP F 237 22.89 -12.93 -8.56
N PHE F 238 22.09 -12.15 -9.28
CA PHE F 238 22.65 -11.06 -10.05
C PHE F 238 23.21 -9.94 -9.20
N MET F 239 22.60 -9.75 -8.03
CA MET F 239 23.10 -8.84 -7.01
C MET F 239 24.49 -9.32 -6.54
N GLY F 240 24.63 -10.62 -6.36
CA GLY F 240 25.89 -11.20 -5.97
C GLY F 240 26.92 -10.91 -7.03
N ARG F 241 26.47 -10.95 -8.29
CA ARG F 241 27.32 -10.62 -9.41
C ARG F 241 27.76 -9.17 -9.35
N TRP F 242 26.82 -8.28 -9.06
CA TRP F 242 27.08 -6.84 -9.04
C TRP F 242 27.93 -6.41 -7.84
N TYR F 243 27.72 -7.05 -6.69
CA TYR F 243 28.60 -6.87 -5.51
C TYR F 243 30.02 -7.39 -5.72
N SER F 244 30.13 -8.32 -6.67
CA SER F 244 31.38 -8.95 -7.08
C SER F 244 32.26 -8.04 -7.93
N THR F 245 31.70 -6.90 -8.38
CA THR F 245 32.34 -6.00 -9.36
C THR F 245 33.79 -5.53 -9.07
N THR F 246 34.62 -5.56 -10.10
CA THR F 246 36.01 -5.14 -10.00
C THR F 246 36.27 -3.78 -10.69
N LYS F 247 35.23 -2.98 -10.85
CA LYS F 247 35.30 -1.70 -11.55
C LYS F 247 35.95 -0.56 -10.76
N ARG F 248 36.83 0.21 -11.41
CA ARG F 248 37.33 1.48 -10.84
C ARG F 248 36.54 2.63 -11.48
N ILE F 249 36.34 3.73 -10.77
CA ILE F 249 35.48 4.79 -11.33
C ILE F 249 36.05 6.19 -11.63
N GLU F 250 37.27 6.50 -11.18
CA GLU F 250 37.96 7.79 -11.58
C GLU F 250 37.48 9.12 -10.93
N GLN F 251 36.17 9.32 -10.78
CA GLN F 251 35.65 10.53 -10.11
C GLN F 251 34.86 10.21 -8.83
N ILE F 252 35.00 11.03 -7.78
CA ILE F 252 34.01 10.99 -6.67
C ILE F 252 33.48 12.37 -6.31
N GLU G 16 16.05 -34.25 -51.83
CA GLU G 16 15.95 -33.15 -50.85
C GLU G 16 14.79 -32.26 -51.18
N SER G 17 14.20 -31.76 -50.11
CA SER G 17 13.25 -30.68 -50.13
C SER G 17 13.55 -29.95 -48.83
N VAL G 18 13.81 -28.65 -48.92
CA VAL G 18 14.16 -27.87 -47.72
C VAL G 18 12.92 -27.73 -46.80
N VAL G 19 11.75 -27.67 -47.42
CA VAL G 19 10.48 -27.60 -46.74
C VAL G 19 9.85 -29.00 -46.68
N ASP G 20 9.64 -29.55 -45.49
CA ASP G 20 8.86 -30.78 -45.37
C ASP G 20 7.47 -30.56 -44.80
N LEU G 21 7.38 -30.41 -43.47
CA LEU G 21 6.11 -30.10 -42.79
C LEU G 21 5.28 -31.27 -42.27
N ARG G 22 5.56 -32.50 -42.72
CA ARG G 22 4.83 -33.68 -42.19
C ARG G 22 4.85 -33.69 -40.64
N GLY G 23 6.04 -33.56 -40.07
CA GLY G 23 6.25 -33.59 -38.62
C GLY G 23 5.34 -32.63 -37.90
N MET G 24 5.23 -31.42 -38.46
CA MET G 24 4.32 -30.39 -37.97
C MET G 24 2.86 -30.86 -37.96
N TRP G 25 2.34 -31.30 -39.10
CA TRP G 25 0.93 -31.71 -39.17
C TRP G 25 0.62 -32.86 -38.18
N ILE G 26 1.59 -33.73 -37.98
CA ILE G 26 1.48 -34.84 -37.04
C ILE G 26 1.33 -34.32 -35.62
N GLY G 27 2.27 -33.45 -35.25
CA GLY G 27 2.26 -32.77 -33.96
C GLY G 27 1.02 -31.95 -33.76
N LEU G 28 0.55 -31.27 -34.82
CA LEU G 28 -0.70 -30.49 -34.75
C LEU G 28 -1.98 -31.31 -34.59
N ALA G 29 -2.17 -32.30 -35.46
CA ALA G 29 -3.34 -33.18 -35.38
C ALA G 29 -3.37 -33.93 -34.05
N VAL G 30 -2.26 -34.58 -33.71
CA VAL G 30 -2.14 -35.29 -32.42
C VAL G 30 -2.46 -34.36 -31.22
N LEU G 31 -1.93 -33.15 -31.23
CA LEU G 31 -2.14 -32.19 -30.14
C LEU G 31 -3.54 -31.62 -30.07
N ASN G 32 -4.07 -31.17 -31.21
CA ASN G 32 -5.44 -30.69 -31.26
C ASN G 32 -6.53 -31.71 -30.99
N VAL G 33 -6.41 -32.96 -31.49
CA VAL G 33 -7.47 -33.96 -31.18
C VAL G 33 -7.39 -34.37 -29.72
N PHE G 34 -6.19 -34.33 -29.16
CA PHE G 34 -6.03 -34.68 -27.76
C PHE G 34 -6.79 -33.72 -26.85
N TYR G 35 -6.54 -32.42 -27.01
CA TYR G 35 -7.26 -31.40 -26.25
C TYR G 35 -8.77 -31.38 -26.50
N LEU G 36 -9.19 -31.78 -27.70
CA LEU G 36 -10.60 -31.90 -28.01
C LEU G 36 -11.23 -33.03 -27.21
N ILE G 37 -10.50 -34.13 -27.12
CA ILE G 37 -10.88 -35.25 -26.24
C ILE G 37 -10.96 -34.78 -24.79
N VAL G 38 -9.93 -34.07 -24.34
CA VAL G 38 -9.93 -33.47 -23.00
C VAL G 38 -11.12 -32.52 -22.76
N ARG G 39 -11.48 -31.72 -23.76
CA ARG G 39 -12.64 -30.84 -23.60
C ARG G 39 -13.94 -31.60 -23.55
N ILE G 40 -14.09 -32.59 -24.44
CA ILE G 40 -15.27 -33.46 -24.37
C ILE G 40 -15.35 -34.20 -23.04
N TYR G 41 -14.23 -34.80 -22.64
CA TYR G 41 -14.13 -35.47 -21.34
C TYR G 41 -14.55 -34.60 -20.16
N GLU G 42 -14.18 -33.33 -20.16
CA GLU G 42 -14.58 -32.46 -19.04
C GLU G 42 -16.07 -31.96 -19.16
N GLN G 43 -16.59 -31.81 -20.37
CA GLN G 43 -18.03 -31.51 -20.54
C GLN G 43 -18.88 -32.61 -19.96
N VAL G 44 -18.46 -33.86 -20.20
CA VAL G 44 -19.17 -35.05 -19.69
C VAL G 44 -18.95 -35.30 -18.17
N PHE G 45 -17.69 -35.40 -17.75
CA PHE G 45 -17.36 -35.70 -16.36
C PHE G 45 -17.12 -34.50 -15.48
N GLY G 46 -17.25 -33.30 -16.05
CA GLY G 46 -17.24 -32.10 -15.24
C GLY G 46 -18.43 -32.15 -14.32
N TRP G 47 -19.62 -32.32 -14.90
CA TRP G 47 -20.83 -32.66 -14.13
C TRP G 47 -20.95 -34.13 -13.80
N ARG G 48 -21.44 -34.39 -12.60
CA ARG G 48 -21.59 -35.79 -12.18
C ARG G 48 -20.24 -36.47 -12.24
N ALA G 49 -19.26 -35.85 -11.60
CA ALA G 49 -17.94 -36.43 -11.29
C ALA G 49 -17.07 -35.36 -10.63
N GLY G 50 -17.13 -34.14 -11.16
CA GLY G 50 -16.20 -33.10 -10.76
C GLY G 50 -16.68 -32.04 -9.77
N LEU G 51 -17.96 -32.06 -9.41
CA LEU G 51 -18.56 -31.05 -8.53
C LEU G 51 -18.25 -31.25 -7.05
N ASP G 52 -18.04 -32.50 -6.66
CA ASP G 52 -17.76 -32.83 -5.27
C ASP G 52 -16.52 -33.68 -5.13
N SER G 53 -15.48 -33.10 -4.55
CA SER G 53 -14.15 -33.69 -4.60
C SER G 53 -13.97 -34.67 -3.49
N PHE G 54 -15.01 -34.83 -2.69
CA PHE G 54 -15.02 -35.80 -1.60
C PHE G 54 -15.60 -37.15 -2.03
N ALA G 55 -16.38 -37.11 -3.13
CA ALA G 55 -17.00 -38.30 -3.73
C ALA G 55 -15.93 -39.21 -4.28
N PRO G 56 -16.22 -40.53 -4.37
CA PRO G 56 -15.31 -41.49 -4.98
C PRO G 56 -15.14 -41.27 -6.48
N GLU G 57 -16.16 -40.73 -7.14
CA GLU G 57 -16.12 -40.47 -8.56
C GLU G 57 -14.98 -39.53 -8.90
N PHE G 58 -14.68 -38.62 -7.97
CA PHE G 58 -13.59 -37.67 -8.13
C PHE G 58 -12.26 -38.38 -8.24
N GLN G 59 -12.05 -39.39 -7.41
CA GLN G 59 -10.89 -40.29 -7.53
C GLN G 59 -10.81 -41.02 -8.89
N THR G 60 -11.90 -41.61 -9.31
CA THR G 60 -11.82 -42.45 -10.50
C THR G 60 -11.75 -41.66 -11.80
N TYR G 61 -12.31 -40.44 -11.80
CA TYR G 61 -12.37 -39.63 -13.04
C TYR G 61 -11.45 -38.43 -13.11
N TRP G 62 -11.03 -37.89 -11.96
CA TRP G 62 -10.24 -36.67 -11.95
C TRP G 62 -8.84 -36.82 -11.37
N MET G 63 -8.74 -37.43 -10.19
CA MET G 63 -7.43 -37.67 -9.60
C MET G 63 -6.66 -38.74 -10.34
N SER G 64 -7.36 -39.53 -11.16
CA SER G 64 -6.71 -40.58 -11.95
C SER G 64 -5.87 -39.92 -13.04
N ILE G 65 -6.45 -38.89 -13.65
CA ILE G 65 -5.69 -38.00 -14.54
C ILE G 65 -4.47 -37.38 -13.85
N LEU G 66 -4.69 -36.68 -12.73
CA LEU G 66 -3.60 -35.98 -12.05
C LEU G 66 -2.41 -36.85 -11.67
N TRP G 67 -2.66 -37.92 -10.93
CA TRP G 67 -1.61 -38.83 -10.49
C TRP G 67 -0.87 -39.44 -11.66
N THR G 68 -1.57 -39.48 -12.80
CA THR G 68 -1.03 -40.10 -13.99
C THR G 68 -0.21 -39.13 -14.84
N GLU G 69 -0.76 -37.94 -15.10
CA GLU G 69 -0.15 -37.01 -16.05
C GLU G 69 1.20 -36.40 -15.63
N ILE G 70 1.34 -36.07 -14.35
CA ILE G 70 2.60 -35.51 -13.84
C ILE G 70 3.82 -36.38 -14.16
N PRO G 71 3.83 -37.68 -13.75
CA PRO G 71 4.99 -38.54 -14.13
C PRO G 71 5.16 -38.72 -15.64
N LEU G 72 4.04 -38.87 -16.34
CA LEU G 72 4.03 -38.96 -17.80
C LEU G 72 4.65 -37.74 -18.48
N GLU G 73 4.29 -36.55 -18.03
CA GLU G 73 4.89 -35.32 -18.57
C GLU G 73 6.36 -35.19 -18.17
N LEU G 74 6.68 -35.48 -16.91
CA LEU G 74 8.07 -35.45 -16.44
C LEU G 74 9.03 -36.39 -17.21
N VAL G 75 8.59 -37.62 -17.47
CA VAL G 75 9.35 -38.61 -18.25
C VAL G 75 9.47 -38.20 -19.72
N SER G 76 8.35 -37.73 -20.28
CA SER G 76 8.31 -37.20 -21.65
C SER G 76 9.25 -36.01 -21.83
N GLY G 77 9.42 -35.22 -20.79
CA GLY G 77 10.24 -34.02 -20.86
C GLY G 77 11.70 -34.35 -20.81
N LEU G 78 12.11 -35.12 -19.81
CA LEU G 78 13.50 -35.56 -19.68
C LEU G 78 13.87 -36.50 -20.82
N GLY G 79 12.91 -37.34 -21.24
CA GLY G 79 13.09 -38.27 -22.36
C GLY G 79 13.28 -37.60 -23.69
N LEU G 80 12.60 -36.48 -23.91
CA LEU G 80 12.72 -35.78 -25.17
C LEU G 80 14.05 -35.02 -25.25
N ALA G 81 14.36 -34.25 -24.22
CA ALA G 81 15.65 -33.58 -24.12
C ALA G 81 16.81 -34.57 -24.28
N GLY G 82 16.81 -35.62 -23.47
CA GLY G 82 17.88 -36.61 -23.48
C GLY G 82 18.09 -37.18 -24.86
N TYR G 83 17.00 -37.39 -25.59
CA TYR G 83 17.04 -37.93 -26.93
C TYR G 83 17.67 -36.93 -27.90
N LEU G 84 17.15 -35.69 -27.90
CA LEU G 84 17.68 -34.65 -28.80
C LEU G 84 19.17 -34.38 -28.58
N TRP G 85 19.65 -34.60 -27.36
CA TRP G 85 21.05 -34.44 -27.02
C TRP G 85 21.88 -35.63 -27.50
N LYS G 86 21.47 -36.85 -27.18
CA LYS G 86 22.16 -38.04 -27.72
C LYS G 86 22.22 -38.00 -29.26
N THR G 87 21.13 -37.65 -29.91
CA THR G 87 21.12 -37.51 -31.37
C THR G 87 21.59 -36.14 -31.88
N ARG G 88 22.28 -35.36 -31.05
CA ARG G 88 22.80 -34.06 -31.48
C ARG G 88 23.84 -34.18 -32.59
N ASP G 89 23.94 -33.14 -33.41
CA ASP G 89 24.95 -33.09 -34.46
C ASP G 89 26.31 -32.73 -33.88
N ARG G 90 27.14 -33.76 -33.63
CA ARG G 90 28.52 -33.57 -33.15
C ARG G 90 29.40 -32.83 -34.15
N ASN G 91 28.93 -32.78 -35.39
CA ASN G 91 29.64 -32.11 -36.46
C ASN G 91 28.82 -30.93 -37.02
N VAL G 92 28.44 -30.02 -36.13
CA VAL G 92 27.45 -29.01 -36.46
C VAL G 92 28.03 -27.83 -37.25
N ASP G 93 29.29 -27.51 -37.04
CA ASP G 93 29.90 -26.36 -37.73
C ASP G 93 30.12 -26.62 -39.22
N ALA G 94 30.10 -27.91 -39.56
CA ALA G 94 30.30 -28.40 -40.90
C ALA G 94 29.03 -28.41 -41.78
N VAL G 95 27.90 -27.91 -41.27
CA VAL G 95 26.60 -28.06 -41.94
C VAL G 95 26.47 -27.25 -43.23
N ALA G 96 26.07 -27.92 -44.31
CA ALA G 96 25.91 -27.28 -45.62
C ALA G 96 24.81 -26.24 -45.53
N PRO G 97 24.99 -25.06 -46.17
CA PRO G 97 23.95 -24.04 -46.25
C PRO G 97 22.53 -24.59 -46.45
N ARG G 98 22.35 -25.50 -47.40
CA ARG G 98 21.06 -26.10 -47.66
C ARG G 98 20.48 -26.83 -46.44
N GLU G 99 21.26 -27.74 -45.86
CA GLU G 99 20.83 -28.50 -44.66
C GLU G 99 20.54 -27.59 -43.45
N GLU G 100 21.30 -26.49 -43.32
CA GLU G 100 20.99 -25.48 -42.31
C GLU G 100 19.63 -24.83 -42.59
N MET G 101 19.38 -24.50 -43.85
CA MET G 101 18.07 -23.96 -44.22
C MET G 101 16.95 -24.95 -43.84
N ARG G 102 17.19 -26.23 -44.04
CA ARG G 102 16.20 -27.24 -43.70
C ARG G 102 16.00 -27.32 -42.18
N ARG G 103 17.11 -27.50 -41.47
CA ARG G 103 17.07 -27.62 -40.03
C ARG G 103 16.33 -26.43 -39.40
N LEU G 104 16.52 -25.22 -39.94
CA LEU G 104 15.82 -24.09 -39.36
C LEU G 104 14.36 -23.90 -39.87
N VAL G 105 14.00 -24.50 -41.01
CA VAL G 105 12.58 -24.65 -41.31
C VAL G 105 11.95 -25.60 -40.29
N VAL G 106 12.74 -26.59 -39.83
CA VAL G 106 12.25 -27.52 -38.80
C VAL G 106 12.09 -26.85 -37.43
N LEU G 107 13.00 -25.95 -37.09
CA LEU G 107 12.84 -25.16 -35.89
C LEU G 107 11.54 -24.38 -35.94
N VAL G 108 11.28 -23.73 -37.06
CA VAL G 108 10.04 -22.98 -37.26
C VAL G 108 8.83 -23.90 -37.14
N GLN G 109 8.97 -25.17 -37.53
CA GLN G 109 7.91 -26.16 -37.27
C GLN G 109 7.59 -26.31 -35.76
N TRP G 110 8.61 -26.73 -35.00
CA TRP G 110 8.58 -26.81 -33.55
C TRP G 110 7.92 -25.61 -32.95
N LEU G 111 8.35 -24.41 -33.38
CA LEU G 111 7.77 -23.14 -32.88
C LEU G 111 6.29 -22.94 -33.20
N VAL G 112 5.80 -23.53 -34.29
CA VAL G 112 4.37 -23.43 -34.61
C VAL G 112 3.58 -24.35 -33.70
N VAL G 113 4.15 -25.51 -33.41
CA VAL G 113 3.47 -26.45 -32.53
C VAL G 113 3.40 -25.76 -31.15
N TYR G 114 4.54 -25.21 -30.73
CA TYR G 114 4.61 -24.47 -29.48
C TYR G 114 3.61 -23.31 -29.47
N GLY G 115 3.45 -22.63 -30.60
CA GLY G 115 2.42 -21.58 -30.73
C GLY G 115 1.04 -22.08 -30.32
N ILE G 116 0.67 -23.23 -30.86
CA ILE G 116 -0.62 -23.84 -30.59
C ILE G 116 -0.73 -24.31 -29.13
N ALA G 117 0.33 -24.97 -28.64
CA ALA G 117 0.39 -25.43 -27.25
C ALA G 117 0.16 -24.27 -26.28
N ILE G 118 0.86 -23.16 -26.49
CA ILE G 118 0.66 -21.94 -25.73
C ILE G 118 -0.79 -21.48 -25.81
N TYR G 119 -1.40 -21.43 -27.02
CA TYR G 119 -2.80 -21.05 -27.11
C TYR G 119 -3.66 -21.91 -26.19
N TRP G 120 -3.57 -23.24 -26.32
CA TRP G 120 -4.38 -24.11 -25.48
C TRP G 120 -4.11 -23.92 -24.00
N GLY G 121 -2.83 -23.79 -23.66
CA GLY G 121 -2.42 -23.74 -22.28
C GLY G 121 -2.62 -22.43 -21.55
N ALA G 122 -2.37 -21.34 -22.26
CA ALA G 122 -2.41 -20.04 -21.64
C ALA G 122 -3.64 -19.24 -22.01
N SER G 123 -4.31 -19.59 -23.11
CA SER G 123 -5.60 -18.93 -23.37
C SER G 123 -6.83 -19.77 -23.02
N PHE G 124 -6.95 -20.95 -23.64
CA PHE G 124 -8.17 -21.77 -23.54
C PHE G 124 -8.47 -22.23 -22.12
N PHE G 125 -7.50 -22.94 -21.54
CA PHE G 125 -7.71 -23.60 -20.27
C PHE G 125 -7.51 -22.69 -19.13
N THR G 126 -6.75 -21.62 -19.34
CA THR G 126 -6.55 -20.64 -18.28
C THR G 126 -7.82 -19.83 -18.04
N GLU G 127 -8.38 -19.26 -19.11
CA GLU G 127 -9.65 -18.54 -18.97
C GLU G 127 -10.81 -19.46 -18.69
N GLN G 128 -10.66 -20.73 -19.05
CA GLN G 128 -11.65 -21.74 -18.70
C GLN G 128 -11.83 -21.82 -17.17
N ASP G 129 -10.70 -21.80 -16.45
CA ASP G 129 -10.72 -21.83 -15.01
C ASP G 129 -11.58 -20.68 -14.45
N GLY G 130 -11.74 -19.61 -15.24
CA GLY G 130 -12.50 -18.42 -14.88
C GLY G 130 -13.92 -18.74 -14.61
N ALA G 131 -14.56 -19.44 -15.55
CA ALA G 131 -15.99 -19.85 -15.45
C ALA G 131 -16.20 -20.88 -14.33
N TRP G 132 -15.21 -21.75 -14.08
CA TRP G 132 -15.36 -22.82 -13.09
C TRP G 132 -15.34 -22.25 -11.71
N HIS G 133 -14.51 -21.26 -11.49
CA HIS G 133 -14.54 -20.53 -10.23
C HIS G 133 -15.93 -20.00 -9.87
N MET G 134 -16.79 -19.79 -10.86
CA MET G 134 -18.16 -19.32 -10.62
C MET G 134 -19.18 -20.45 -10.57
N THR G 135 -18.67 -21.68 -10.63
CA THR G 135 -19.50 -22.86 -10.60
C THR G 135 -19.44 -23.62 -9.28
N VAL G 136 -18.26 -23.68 -8.66
CA VAL G 136 -18.09 -24.41 -7.41
C VAL G 136 -17.69 -23.51 -6.26
N ILE G 137 -17.61 -24.05 -5.06
CA ILE G 137 -16.97 -23.33 -3.95
C ILE G 137 -15.64 -24.00 -3.54
N ARG G 138 -15.21 -25.00 -4.29
CA ARG G 138 -13.88 -25.64 -4.13
C ARG G 138 -13.70 -26.50 -2.85
N ASP G 139 -13.75 -27.84 -3.01
CA ASP G 139 -13.41 -28.79 -1.94
C ASP G 139 -11.88 -28.83 -1.71
N THR G 140 -11.11 -28.36 -2.71
CA THR G 140 -9.71 -28.75 -2.95
C THR G 140 -8.97 -27.78 -3.89
N ASP G 141 -7.64 -27.75 -3.81
CA ASP G 141 -6.82 -27.10 -4.83
C ASP G 141 -7.02 -27.77 -6.20
N PHE G 142 -7.23 -29.09 -6.21
CA PHE G 142 -7.32 -29.87 -7.45
C PHE G 142 -8.76 -29.98 -8.03
N THR G 143 -9.26 -28.91 -8.64
CA THR G 143 -10.54 -28.96 -9.37
C THR G 143 -10.24 -29.45 -10.80
N PRO G 144 -11.26 -30.00 -11.49
CA PRO G 144 -11.04 -30.45 -12.88
C PRO G 144 -10.31 -29.41 -13.74
N SER G 145 -10.70 -28.16 -13.55
CA SER G 145 -10.15 -27.00 -14.21
C SER G 145 -8.67 -26.92 -14.00
N HIS G 146 -8.27 -26.89 -12.74
CA HIS G 146 -6.86 -26.96 -12.34
C HIS G 146 -6.07 -28.21 -12.79
N ILE G 147 -6.68 -29.39 -12.71
CA ILE G 147 -6.03 -30.63 -13.16
C ILE G 147 -5.61 -30.49 -14.63
N ILE G 148 -6.50 -30.00 -15.46
CA ILE G 148 -6.21 -29.78 -16.86
C ILE G 148 -5.27 -28.60 -17.08
N GLU G 149 -5.60 -27.44 -16.48
CA GLU G 149 -4.86 -26.19 -16.71
C GLU G 149 -3.44 -26.24 -16.16
N PHE G 150 -3.29 -26.27 -14.85
CA PHE G 150 -1.98 -26.25 -14.24
C PHE G 150 -1.13 -27.53 -14.37
N TYR G 151 -1.77 -28.70 -14.42
CA TYR G 151 -1.02 -29.95 -14.28
C TYR G 151 -0.92 -30.73 -15.57
N MET G 152 -1.63 -30.25 -16.60
CA MET G 152 -1.51 -30.84 -17.94
C MET G 152 -1.13 -29.84 -19.03
N SER G 153 -2.06 -28.94 -19.30
CA SER G 153 -1.99 -27.94 -20.34
C SER G 153 -0.70 -27.14 -20.33
N TYR G 154 -0.26 -26.68 -19.15
CA TYR G 154 1.01 -25.92 -18.99
C TYR G 154 2.26 -26.76 -19.13
N PRO G 155 2.38 -27.88 -18.40
CA PRO G 155 3.56 -28.72 -18.62
C PRO G 155 3.73 -29.19 -20.07
N ILE G 156 2.62 -29.39 -20.77
CA ILE G 156 2.75 -29.83 -22.14
C ILE G 156 3.53 -28.82 -22.95
N TYR G 157 3.14 -27.55 -22.91
CA TYR G 157 3.83 -26.55 -23.71
C TYR G 157 5.17 -26.20 -23.16
N SER G 158 5.31 -26.27 -21.86
CA SER G 158 6.64 -26.24 -21.27
C SER G 158 7.61 -27.30 -21.88
N VAL G 159 7.18 -28.57 -21.92
CA VAL G 159 7.91 -29.66 -22.57
C VAL G 159 8.27 -29.28 -24.02
N ILE G 160 7.24 -28.91 -24.79
CA ILE G 160 7.40 -28.60 -26.22
C ILE G 160 8.37 -27.46 -26.43
N ALA G 161 8.25 -26.44 -25.59
CA ALA G 161 9.22 -25.35 -25.60
C ALA G 161 10.64 -25.86 -25.34
N VAL G 162 10.83 -26.72 -24.34
CA VAL G 162 12.19 -27.23 -24.05
C VAL G 162 12.74 -28.03 -25.25
N GLY G 163 11.85 -28.75 -25.92
CA GLY G 163 12.20 -29.44 -27.16
C GLY G 163 12.65 -28.54 -28.30
N ALA G 164 11.89 -27.48 -28.60
CA ALA G 164 12.31 -26.49 -29.60
C ALA G 164 13.72 -25.95 -29.26
N PHE G 165 13.93 -25.61 -27.99
CA PHE G 165 15.21 -25.06 -27.56
C PHE G 165 16.34 -26.07 -27.77
N PHE G 166 16.12 -27.29 -27.32
CA PHE G 166 17.09 -28.36 -27.45
C PHE G 166 17.36 -28.74 -28.88
N TYR G 167 16.32 -28.76 -29.70
CA TYR G 167 16.53 -28.95 -31.12
C TYR G 167 17.44 -27.89 -31.74
N ALA G 168 17.20 -26.62 -31.41
CA ALA G 168 18.02 -25.53 -31.90
C ALA G 168 19.45 -25.61 -31.38
N LYS G 169 19.61 -25.88 -30.08
CA LYS G 169 20.95 -26.06 -29.46
C LYS G 169 21.73 -27.22 -30.05
N THR G 170 21.03 -28.19 -30.65
CA THR G 170 21.69 -29.41 -31.08
C THR G 170 21.78 -29.56 -32.60
N ARG G 171 21.11 -28.69 -33.35
CA ARG G 171 21.11 -28.79 -34.81
C ARG G 171 21.61 -27.56 -35.56
N ILE G 172 21.43 -26.38 -34.98
CA ILE G 172 21.81 -25.17 -35.69
C ILE G 172 23.05 -24.54 -35.06
N PRO G 173 24.12 -24.40 -35.87
CA PRO G 173 25.24 -23.66 -35.37
C PRO G 173 24.76 -22.22 -35.22
N TYR G 174 24.77 -21.74 -33.99
CA TYR G 174 24.33 -20.38 -33.66
C TYR G 174 23.60 -20.51 -32.35
N PHE G 175 22.71 -21.51 -32.31
CA PHE G 175 21.97 -21.84 -31.13
C PHE G 175 22.79 -22.82 -30.32
N ALA G 176 23.77 -23.45 -30.97
CA ALA G 176 24.82 -24.22 -30.29
C ALA G 176 25.88 -23.20 -29.91
N HIS G 177 26.77 -23.51 -28.96
CA HIS G 177 27.71 -22.45 -28.41
C HIS G 177 27.02 -21.06 -28.26
N GLY G 178 26.45 -20.84 -27.08
CA GLY G 178 25.79 -19.58 -26.85
C GLY G 178 24.71 -19.49 -25.79
N TYR G 179 23.63 -20.24 -26.00
CA TYR G 179 22.34 -19.93 -25.36
C TYR G 179 21.78 -18.60 -25.83
N SER G 180 20.75 -18.66 -26.68
CA SER G 180 20.03 -17.47 -27.08
C SER G 180 19.28 -16.93 -25.88
N LEU G 181 19.62 -15.72 -25.44
CA LEU G 181 18.96 -15.11 -24.28
C LEU G 181 17.44 -15.13 -24.41
N ALA G 182 16.94 -14.84 -25.63
CA ALA G 182 15.52 -14.82 -25.87
C ALA G 182 14.99 -16.20 -25.74
N PHE G 183 15.59 -17.16 -26.45
CA PHE G 183 15.20 -18.58 -26.32
C PHE G 183 15.30 -19.09 -24.85
N LEU G 184 16.24 -18.57 -24.07
CA LEU G 184 16.26 -18.94 -22.66
C LEU G 184 14.96 -18.55 -21.96
N ILE G 185 14.62 -17.27 -22.09
CA ILE G 185 13.40 -16.73 -21.54
C ILE G 185 12.21 -17.58 -22.01
N VAL G 186 12.22 -18.00 -23.28
CA VAL G 186 11.14 -18.86 -23.77
C VAL G 186 11.00 -20.25 -23.08
N ALA G 187 12.10 -20.98 -22.95
CA ALA G 187 12.14 -22.26 -22.25
C ALA G 187 11.92 -22.18 -20.74
N ILE G 188 12.37 -21.11 -20.10
CA ILE G 188 12.39 -21.05 -18.62
C ILE G 188 11.22 -20.28 -18.04
N GLY G 189 10.79 -19.24 -18.75
CA GLY G 189 9.63 -18.43 -18.37
C GLY G 189 8.41 -19.16 -17.81
N PRO G 190 7.92 -20.20 -18.52
CA PRO G 190 6.87 -21.06 -17.96
C PRO G 190 7.11 -21.46 -16.49
N PHE G 191 8.30 -21.96 -16.13
CA PHE G 191 8.59 -22.33 -14.74
C PHE G 191 8.50 -21.17 -13.76
N MET G 192 8.00 -20.02 -14.22
CA MET G 192 7.73 -18.86 -13.39
C MET G 192 6.26 -18.43 -13.44
N ILE G 193 5.40 -19.18 -14.13
CA ILE G 193 3.93 -19.00 -13.99
C ILE G 193 3.37 -19.50 -12.65
N ILE G 194 2.83 -18.53 -11.91
CA ILE G 194 2.18 -18.78 -10.63
C ILE G 194 1.00 -17.78 -10.39
N PRO G 195 -0.18 -18.30 -10.00
CA PRO G 195 -1.36 -17.48 -9.73
C PRO G 195 -1.66 -17.34 -8.22
N ASN G 196 -2.91 -16.98 -7.90
CA ASN G 196 -3.32 -16.74 -6.51
C ASN G 196 -4.71 -17.32 -6.14
N VAL G 197 -4.98 -17.59 -4.85
CA VAL G 197 -3.96 -17.65 -3.78
C VAL G 197 -4.13 -18.92 -2.94
N GLY G 225 4.78 -6.40 -15.66
CA GLY G 225 5.13 -7.27 -16.79
C GLY G 225 6.54 -7.86 -16.84
N TRP G 226 6.62 -9.18 -16.58
CA TRP G 226 7.76 -10.05 -16.94
C TRP G 226 7.12 -11.34 -17.49
N MET G 227 7.09 -11.46 -18.81
CA MET G 227 6.35 -12.55 -19.47
C MET G 227 7.14 -13.20 -20.61
N ALA G 228 6.61 -14.29 -21.18
CA ALA G 228 7.24 -14.96 -22.31
C ALA G 228 6.54 -14.51 -23.60
N LEU G 229 7.37 -14.14 -24.59
CA LEU G 229 7.05 -13.21 -25.69
C LEU G 229 8.43 -12.96 -26.29
N GLY G 230 9.41 -13.71 -25.76
CA GLY G 230 10.76 -13.69 -26.24
C GLY G 230 10.86 -14.47 -27.53
N VAL G 231 9.72 -14.97 -27.98
CA VAL G 231 9.66 -15.58 -29.27
C VAL G 231 10.04 -14.51 -30.34
N PHE G 232 9.82 -13.25 -29.99
CA PHE G 232 10.25 -12.14 -30.80
C PHE G 232 11.72 -12.26 -31.19
N GLY G 233 12.59 -12.31 -30.18
CA GLY G 233 14.04 -12.43 -30.37
C GLY G 233 14.38 -13.69 -31.13
N VAL G 234 13.74 -14.81 -30.73
CA VAL G 234 13.99 -16.10 -31.40
C VAL G 234 13.70 -16.00 -32.91
N VAL G 235 12.55 -15.42 -33.32
CA VAL G 235 12.30 -15.35 -34.78
C VAL G 235 13.22 -14.39 -35.53
N LEU G 236 13.60 -13.30 -34.88
CA LEU G 236 14.60 -12.40 -35.41
C LEU G 236 15.96 -13.12 -35.60
N GLN G 237 16.32 -14.02 -34.68
CA GLN G 237 17.58 -14.74 -34.85
C GLN G 237 17.50 -15.65 -36.05
N ILE G 238 16.37 -16.35 -36.17
CA ILE G 238 16.11 -17.18 -37.35
C ILE G 238 16.19 -16.33 -38.65
N LEU G 239 15.42 -15.24 -38.71
CA LEU G 239 15.50 -14.31 -39.84
C LEU G 239 16.92 -13.76 -40.11
N GLY G 240 17.64 -13.36 -39.04
CA GLY G 240 19.09 -13.03 -39.05
C GLY G 240 19.88 -14.09 -39.84
N ARG G 241 19.48 -15.33 -39.64
CA ARG G 241 20.14 -16.47 -40.26
C ARG G 241 19.65 -16.77 -41.69
N ILE G 242 18.36 -16.62 -41.97
CA ILE G 242 17.82 -16.82 -43.31
C ILE G 242 18.34 -15.75 -44.22
N HIS G 243 18.48 -14.53 -43.69
CA HIS G 243 19.04 -13.40 -44.45
C HIS G 243 20.46 -13.70 -44.95
N ALA G 244 21.26 -14.31 -44.09
CA ALA G 244 22.63 -14.60 -44.40
C ALA G 244 22.77 -15.78 -45.34
N LEU G 245 21.78 -16.66 -45.41
CA LEU G 245 21.92 -17.79 -46.31
C LEU G 245 21.48 -17.44 -47.73
N ILE G 246 21.82 -16.22 -48.18
CA ILE G 246 21.78 -15.81 -49.62
C ILE G 246 22.36 -14.41 -49.93
N GLY G 247 23.48 -14.35 -50.65
CA GLY G 247 24.09 -13.05 -51.03
C GLY G 247 23.52 -12.36 -52.27
N LYS G 248 22.84 -13.14 -53.11
CA LYS G 248 22.25 -12.65 -54.36
C LYS G 248 20.75 -12.45 -54.19
N GLU G 249 20.39 -11.57 -53.25
CA GLU G 249 18.99 -11.38 -52.86
C GLU G 249 18.26 -10.17 -53.41
N GLY G 250 18.60 -9.82 -54.64
CA GLY G 250 17.83 -8.88 -55.44
C GLY G 250 16.53 -9.54 -55.90
N VAL G 251 16.43 -10.84 -55.68
CA VAL G 251 15.25 -11.63 -56.05
C VAL G 251 14.09 -11.37 -55.06
N ALA G 252 14.34 -10.56 -54.03
CA ALA G 252 13.33 -10.20 -53.02
C ALA G 252 13.59 -8.79 -52.46
N GLU H 16 63.25 -9.62 5.07
CA GLU H 16 61.84 -9.55 4.61
C GLU H 16 61.09 -10.83 4.89
N SER H 17 59.80 -10.67 5.18
CA SER H 17 58.82 -11.74 5.17
C SER H 17 57.59 -11.06 4.56
N VAL H 18 56.99 -11.68 3.55
CA VAL H 18 55.84 -11.07 2.88
C VAL H 18 54.62 -11.15 3.78
N VAL H 19 54.61 -12.19 4.63
CA VAL H 19 53.56 -12.43 5.62
C VAL H 19 54.05 -11.99 7.03
N ASP H 20 53.38 -10.99 7.62
CA ASP H 20 53.70 -10.67 9.02
C ASP H 20 52.60 -11.07 9.97
N LEU H 21 51.51 -10.31 9.99
CA LEU H 21 50.34 -10.63 10.83
C LEU H 21 50.35 -10.10 12.27
N ARG H 22 51.49 -9.62 12.77
CA ARG H 22 51.52 -9.06 14.13
C ARG H 22 50.42 -8.00 14.31
N GLY H 23 50.37 -7.05 13.39
CA GLY H 23 49.41 -5.94 13.40
C GLY H 23 47.96 -6.38 13.49
N MET H 24 47.63 -7.47 12.80
CA MET H 24 46.34 -8.16 12.91
C MET H 24 46.05 -8.61 14.35
N TRP H 25 46.83 -9.54 14.87
CA TRP H 25 46.60 -10.04 16.22
C TRP H 25 46.39 -8.94 17.28
N ILE H 26 47.20 -7.89 17.20
CA ILE H 26 47.05 -6.70 18.03
C ILE H 26 45.65 -6.07 17.85
N GLY H 27 45.27 -5.80 16.60
CA GLY H 27 43.94 -5.27 16.28
C GLY H 27 42.80 -6.19 16.72
N LEU H 28 43.00 -7.49 16.58
CA LEU H 28 42.02 -8.48 17.03
C LEU H 28 41.93 -8.55 18.54
N ALA H 29 43.05 -8.75 19.21
CA ALA H 29 43.04 -8.87 20.67
C ALA H 29 42.42 -7.60 21.27
N VAL H 30 43.03 -6.45 20.93
CA VAL H 30 42.58 -5.15 21.42
C VAL H 30 41.07 -4.96 21.13
N LEU H 31 40.62 -5.29 19.92
CA LEU H 31 39.22 -5.17 19.59
C LEU H 31 38.29 -6.12 20.37
N ASN H 32 38.62 -7.41 20.43
CA ASN H 32 37.77 -8.39 21.11
C ASN H 32 37.71 -8.26 22.65
N VAL H 33 38.82 -7.95 23.30
CA VAL H 33 38.77 -7.75 24.75
C VAL H 33 37.99 -6.48 25.11
N PHE H 34 37.98 -5.52 24.19
CA PHE H 34 37.29 -4.27 24.43
C PHE H 34 35.80 -4.55 24.48
N TYR H 35 35.31 -5.25 23.47
CA TYR H 35 33.90 -5.56 23.37
C TYR H 35 33.44 -6.52 24.47
N LEU H 36 34.39 -7.29 25.02
CA LEU H 36 34.09 -8.23 26.11
C LEU H 36 33.87 -7.43 27.36
N ILE H 37 34.76 -6.45 27.54
CA ILE H 37 34.61 -5.46 28.59
C ILE H 37 33.25 -4.81 28.45
N VAL H 38 32.96 -4.26 27.27
CA VAL H 38 31.63 -3.67 27.02
C VAL H 38 30.46 -4.59 27.36
N ARG H 39 30.54 -5.87 26.99
CA ARG H 39 29.51 -6.83 27.32
C ARG H 39 29.40 -7.02 28.80
N ILE H 40 30.54 -7.21 29.48
CA ILE H 40 30.53 -7.38 30.94
C ILE H 40 29.97 -6.13 31.61
N TYR H 41 30.47 -4.97 31.20
CA TYR H 41 29.92 -3.69 31.65
C TYR H 41 28.39 -3.60 31.51
N GLU H 42 27.82 -4.09 30.42
CA GLU H 42 26.38 -3.97 30.27
C GLU H 42 25.60 -5.03 31.06
N GLN H 43 26.20 -6.20 31.28
CA GLN H 43 25.61 -7.19 32.18
C GLN H 43 25.45 -6.62 33.60
N VAL H 44 26.48 -5.93 34.07
CA VAL H 44 26.52 -5.36 35.41
C VAL H 44 25.63 -4.12 35.50
N PHE H 45 25.92 -3.10 34.69
CA PHE H 45 25.19 -1.82 34.75
C PHE H 45 23.95 -1.70 33.85
N GLY H 46 23.61 -2.78 33.14
CA GLY H 46 22.35 -2.86 32.41
C GLY H 46 21.24 -2.80 33.45
N TRP H 47 21.32 -3.71 34.41
CA TRP H 47 20.45 -3.65 35.59
C TRP H 47 21.04 -2.75 36.66
N ARG H 48 20.15 -2.04 37.33
CA ARG H 48 20.55 -1.08 38.36
C ARG H 48 21.51 -0.06 37.75
N ALA H 49 21.03 0.62 36.70
CA ALA H 49 21.68 1.76 36.05
C ALA H 49 20.95 2.07 34.76
N GLY H 50 20.62 1.02 34.00
CA GLY H 50 20.08 1.16 32.65
C GLY H 50 18.58 1.07 32.44
N LEU H 51 17.81 0.78 33.48
CA LEU H 51 16.38 0.53 33.33
C LEU H 51 15.57 1.81 33.32
N ASP H 52 16.09 2.81 34.01
CA ASP H 52 15.40 4.10 34.15
C ASP H 52 16.32 5.24 33.74
N SER H 53 15.97 5.89 32.62
CA SER H 53 16.87 6.87 32.02
C SER H 53 16.68 8.23 32.66
N PHE H 54 15.71 8.32 33.55
CA PHE H 54 15.46 9.55 34.29
C PHE H 54 16.31 9.61 35.54
N ALA H 55 16.78 8.46 36.01
CA ALA H 55 17.64 8.38 37.19
C ALA H 55 19.05 8.95 36.96
N PRO H 56 19.72 9.39 38.05
CA PRO H 56 21.06 9.96 37.92
C PRO H 56 22.09 8.92 37.47
N GLU H 57 21.88 7.67 37.85
CA GLU H 57 22.77 6.57 37.50
C GLU H 57 22.91 6.45 36.00
N PHE H 58 21.83 6.75 35.29
CA PHE H 58 21.84 6.72 33.84
C PHE H 58 22.89 7.69 33.26
N GLN H 59 22.89 8.91 33.77
CA GLN H 59 23.91 9.89 33.42
C GLN H 59 25.30 9.37 33.71
N THR H 60 25.54 8.91 34.92
CA THR H 60 26.91 8.60 35.33
C THR H 60 27.45 7.35 34.63
N TYR H 61 26.55 6.42 34.24
CA TYR H 61 26.99 5.14 33.68
C TYR H 61 26.67 4.91 32.22
N TRP H 62 25.74 5.65 31.65
CA TRP H 62 25.36 5.44 30.26
C TRP H 62 25.59 6.65 29.34
N MET H 63 25.12 7.81 29.79
CA MET H 63 25.31 9.03 28.99
C MET H 63 26.76 9.44 29.00
N SER H 64 27.47 9.02 30.04
CA SER H 64 28.90 9.25 30.15
C SER H 64 29.64 8.61 29.00
N ILE H 65 29.29 7.35 28.70
CA ILE H 65 29.76 6.65 27.49
C ILE H 65 29.44 7.40 26.19
N LEU H 66 28.16 7.72 25.95
CA LEU H 66 27.71 8.36 24.72
C LEU H 66 28.40 9.71 24.46
N TRP H 67 28.26 10.65 25.38
CA TRP H 67 28.90 11.97 25.26
C TRP H 67 30.41 11.86 24.99
N THR H 68 31.00 10.74 25.41
CA THR H 68 32.43 10.53 25.29
C THR H 68 32.83 9.85 23.99
N GLU H 69 32.08 8.81 23.59
CA GLU H 69 32.50 7.97 22.48
C GLU H 69 32.36 8.64 21.12
N ILE H 70 31.31 9.43 20.91
CA ILE H 70 31.11 10.12 19.63
C ILE H 70 32.36 10.93 19.22
N PRO H 71 32.81 11.92 20.06
CA PRO H 71 34.00 12.69 19.65
C PRO H 71 35.26 11.84 19.54
N LEU H 72 35.39 10.85 20.44
CA LEU H 72 36.50 9.89 20.40
C LEU H 72 36.53 9.11 19.09
N GLU H 73 35.36 8.73 18.58
CA GLU H 73 35.27 8.00 17.31
C GLU H 73 35.55 8.90 16.11
N LEU H 74 34.92 10.07 16.12
CA LEU H 74 35.13 11.11 15.11
C LEU H 74 36.62 11.50 14.95
N VAL H 75 37.29 11.77 16.07
CA VAL H 75 38.70 12.16 16.06
C VAL H 75 39.58 11.00 15.59
N SER H 76 39.31 9.80 16.08
CA SER H 76 40.04 8.62 15.64
C SER H 76 39.85 8.39 14.14
N GLY H 77 38.67 8.77 13.63
CA GLY H 77 38.31 8.56 12.22
C GLY H 77 39.09 9.48 11.32
N LEU H 78 38.97 10.77 11.57
CA LEU H 78 39.71 11.79 10.82
C LEU H 78 41.22 11.66 11.06
N GLY H 79 41.59 11.33 12.30
CA GLY H 79 42.99 11.15 12.66
C GLY H 79 43.64 9.97 11.96
N LEU H 80 42.89 8.90 11.77
CA LEU H 80 43.41 7.73 11.09
C LEU H 80 43.58 7.97 9.57
N ALA H 81 42.52 8.43 8.93
CA ALA H 81 42.57 8.82 7.53
C ALA H 81 43.70 9.84 7.23
N GLY H 82 43.72 10.92 7.99
CA GLY H 82 44.70 11.97 7.83
C GLY H 82 46.13 11.45 7.95
N TYR H 83 46.32 10.48 8.83
CA TYR H 83 47.63 9.89 9.01
C TYR H 83 47.98 9.04 7.79
N LEU H 84 47.05 8.18 7.38
CA LEU H 84 47.30 7.28 6.25
C LEU H 84 47.58 8.02 4.95
N TRP H 85 47.08 9.24 4.86
CA TRP H 85 47.29 10.07 3.70
C TRP H 85 48.65 10.78 3.76
N LYS H 86 48.99 11.36 4.91
CA LYS H 86 50.29 12.00 5.09
C LYS H 86 51.43 10.99 4.90
N THR H 87 51.24 9.77 5.39
CA THR H 87 52.22 8.70 5.19
C THR H 87 52.01 7.89 3.92
N ARG H 88 51.22 8.40 2.98
CA ARG H 88 50.99 7.68 1.70
C ARG H 88 52.28 7.52 0.90
N ASP H 89 52.32 6.49 0.07
CA ASP H 89 53.45 6.25 -0.82
C ASP H 89 53.37 7.17 -2.05
N ARG H 90 54.08 8.29 -2.00
CA ARG H 90 54.15 9.24 -3.12
C ARG H 90 54.75 8.59 -4.36
N ASN H 91 55.56 7.56 -4.13
CA ASN H 91 56.22 6.82 -5.19
C ASN H 91 55.62 5.42 -5.34
N VAL H 92 54.31 5.36 -5.58
CA VAL H 92 53.58 4.10 -5.50
C VAL H 92 53.73 3.22 -6.75
N ASP H 93 53.91 3.84 -7.92
CA ASP H 93 53.98 3.11 -9.18
C ASP H 93 55.27 2.32 -9.25
N ALA H 94 56.21 2.75 -8.41
CA ALA H 94 57.58 2.24 -8.35
C ALA H 94 57.72 0.97 -7.51
N VAL H 95 56.61 0.50 -6.95
CA VAL H 95 56.65 -0.56 -5.94
C VAL H 95 57.08 -1.93 -6.49
N ALA H 96 58.14 -2.50 -5.90
CA ALA H 96 58.65 -3.82 -6.25
C ALA H 96 57.57 -4.89 -6.07
N PRO H 97 57.43 -5.83 -7.04
CA PRO H 97 56.47 -6.95 -6.92
C PRO H 97 56.33 -7.54 -5.50
N ARG H 98 57.46 -7.89 -4.88
CA ARG H 98 57.51 -8.36 -3.50
C ARG H 98 56.81 -7.43 -2.49
N GLU H 99 57.25 -6.18 -2.43
CA GLU H 99 56.63 -5.21 -1.52
C GLU H 99 55.13 -5.00 -1.80
N GLU H 100 54.72 -5.07 -3.08
CA GLU H 100 53.29 -5.04 -3.41
C GLU H 100 52.58 -6.24 -2.81
N MET H 101 53.20 -7.42 -2.86
CA MET H 101 52.64 -8.63 -2.27
C MET H 101 52.45 -8.45 -0.78
N ARG H 102 53.45 -7.86 -0.14
CA ARG H 102 53.37 -7.58 1.29
C ARG H 102 52.27 -6.59 1.63
N ARG H 103 52.22 -5.48 0.91
CA ARG H 103 51.22 -4.42 1.11
C ARG H 103 49.82 -4.96 1.00
N LEU H 104 49.60 -5.86 0.06
CA LEU H 104 48.26 -6.41 -0.07
C LEU H 104 47.94 -7.53 0.91
N VAL H 105 48.95 -8.24 1.42
CA VAL H 105 48.76 -9.12 2.57
C VAL H 105 48.28 -8.25 3.75
N VAL H 106 48.82 -7.03 3.82
CA VAL H 106 48.46 -6.11 4.91
C VAL H 106 47.04 -5.61 4.71
N LEU H 107 46.64 -5.32 3.48
CA LEU H 107 45.24 -5.01 3.21
C LEU H 107 44.34 -6.14 3.73
N VAL H 108 44.67 -7.38 3.37
CA VAL H 108 43.90 -8.52 3.82
C VAL H 108 43.82 -8.54 5.35
N GLN H 109 44.91 -8.17 6.03
CA GLN H 109 44.86 -7.97 7.48
C GLN H 109 43.75 -6.99 7.91
N TRP H 110 43.81 -5.76 7.41
CA TRP H 110 42.78 -4.75 7.64
C TRP H 110 41.37 -5.30 7.40
N LEU H 111 41.20 -6.05 6.31
CA LEU H 111 39.90 -6.63 6.01
C LEU H 111 39.44 -7.73 6.97
N VAL H 112 40.38 -8.44 7.60
CA VAL H 112 40.07 -9.43 8.67
C VAL H 112 39.56 -8.73 9.94
N VAL H 113 40.26 -7.67 10.32
CA VAL H 113 39.85 -6.87 11.45
C VAL H 113 38.45 -6.28 11.14
N TYR H 114 38.29 -5.69 9.96
CA TYR H 114 36.98 -5.22 9.50
C TYR H 114 35.89 -6.33 9.50
N GLY H 115 36.28 -7.55 9.14
CA GLY H 115 35.40 -8.72 9.25
C GLY H 115 34.85 -8.86 10.66
N ILE H 116 35.75 -8.90 11.63
CA ILE H 116 35.38 -9.02 13.02
C ILE H 116 34.55 -7.82 13.52
N ALA H 117 34.92 -6.61 13.11
CA ALA H 117 34.24 -5.43 13.58
C ALA H 117 32.80 -5.50 13.14
N ILE H 118 32.60 -5.84 11.86
CA ILE H 118 31.26 -6.03 11.29
C ILE H 118 30.45 -7.05 12.10
N TYR H 119 31.07 -8.19 12.46
CA TYR H 119 30.39 -9.20 13.28
C TYR H 119 29.80 -8.61 14.60
N TRP H 120 30.66 -7.93 15.37
CA TRP H 120 30.28 -7.31 16.61
C TRP H 120 29.26 -6.19 16.36
N GLY H 121 29.38 -5.52 15.24
CA GLY H 121 28.61 -4.32 15.02
C GLY H 121 27.24 -4.55 14.45
N ALA H 122 27.19 -5.54 13.56
CA ALA H 122 25.97 -5.80 12.77
C ALA H 122 25.28 -7.09 13.24
N SER H 123 26.01 -7.97 13.94
CA SER H 123 25.31 -9.16 14.43
C SER H 123 25.07 -9.07 15.93
N PHE H 124 26.16 -8.95 16.68
CA PHE H 124 26.09 -9.08 18.14
C PHE H 124 25.21 -8.01 18.75
N PHE H 125 25.63 -6.76 18.57
CA PHE H 125 24.99 -5.68 19.23
C PHE H 125 23.68 -5.26 18.58
N THR H 126 23.49 -5.58 17.30
CA THR H 126 22.23 -5.27 16.59
C THR H 126 21.13 -6.19 17.08
N GLU H 127 21.34 -7.50 17.07
CA GLU H 127 20.31 -8.41 17.57
C GLU H 127 20.23 -8.44 19.11
N GLN H 128 21.21 -7.87 19.79
CA GLN H 128 21.12 -7.71 21.25
C GLN H 128 20.06 -6.66 21.54
N ASP H 129 19.94 -5.68 20.65
CA ASP H 129 18.93 -4.63 20.81
C ASP H 129 17.54 -5.26 20.79
N GLY H 130 17.42 -6.38 20.08
CA GLY H 130 16.20 -7.18 20.03
C GLY H 130 15.66 -7.57 21.40
N ALA H 131 16.54 -8.11 22.24
CA ALA H 131 16.20 -8.57 23.61
C ALA H 131 15.85 -7.40 24.57
N TRP H 132 16.54 -6.28 24.41
CA TRP H 132 16.31 -5.10 25.23
C TRP H 132 14.94 -4.46 24.95
N HIS H 133 14.57 -4.35 23.68
CA HIS H 133 13.23 -3.90 23.35
C HIS H 133 12.11 -4.66 24.06
N MET H 134 12.43 -5.87 24.54
CA MET H 134 11.44 -6.72 25.25
C MET H 134 11.62 -6.66 26.76
N THR H 135 12.57 -5.84 27.18
CA THR H 135 12.87 -5.61 28.59
C THR H 135 12.28 -4.30 29.11
N VAL H 136 12.38 -3.21 28.34
CA VAL H 136 11.97 -1.89 28.77
C VAL H 136 10.79 -1.36 27.96
N ILE H 137 10.29 -0.20 28.36
CA ILE H 137 9.33 0.52 27.52
C ILE H 137 9.93 1.86 27.01
N ARG H 138 11.22 2.08 27.27
CA ARG H 138 11.99 3.20 26.70
C ARG H 138 11.63 4.62 27.27
N ASP H 139 12.49 5.17 28.12
CA ASP H 139 12.39 6.58 28.55
C ASP H 139 12.90 7.52 27.43
N THR H 140 13.63 6.95 26.47
CA THR H 140 14.55 7.70 25.61
C THR H 140 14.96 6.93 24.35
N ASP H 141 15.37 7.67 23.31
CA ASP H 141 16.06 7.07 22.18
C ASP H 141 17.36 6.35 22.65
N PHE H 142 18.05 6.94 23.62
CA PHE H 142 19.36 6.45 24.08
C PHE H 142 19.26 5.40 25.17
N THR H 143 18.97 4.15 24.82
CA THR H 143 19.01 3.03 25.78
C THR H 143 20.42 2.43 25.75
N PRO H 144 20.85 1.71 26.81
CA PRO H 144 22.20 1.10 26.87
C PRO H 144 22.56 0.29 25.62
N SER H 145 21.58 -0.46 25.13
CA SER H 145 21.56 -1.08 23.82
C SER H 145 22.00 -0.15 22.70
N HIS H 146 21.20 0.87 22.45
CA HIS H 146 21.49 1.86 21.43
C HIS H 146 22.85 2.59 21.63
N ILE H 147 23.18 2.99 22.86
CA ILE H 147 24.47 3.63 23.12
C ILE H 147 25.67 2.74 22.65
N ILE H 148 25.56 1.43 22.86
CA ILE H 148 26.59 0.53 22.39
C ILE H 148 26.46 0.27 20.88
N GLU H 149 25.23 0.00 20.43
CA GLU H 149 24.99 -0.43 19.07
C GLU H 149 25.23 0.67 18.08
N PHE H 150 24.37 1.68 18.09
CA PHE H 150 24.40 2.75 17.10
C PHE H 150 25.52 3.76 17.31
N TYR H 151 25.86 4.03 18.55
CA TYR H 151 26.82 5.10 18.79
C TYR H 151 28.23 4.61 19.12
N MET H 152 28.45 3.29 19.17
CA MET H 152 29.81 2.79 19.38
C MET H 152 30.25 1.72 18.39
N SER H 153 29.47 0.64 18.40
CA SER H 153 29.70 -0.55 17.63
C SER H 153 29.81 -0.26 16.12
N TYR H 154 28.83 0.47 15.57
CA TYR H 154 28.76 0.85 14.17
C TYR H 154 29.86 1.82 13.73
N PRO H 155 30.00 2.97 14.43
CA PRO H 155 31.09 3.85 14.06
C PRO H 155 32.47 3.16 14.14
N ILE H 156 32.68 2.26 15.09
CA ILE H 156 33.97 1.60 15.14
C ILE H 156 34.26 0.89 13.82
N TYR H 157 33.33 0.09 13.31
CA TYR H 157 33.65 -0.60 12.05
C TYR H 157 33.57 0.32 10.84
N SER H 158 32.75 1.35 10.91
CA SER H 158 32.84 2.35 9.89
C SER H 158 34.30 2.91 9.87
N VAL H 159 34.77 3.41 11.01
CA VAL H 159 36.15 3.87 11.08
C VAL H 159 37.12 2.85 10.49
N ILE H 160 37.14 1.62 11.00
CA ILE H 160 38.05 0.59 10.46
C ILE H 160 37.94 0.38 8.95
N ALA H 161 36.72 0.25 8.43
CA ALA H 161 36.50 0.25 6.98
C ALA H 161 37.21 1.43 6.30
N VAL H 162 36.95 2.65 6.75
CA VAL H 162 37.61 3.81 6.11
C VAL H 162 39.14 3.66 6.15
N GLY H 163 39.67 3.17 7.26
CA GLY H 163 41.10 2.81 7.34
C GLY H 163 41.60 1.84 6.27
N ALA H 164 40.93 0.70 6.12
CA ALA H 164 41.28 -0.26 5.08
C ALA H 164 41.35 0.39 3.68
N PHE H 165 40.30 1.17 3.34
CA PHE H 165 40.13 1.81 2.04
C PHE H 165 41.22 2.84 1.81
N PHE H 166 41.50 3.63 2.82
CA PHE H 166 42.58 4.60 2.73
C PHE H 166 43.95 3.91 2.60
N TYR H 167 44.17 2.88 3.40
CA TYR H 167 45.41 2.12 3.28
C TYR H 167 45.61 1.65 1.83
N ALA H 168 44.53 1.13 1.23
CA ALA H 168 44.63 0.62 -0.14
C ALA H 168 44.82 1.70 -1.20
N LYS H 169 44.17 2.85 -1.02
CA LYS H 169 44.32 4.02 -1.91
C LYS H 169 45.70 4.61 -1.75
N THR H 170 46.31 4.40 -0.58
CA THR H 170 47.62 5.00 -0.34
C THR H 170 48.84 4.08 -0.51
N ARG H 171 48.65 2.76 -0.54
CA ARG H 171 49.79 1.83 -0.66
C ARG H 171 49.81 0.93 -1.88
N ILE H 172 48.65 0.70 -2.48
CA ILE H 172 48.60 -0.21 -3.61
C ILE H 172 48.29 0.49 -4.93
N PRO H 173 49.25 0.44 -5.88
CA PRO H 173 48.93 0.99 -7.20
C PRO H 173 47.85 0.10 -7.75
N TYR H 174 46.68 0.67 -7.98
CA TYR H 174 45.51 -0.03 -8.45
C TYR H 174 44.36 0.52 -7.67
N PHE H 175 44.51 0.53 -6.35
CA PHE H 175 43.55 1.18 -5.47
C PHE H 175 43.83 2.70 -5.39
N ALA H 176 45.05 3.07 -5.79
CA ALA H 176 45.44 4.44 -6.10
C ALA H 176 45.01 4.72 -7.53
N HIS H 177 44.75 5.98 -7.86
CA HIS H 177 44.16 6.33 -9.19
C HIS H 177 43.00 5.41 -9.62
N GLY H 178 41.78 5.80 -9.24
CA GLY H 178 40.62 4.98 -9.56
C GLY H 178 39.42 5.11 -8.64
N TYR H 179 39.58 4.74 -7.37
CA TYR H 179 38.47 4.40 -6.46
C TYR H 179 37.81 3.11 -6.94
N SER H 180 38.03 2.02 -6.21
CA SER H 180 37.30 0.78 -6.46
C SER H 180 35.82 0.94 -6.13
N LEU H 181 34.95 0.75 -7.12
CA LEU H 181 33.53 0.92 -6.91
C LEU H 181 33.03 0.09 -5.76
N ALA H 182 33.57 -1.14 -5.65
CA ALA H 182 33.22 -2.08 -4.60
C ALA H 182 33.68 -1.53 -3.27
N PHE H 183 34.97 -1.23 -3.16
CA PHE H 183 35.54 -0.62 -1.95
C PHE H 183 34.80 0.69 -1.55
N LEU H 184 34.33 1.45 -2.53
CA LEU H 184 33.53 2.62 -2.19
C LEU H 184 32.26 2.27 -1.42
N ILE H 185 31.52 1.33 -1.99
CA ILE H 185 30.33 0.80 -1.35
C ILE H 185 30.69 0.30 0.05
N VAL H 186 31.83 -0.39 0.19
CA VAL H 186 32.30 -0.81 1.53
C VAL H 186 32.54 0.31 2.56
N ALA H 187 33.27 1.35 2.18
CA ALA H 187 33.46 2.52 3.08
C ALA H 187 32.24 3.42 3.27
N ILE H 188 31.34 3.50 2.28
CA ILE H 188 30.23 4.47 2.32
C ILE H 188 28.87 3.90 2.77
N GLY H 189 28.61 2.65 2.41
CA GLY H 189 27.41 1.92 2.86
C GLY H 189 27.01 2.10 4.32
N PRO H 190 27.95 1.88 5.29
CA PRO H 190 27.62 2.13 6.69
C PRO H 190 26.81 3.43 6.88
N PHE H 191 27.33 4.55 6.38
CA PHE H 191 26.67 5.84 6.53
C PHE H 191 25.26 5.87 5.91
N MET H 192 24.77 4.71 5.47
CA MET H 192 23.39 4.54 5.01
C MET H 192 22.62 3.48 5.85
N ILE H 193 23.20 2.98 6.95
CA ILE H 193 22.43 2.22 7.96
C ILE H 193 21.51 3.11 8.81
N ILE H 194 20.22 2.83 8.66
CA ILE H 194 19.17 3.48 9.46
C ILE H 194 18.01 2.49 9.74
N PRO H 195 17.51 2.43 11.01
CA PRO H 195 16.38 1.59 11.39
C PRO H 195 15.10 2.42 11.65
N ASN H 196 14.17 1.84 12.42
CA ASN H 196 12.86 2.45 12.69
C ASN H 196 12.38 2.29 14.16
N VAL H 197 11.49 3.16 14.65
CA VAL H 197 11.12 4.46 14.04
C VAL H 197 11.19 5.60 15.08
N PHE H 224 13.65 -6.69 -1.46
CA PHE H 224 14.26 -5.54 -0.76
C PHE H 224 15.76 -5.74 -0.39
N GLY H 225 16.68 -5.00 -1.06
CA GLY H 225 18.13 -5.07 -0.77
C GLY H 225 19.11 -4.10 -1.43
N TRP H 226 19.76 -3.27 -0.62
CA TRP H 226 20.94 -2.46 -0.97
C TRP H 226 21.83 -2.50 0.27
N MET H 227 22.83 -3.39 0.27
CA MET H 227 23.66 -3.66 1.46
C MET H 227 25.16 -3.72 1.17
N ALA H 228 25.97 -3.88 2.22
CA ALA H 228 27.43 -3.98 2.08
C ALA H 228 27.91 -5.42 2.30
N LEU H 229 28.75 -5.88 1.38
CA LEU H 229 28.90 -7.26 0.92
C LEU H 229 29.82 -7.08 -0.29
N GLY H 230 30.15 -5.81 -0.53
CA GLY H 230 30.91 -5.41 -1.69
C GLY H 230 32.33 -5.78 -1.44
N VAL H 231 32.55 -6.38 -0.27
CA VAL H 231 33.83 -7.00 0.06
C VAL H 231 34.13 -8.08 -0.98
N PHE H 232 33.08 -8.56 -1.64
CA PHE H 232 33.22 -9.51 -2.75
C PHE H 232 34.18 -8.97 -3.83
N GLY H 233 33.75 -7.88 -4.48
CA GLY H 233 34.54 -7.18 -5.48
C GLY H 233 35.91 -6.76 -5.00
N VAL H 234 36.04 -6.48 -3.72
CA VAL H 234 37.32 -6.07 -3.16
C VAL H 234 38.28 -7.24 -3.07
N VAL H 235 37.81 -8.42 -2.65
CA VAL H 235 38.78 -9.53 -2.57
C VAL H 235 39.12 -10.05 -3.96
N LEU H 236 38.13 -9.99 -4.87
CA LEU H 236 38.37 -10.31 -6.27
C LEU H 236 39.46 -9.42 -6.88
N GLN H 237 39.44 -8.14 -6.54
CA GLN H 237 40.47 -7.24 -7.03
C GLN H 237 41.84 -7.62 -6.47
N ILE H 238 41.89 -7.93 -5.17
CA ILE H 238 43.11 -8.41 -4.55
C ILE H 238 43.61 -9.70 -5.22
N LEU H 239 42.70 -10.65 -5.45
CA LEU H 239 43.06 -11.89 -6.14
C LEU H 239 43.52 -11.66 -7.59
N GLY H 240 42.81 -10.79 -8.32
CA GLY H 240 43.19 -10.34 -9.67
C GLY H 240 44.62 -9.88 -9.65
N ARG H 241 45.00 -9.25 -8.54
CA ARG H 241 46.35 -8.75 -8.31
C ARG H 241 47.37 -9.83 -7.92
N ILE H 242 46.98 -10.76 -7.06
CA ILE H 242 47.87 -11.85 -6.63
C ILE H 242 48.17 -12.77 -7.82
N HIS H 243 47.13 -13.03 -8.61
CA HIS H 243 47.24 -13.79 -9.85
C HIS H 243 48.29 -13.21 -10.77
N ALA H 244 48.27 -11.90 -10.98
CA ALA H 244 49.27 -11.23 -11.83
C ALA H 244 50.70 -11.26 -11.25
N LEU H 245 50.84 -11.30 -9.94
CA LEU H 245 52.19 -11.27 -9.39
C LEU H 245 52.88 -12.66 -9.39
N ILE H 246 52.70 -13.42 -10.49
CA ILE H 246 53.46 -14.66 -10.82
C ILE H 246 53.13 -15.33 -12.19
N GLY H 247 54.04 -15.25 -13.15
CA GLY H 247 53.81 -15.81 -14.49
C GLY H 247 54.06 -17.30 -14.62
N LYS H 248 54.85 -17.85 -13.69
CA LYS H 248 55.21 -19.26 -13.69
C LYS H 248 54.39 -20.00 -12.68
N GLU H 249 53.08 -19.97 -12.85
CA GLU H 249 52.13 -20.54 -11.86
C GLU H 249 51.58 -21.94 -12.09
N GLY H 250 52.40 -22.79 -12.72
CA GLY H 250 52.15 -24.21 -12.81
C GLY H 250 52.35 -24.87 -11.45
N VAL H 251 52.89 -24.09 -10.51
CA VAL H 251 53.13 -24.53 -9.14
C VAL H 251 51.81 -24.61 -8.34
N ALA H 252 50.70 -24.20 -8.95
CA ALA H 252 49.38 -24.24 -8.32
C ALA H 252 48.30 -24.47 -9.37
N GLU I 16 26.48 42.52 -40.76
CA GLU I 16 26.34 41.40 -39.80
C GLU I 16 26.55 41.87 -38.38
N SER I 17 25.82 41.21 -37.50
CA SER I 17 26.01 41.25 -36.07
C SER I 17 25.55 39.86 -35.62
N VAL I 18 26.45 39.09 -34.99
CA VAL I 18 26.11 37.73 -34.54
C VAL I 18 25.02 37.76 -33.46
N VAL I 19 25.06 38.77 -32.61
CA VAL I 19 24.07 38.98 -31.56
C VAL I 19 23.05 40.03 -32.04
N ASP I 20 21.78 39.64 -32.17
CA ASP I 20 20.73 40.63 -32.43
C ASP I 20 19.89 40.87 -31.18
N LEU I 21 18.91 40.00 -30.92
CA LEU I 21 18.05 40.13 -29.72
C LEU I 21 16.69 40.81 -29.92
N ARG I 22 16.48 41.55 -31.01
CA ARG I 22 15.16 42.18 -31.27
C ARG I 22 14.03 41.16 -31.13
N GLY I 23 14.13 40.06 -31.88
CA GLY I 23 13.15 38.99 -31.85
C GLY I 23 12.77 38.62 -30.43
N MET I 24 13.78 38.36 -29.59
CA MET I 24 13.58 38.04 -28.17
C MET I 24 12.73 39.08 -27.44
N TRP I 25 13.11 40.36 -27.54
CA TRP I 25 12.41 41.41 -26.79
C TRP I 25 10.98 41.53 -27.27
N ILE I 26 10.76 41.33 -28.57
CA ILE I 26 9.42 41.35 -29.13
C ILE I 26 8.59 40.22 -28.49
N GLY I 27 9.16 39.02 -28.52
CA GLY I 27 8.51 37.84 -27.94
C GLY I 27 8.27 37.99 -26.46
N LEU I 28 9.24 38.60 -25.75
CA LEU I 28 9.13 38.84 -24.33
C LEU I 28 8.08 39.89 -23.96
N ALA I 29 8.09 41.05 -24.62
CA ALA I 29 7.06 42.06 -24.32
C ALA I 29 5.69 41.51 -24.71
N VAL I 30 5.57 40.98 -25.92
CA VAL I 30 4.26 40.45 -26.35
C VAL I 30 3.72 39.31 -25.41
N LEU I 31 4.62 38.50 -24.86
CA LEU I 31 4.19 37.45 -23.97
C LEU I 31 3.84 37.97 -22.56
N ASN I 32 4.76 38.72 -21.95
CA ASN I 32 4.55 39.30 -20.64
C ASN I 32 3.40 40.31 -20.52
N VAL I 33 3.15 41.16 -21.53
CA VAL I 33 1.95 42.01 -21.44
C VAL I 33 0.70 41.14 -21.54
N PHE I 34 0.75 40.15 -22.41
CA PHE I 34 -0.41 39.31 -22.65
C PHE I 34 -0.89 38.69 -21.35
N TYR I 35 0.01 37.98 -20.65
CA TYR I 35 -0.29 37.36 -19.35
C TYR I 35 -0.77 38.35 -18.29
N LEU I 36 -0.13 39.53 -18.28
CA LEU I 36 -0.59 40.61 -17.40
C LEU I 36 -2.03 41.00 -17.70
N ILE I 37 -2.41 41.08 -18.97
CA ILE I 37 -3.80 41.30 -19.34
C ILE I 37 -4.70 40.19 -18.85
N VAL I 38 -4.23 38.96 -19.02
CA VAL I 38 -4.92 37.76 -18.48
C VAL I 38 -5.05 37.79 -16.94
N ARG I 39 -4.03 38.28 -16.24
CA ARG I 39 -4.14 38.33 -14.80
C ARG I 39 -5.10 39.43 -14.38
N ILE I 40 -5.02 40.59 -15.02
CA ILE I 40 -6.01 41.65 -14.74
C ILE I 40 -7.42 41.17 -15.09
N TYR I 41 -7.58 40.51 -16.23
CA TYR I 41 -8.86 39.91 -16.61
C TYR I 41 -9.44 38.94 -15.58
N GLU I 42 -8.60 38.13 -14.97
CA GLU I 42 -9.12 37.22 -13.95
C GLU I 42 -9.40 37.89 -12.58
N GLN I 43 -8.57 38.85 -12.20
CA GLN I 43 -8.88 39.70 -11.05
C GLN I 43 -10.29 40.33 -11.15
N VAL I 44 -10.62 40.88 -12.33
CA VAL I 44 -11.92 41.52 -12.55
C VAL I 44 -13.05 40.51 -12.73
N PHE I 45 -12.93 39.57 -13.67
CA PHE I 45 -14.03 38.65 -13.98
C PHE I 45 -13.91 37.33 -13.24
N GLY I 46 -12.86 37.18 -12.44
CA GLY I 46 -12.78 36.09 -11.47
C GLY I 46 -14.00 36.17 -10.57
N TRP I 47 -14.18 37.32 -9.91
CA TRP I 47 -15.42 37.60 -9.19
C TRP I 47 -16.51 38.20 -10.06
N ARG I 48 -17.74 37.82 -9.75
CA ARG I 48 -18.88 38.28 -10.55
C ARG I 48 -18.68 37.91 -12.01
N ALA I 49 -18.44 36.62 -12.25
CA ALA I 49 -18.40 36.00 -13.56
C ALA I 49 -17.98 34.54 -13.42
N GLY I 50 -16.94 34.29 -12.61
CA GLY I 50 -16.31 32.97 -12.52
C GLY I 50 -16.57 32.11 -11.30
N LEU I 51 -17.46 32.55 -10.41
CA LEU I 51 -17.77 31.80 -9.18
C LEU I 51 -18.85 30.74 -9.38
N ASP I 52 -19.73 30.96 -10.36
CA ASP I 52 -20.85 30.05 -10.60
C ASP I 52 -20.86 29.71 -12.07
N SER I 53 -20.51 28.46 -12.35
CA SER I 53 -20.34 28.05 -13.73
C SER I 53 -21.67 27.72 -14.38
N PHE I 54 -22.74 27.84 -13.62
CA PHE I 54 -24.04 27.58 -14.19
C PHE I 54 -24.66 28.85 -14.77
N ALA I 55 -24.17 30.00 -14.27
CA ALA I 55 -24.62 31.31 -14.72
C ALA I 55 -24.27 31.54 -16.19
N PRO I 56 -25.07 32.39 -16.88
CA PRO I 56 -24.78 32.77 -18.27
C PRO I 56 -23.51 33.61 -18.42
N GLU I 57 -23.11 34.33 -17.37
CA GLU I 57 -21.88 35.12 -17.35
C GLU I 57 -20.65 34.24 -17.53
N PHE I 58 -20.75 32.98 -17.09
CA PHE I 58 -19.66 32.05 -17.25
C PHE I 58 -19.42 31.74 -18.73
N GLN I 59 -20.50 31.61 -19.48
CA GLN I 59 -20.43 31.41 -20.92
C GLN I 59 -19.76 32.59 -21.63
N THR I 60 -20.22 33.80 -21.33
CA THR I 60 -19.74 34.97 -22.05
C THR I 60 -18.31 35.38 -21.64
N TYR I 61 -17.89 35.09 -20.41
CA TYR I 61 -16.59 35.56 -19.94
C TYR I 61 -15.51 34.51 -19.77
N TRP I 62 -15.92 33.26 -19.59
CA TRP I 62 -14.95 32.20 -19.33
C TRP I 62 -14.89 31.09 -20.38
N MET I 63 -16.05 30.53 -20.74
CA MET I 63 -16.10 29.51 -21.80
C MET I 63 -15.77 30.08 -23.20
N SER I 64 -15.93 31.39 -23.35
CA SER I 64 -15.61 32.05 -24.60
C SER I 64 -14.10 31.95 -24.85
N ILE I 65 -13.32 32.20 -23.79
CA ILE I 65 -11.88 31.96 -23.82
C ILE I 65 -11.56 30.50 -24.15
N LEU I 66 -12.05 29.55 -23.36
CA LEU I 66 -11.76 28.13 -23.59
C LEU I 66 -12.05 27.62 -25.02
N TRP I 67 -13.27 27.83 -25.52
CA TRP I 67 -13.68 27.42 -26.87
C TRP I 67 -12.85 28.08 -27.99
N THR I 68 -12.24 29.20 -27.65
CA THR I 68 -11.53 30.01 -28.61
C THR I 68 -10.06 29.66 -28.61
N GLU I 69 -9.47 29.56 -27.42
CA GLU I 69 -8.02 29.37 -27.27
C GLU I 69 -7.54 28.01 -27.79
N ILE I 70 -8.25 26.94 -27.47
CA ILE I 70 -7.85 25.61 -27.95
C ILE I 70 -7.53 25.58 -29.47
N PRO I 71 -8.48 25.95 -30.36
CA PRO I 71 -8.19 25.98 -31.81
C PRO I 71 -7.07 26.94 -32.26
N LEU I 72 -7.05 28.13 -31.64
CA LEU I 72 -6.04 29.14 -31.86
C LEU I 72 -4.65 28.66 -31.51
N GLU I 73 -4.51 27.93 -30.40
CA GLU I 73 -3.24 27.36 -30.01
C GLU I 73 -2.84 26.17 -30.92
N LEU I 74 -3.82 25.36 -31.29
CA LEU I 74 -3.58 24.22 -32.18
C LEU I 74 -3.14 24.67 -33.57
N VAL I 75 -3.79 25.71 -34.10
CA VAL I 75 -3.43 26.29 -35.39
C VAL I 75 -2.06 26.97 -35.31
N SER I 76 -1.83 27.72 -34.23
CA SER I 76 -0.54 28.39 -34.00
C SER I 76 0.61 27.39 -33.86
N GLY I 77 0.30 26.21 -33.31
CA GLY I 77 1.30 25.18 -33.12
C GLY I 77 1.73 24.55 -34.43
N LEU I 78 0.73 24.08 -35.21
CA LEU I 78 0.97 23.40 -36.47
C LEU I 78 1.49 24.41 -37.50
N GLY I 79 0.96 25.63 -37.42
CA GLY I 79 1.34 26.71 -38.32
C GLY I 79 2.78 27.16 -38.14
N LEU I 80 3.26 27.10 -36.90
CA LEU I 80 4.62 27.51 -36.61
C LEU I 80 5.61 26.43 -37.02
N ALA I 81 5.34 25.18 -36.65
CA ALA I 81 6.13 24.04 -37.10
C ALA I 81 6.21 23.99 -38.63
N GLY I 82 5.06 23.98 -39.27
CA GLY I 82 4.97 23.92 -40.72
C GLY I 82 5.78 25.01 -41.41
N TYR I 83 5.75 26.21 -40.84
CA TYR I 83 6.50 27.33 -41.38
C TYR I 83 8.02 27.13 -41.24
N LEU I 84 8.50 26.79 -40.04
CA LEU I 84 9.95 26.60 -39.83
C LEU I 84 10.50 25.47 -40.72
N TRP I 85 9.64 24.51 -41.04
CA TRP I 85 10.01 23.39 -41.90
C TRP I 85 10.08 23.83 -43.36
N LYS I 86 9.01 24.44 -43.87
CA LYS I 86 9.06 24.98 -45.23
C LYS I 86 10.27 25.88 -45.43
N THR I 87 10.50 26.80 -44.49
CA THR I 87 11.65 27.69 -44.54
C THR I 87 12.94 27.11 -43.98
N ARG I 88 13.03 25.78 -43.89
CA ARG I 88 14.24 25.17 -43.36
C ARG I 88 15.42 25.39 -44.28
N ASP I 89 16.61 25.34 -43.70
CA ASP I 89 17.84 25.39 -44.49
C ASP I 89 18.10 24.06 -45.20
N ARG I 90 17.80 24.01 -46.49
CA ARG I 90 18.07 22.82 -47.33
C ARG I 90 19.56 22.60 -47.56
N ASN I 91 20.34 23.62 -47.25
CA ASN I 91 21.76 23.60 -47.44
C ASN I 91 22.47 23.82 -46.11
N VAL I 92 22.11 23.03 -45.12
CA VAL I 92 22.49 23.33 -43.74
C VAL I 92 23.95 22.95 -43.40
N ASP I 93 24.50 21.93 -44.06
CA ASP I 93 25.87 21.47 -43.78
C ASP I 93 26.90 22.46 -44.31
N ALA I 94 26.41 23.39 -45.13
CA ALA I 94 27.23 24.38 -45.80
C ALA I 94 27.40 25.68 -45.00
N VAL I 95 26.80 25.74 -43.82
CA VAL I 95 26.72 26.98 -43.04
C VAL I 95 28.08 27.48 -42.53
N ALA I 96 28.38 28.76 -42.78
CA ALA I 96 29.64 29.37 -42.36
C ALA I 96 29.69 29.45 -40.83
N PRO I 97 30.86 29.20 -40.22
CA PRO I 97 31.07 29.38 -38.77
C PRO I 97 30.39 30.59 -38.15
N ARG I 98 30.43 31.72 -38.83
CA ARG I 98 29.81 32.93 -38.31
C ARG I 98 28.30 32.80 -38.27
N GLU I 99 27.69 32.45 -39.40
CA GLU I 99 26.24 32.25 -39.50
C GLU I 99 25.69 31.16 -38.55
N GLU I 100 26.49 30.12 -38.27
CA GLU I 100 26.13 29.12 -37.25
C GLU I 100 26.12 29.81 -35.88
N MET I 101 27.13 30.62 -35.63
CA MET I 101 27.21 31.31 -34.37
C MET I 101 25.99 32.19 -34.22
N ARG I 102 25.51 32.78 -35.31
CA ARG I 102 24.32 33.60 -35.24
C ARG I 102 23.08 32.76 -35.01
N ARG I 103 22.93 31.72 -35.81
CA ARG I 103 21.76 30.83 -35.67
C ARG I 103 21.62 30.25 -34.25
N LEU I 104 22.74 29.97 -33.60
CA LEU I 104 22.64 29.42 -32.28
C LEU I 104 22.56 30.43 -31.15
N VAL I 105 22.87 31.69 -31.42
CA VAL I 105 22.42 32.77 -30.51
C VAL I 105 20.88 32.97 -30.62
N VAL I 106 20.34 32.76 -31.81
CA VAL I 106 18.89 32.80 -31.98
C VAL I 106 18.23 31.62 -31.25
N LEU I 107 18.83 30.43 -31.30
CA LEU I 107 18.28 29.33 -30.52
C LEU I 107 18.20 29.77 -29.07
N VAL I 108 19.32 30.20 -28.50
CA VAL I 108 19.34 30.68 -27.12
C VAL I 108 18.26 31.76 -26.83
N GLN I 109 17.86 32.51 -27.87
CA GLN I 109 16.75 33.49 -27.79
C GLN I 109 15.43 32.79 -27.57
N TRP I 110 15.07 31.92 -28.52
CA TRP I 110 13.94 30.98 -28.37
C TRP I 110 13.84 30.36 -26.98
N LEU I 111 14.95 29.76 -26.50
CA LEU I 111 14.98 29.12 -25.19
C LEU I 111 14.72 30.06 -24.00
N VAL I 112 15.09 31.34 -24.16
CA VAL I 112 14.85 32.32 -23.11
C VAL I 112 13.37 32.60 -23.07
N VAL I 113 12.76 32.89 -24.23
CA VAL I 113 11.30 33.05 -24.30
C VAL I 113 10.63 31.80 -23.68
N TYR I 114 11.03 30.62 -24.10
CA TYR I 114 10.56 29.38 -23.49
C TYR I 114 10.78 29.30 -21.94
N GLY I 115 11.92 29.79 -21.45
CA GLY I 115 12.12 29.91 -19.99
C GLY I 115 11.01 30.70 -19.29
N ILE I 116 10.70 31.87 -19.86
CA ILE I 116 9.64 32.74 -19.38
C ILE I 116 8.30 32.01 -19.49
N ALA I 117 8.03 31.47 -20.67
CA ALA I 117 6.80 30.68 -20.92
C ALA I 117 6.54 29.60 -19.84
N ILE I 118 7.60 28.84 -19.51
CA ILE I 118 7.63 27.85 -18.43
C ILE I 118 7.39 28.43 -17.03
N TYR I 119 8.06 29.53 -16.69
CA TYR I 119 7.69 30.26 -15.46
C TYR I 119 6.20 30.54 -15.32
N TRP I 120 5.59 31.20 -16.34
CA TRP I 120 4.17 31.59 -16.25
C TRP I 120 3.29 30.36 -16.18
N GLY I 121 3.57 29.39 -17.04
CA GLY I 121 2.77 28.18 -17.16
C GLY I 121 2.82 27.23 -15.99
N ALA I 122 4.03 27.00 -15.50
CA ALA I 122 4.25 25.95 -14.53
C ALA I 122 4.40 26.49 -13.13
N SER I 123 4.77 27.77 -12.99
CA SER I 123 4.87 28.36 -11.66
C SER I 123 3.69 29.23 -11.35
N PHE I 124 3.52 30.31 -12.11
CA PHE I 124 2.49 31.30 -11.81
C PHE I 124 1.10 30.74 -11.82
N PHE I 125 0.72 30.17 -12.94
CA PHE I 125 -0.67 29.78 -13.09
C PHE I 125 -1.01 28.44 -12.47
N THR I 126 -0.01 27.61 -12.26
CA THR I 126 -0.22 26.33 -11.62
C THR I 126 -0.49 26.52 -10.12
N GLU I 127 0.34 27.31 -9.42
CA GLU I 127 0.12 27.53 -7.99
C GLU I 127 -1.04 28.51 -7.79
N GLN I 128 -1.33 29.29 -8.81
CA GLN I 128 -2.52 30.10 -8.75
C GLN I 128 -3.74 29.22 -8.57
N ASP I 129 -3.78 28.09 -9.27
CA ASP I 129 -4.87 27.12 -9.08
C ASP I 129 -5.03 26.71 -7.60
N GLY I 130 -3.92 26.68 -6.87
CA GLY I 130 -3.89 26.32 -5.45
C GLY I 130 -4.83 27.14 -4.60
N ALA I 131 -4.71 28.46 -4.70
CA ALA I 131 -5.60 29.40 -4.00
C ALA I 131 -7.06 29.36 -4.51
N TRP I 132 -7.28 29.09 -5.80
CA TRP I 132 -8.67 29.02 -6.31
C TRP I 132 -9.45 27.80 -5.81
N HIS I 133 -8.74 26.70 -5.62
CA HIS I 133 -9.33 25.52 -5.00
C HIS I 133 -9.87 25.82 -3.59
N MET I 134 -9.39 26.88 -2.96
CA MET I 134 -9.85 27.21 -1.61
C MET I 134 -10.91 28.31 -1.68
N THR I 135 -11.32 28.65 -2.89
CA THR I 135 -12.29 29.70 -3.12
C THR I 135 -13.65 29.17 -3.52
N VAL I 136 -13.64 28.12 -4.33
CA VAL I 136 -14.89 27.55 -4.82
C VAL I 136 -15.07 26.11 -4.39
N ILE I 137 -16.27 25.57 -4.59
CA ILE I 137 -16.47 24.12 -4.47
C ILE I 137 -16.56 23.41 -5.84
N ARG I 138 -16.40 24.15 -6.94
CA ARG I 138 -16.29 23.65 -8.32
C ARG I 138 -17.61 23.14 -8.93
N ASP I 139 -18.18 23.91 -9.86
CA ASP I 139 -19.38 23.48 -10.60
C ASP I 139 -18.96 22.47 -11.68
N THR I 140 -17.67 22.52 -12.05
CA THR I 140 -17.17 22.03 -13.35
C THR I 140 -15.65 21.76 -13.31
N ASP I 141 -15.17 20.98 -14.29
CA ASP I 141 -13.73 20.83 -14.54
C ASP I 141 -13.08 22.14 -15.04
N PHE I 142 -13.87 22.98 -15.71
CA PHE I 142 -13.36 24.20 -16.31
C PHE I 142 -13.58 25.44 -15.43
N THR I 143 -12.77 25.57 -14.37
CA THR I 143 -12.76 26.77 -13.55
C THR I 143 -11.87 27.84 -14.21
N PRO I 144 -12.12 29.16 -13.94
CA PRO I 144 -11.28 30.18 -14.58
C PRO I 144 -9.78 29.87 -14.42
N SER I 145 -9.41 29.33 -13.26
CA SER I 145 -8.07 28.89 -12.99
C SER I 145 -7.56 27.86 -14.00
N HIS I 146 -8.28 26.74 -14.13
CA HIS I 146 -7.97 25.70 -15.14
C HIS I 146 -7.97 26.18 -16.61
N ILE I 147 -8.97 26.98 -16.97
CA ILE I 147 -9.08 27.54 -18.32
C ILE I 147 -7.77 28.22 -18.66
N ILE I 148 -7.27 29.03 -17.74
CA ILE I 148 -6.00 29.70 -18.00
C ILE I 148 -4.82 28.74 -17.87
N GLU I 149 -4.76 28.01 -16.76
CA GLU I 149 -3.61 27.11 -16.50
C GLU I 149 -3.49 25.96 -17.53
N PHE I 150 -4.44 25.03 -17.52
CA PHE I 150 -4.37 23.86 -18.40
C PHE I 150 -4.62 24.14 -19.89
N TYR I 151 -5.46 25.12 -20.21
CA TYR I 151 -5.91 25.24 -21.59
C TYR I 151 -5.32 26.40 -22.37
N MET I 152 -4.56 27.24 -21.66
CA MET I 152 -3.85 28.35 -22.30
C MET I 152 -2.39 28.35 -21.93
N SER I 153 -2.13 28.57 -20.64
CA SER I 153 -0.79 28.72 -20.12
C SER I 153 0.14 27.59 -20.53
N TYR I 154 -0.34 26.34 -20.51
CA TYR I 154 0.52 25.17 -20.77
C TYR I 154 0.73 24.92 -22.24
N PRO I 155 -0.37 24.93 -23.05
CA PRO I 155 -0.21 24.86 -24.51
C PRO I 155 0.75 25.89 -25.06
N ILE I 156 0.72 27.10 -24.51
CA ILE I 156 1.57 28.16 -25.03
C ILE I 156 3.04 27.75 -24.93
N TYR I 157 3.50 27.35 -23.75
CA TYR I 157 4.93 27.00 -23.68
C TYR I 157 5.27 25.67 -24.32
N SER I 158 4.26 24.83 -24.47
CA SER I 158 4.36 23.67 -25.31
C SER I 158 4.66 24.07 -26.78
N VAL I 159 3.85 24.96 -27.35
CA VAL I 159 4.05 25.46 -28.71
C VAL I 159 5.45 26.02 -28.84
N ILE I 160 5.75 26.98 -27.96
CA ILE I 160 7.07 27.62 -27.95
C ILE I 160 8.21 26.63 -27.88
N ALA I 161 8.06 25.60 -27.07
CA ALA I 161 9.05 24.52 -26.98
C ALA I 161 9.21 23.78 -28.30
N VAL I 162 8.11 23.38 -28.93
CA VAL I 162 8.15 22.75 -30.26
C VAL I 162 8.88 23.65 -31.31
N GLY I 163 8.51 24.94 -31.34
CA GLY I 163 9.24 25.95 -32.11
C GLY I 163 10.73 25.88 -31.86
N ALA I 164 11.15 25.97 -30.60
CA ALA I 164 12.59 25.95 -30.29
C ALA I 164 13.26 24.72 -30.88
N PHE I 165 12.67 23.58 -30.65
CA PHE I 165 13.14 22.33 -31.21
C PHE I 165 13.20 22.36 -32.73
N PHE I 166 12.07 22.71 -33.37
CA PHE I 166 11.99 22.81 -34.83
C PHE I 166 12.98 23.79 -35.43
N TYR I 167 13.16 24.95 -34.81
CA TYR I 167 14.18 25.90 -35.26
C TYR I 167 15.57 25.26 -35.20
N ALA I 168 15.85 24.50 -34.16
CA ALA I 168 17.16 23.86 -34.03
C ALA I 168 17.33 22.77 -35.07
N LYS I 169 16.31 21.96 -35.27
CA LYS I 169 16.35 20.93 -36.30
C LYS I 169 16.50 21.48 -37.72
N THR I 170 16.00 22.69 -38.00
CA THR I 170 16.00 23.19 -39.37
C THR I 170 17.10 24.22 -39.69
N ARG I 171 17.83 24.68 -38.68
CA ARG I 171 18.84 25.72 -38.91
C ARG I 171 20.26 25.34 -38.49
N ILE I 172 20.40 24.49 -37.49
CA ILE I 172 21.72 24.15 -37.00
C ILE I 172 22.09 22.73 -37.41
N PRO I 173 23.21 22.58 -38.14
CA PRO I 173 23.70 21.22 -38.39
C PRO I 173 24.22 20.69 -37.06
N TYR I 174 23.53 19.68 -36.55
CA TYR I 174 23.84 19.03 -35.28
C TYR I 174 22.52 18.60 -34.72
N PHE I 175 21.60 19.57 -34.71
CA PHE I 175 20.23 19.36 -34.29
C PHE I 175 19.44 18.79 -35.46
N ALA I 176 19.96 18.99 -36.67
CA ALA I 176 19.48 18.35 -37.89
C ALA I 176 20.18 16.99 -37.98
N HIS I 177 19.63 16.00 -38.68
CA HIS I 177 20.16 14.62 -38.56
C HIS I 177 20.55 14.27 -37.12
N GLY I 178 19.59 13.72 -36.40
CA GLY I 178 19.85 13.35 -35.04
C GLY I 178 18.68 13.16 -34.10
N TYR I 179 17.90 14.22 -33.89
CA TYR I 179 17.11 14.35 -32.65
C TYR I 179 18.00 14.35 -31.39
N SER I 180 18.10 15.50 -30.76
CA SER I 180 18.77 15.61 -29.48
C SER I 180 17.87 14.92 -28.48
N LEU I 181 18.37 13.92 -27.78
CA LEU I 181 17.52 13.21 -26.81
C LEU I 181 17.00 14.19 -25.77
N ALA I 182 17.86 15.11 -25.33
CA ALA I 182 17.51 16.07 -24.32
C ALA I 182 16.45 17.02 -24.87
N PHE I 183 16.70 17.58 -26.06
CA PHE I 183 15.70 18.41 -26.73
C PHE I 183 14.39 17.65 -26.93
N LEU I 184 14.45 16.34 -27.08
CA LEU I 184 13.23 15.56 -27.26
C LEU I 184 12.38 15.64 -26.03
N ILE I 185 12.99 15.24 -24.92
CA ILE I 185 12.39 15.29 -23.61
C ILE I 185 11.81 16.67 -23.34
N VAL I 186 12.49 17.72 -23.82
CA VAL I 186 11.99 19.09 -23.68
C VAL I 186 10.72 19.34 -24.49
N ALA I 187 10.68 18.93 -25.75
CA ALA I 187 9.52 19.21 -26.60
C ALA I 187 8.27 18.36 -26.27
N ILE I 188 8.51 17.16 -25.75
CA ILE I 188 7.48 16.13 -25.59
C ILE I 188 7.01 16.05 -24.14
N GLY I 189 7.92 16.30 -23.21
CA GLY I 189 7.63 16.28 -21.77
C GLY I 189 6.33 16.91 -21.36
N PRO I 190 6.07 18.16 -21.81
CA PRO I 190 4.78 18.82 -21.60
C PRO I 190 3.57 17.93 -21.88
N PHE I 191 3.56 17.20 -23.00
CA PHE I 191 2.41 16.35 -23.31
C PHE I 191 2.25 15.18 -22.32
N MET I 192 3.06 15.16 -21.27
CA MET I 192 2.94 14.19 -20.17
C MET I 192 2.52 14.81 -18.82
N ILE I 193 2.34 16.13 -18.77
CA ILE I 193 1.75 16.77 -17.57
C ILE I 193 0.26 16.45 -17.40
N ILE I 194 0.00 15.77 -16.28
CA ILE I 194 -1.34 15.41 -15.83
C ILE I 194 -1.47 15.43 -14.29
N PRO I 195 -2.50 16.13 -13.75
CA PRO I 195 -2.78 16.21 -12.33
C PRO I 195 -3.95 15.32 -11.87
N ASN I 196 -4.49 15.63 -10.68
CA ASN I 196 -5.53 14.82 -10.04
C ASN I 196 -6.65 15.66 -9.38
N VAL I 197 -7.89 15.14 -9.29
CA VAL I 197 -8.36 13.87 -9.92
C VAL I 197 -9.76 14.04 -10.56
N PHE I 224 7.53 11.56 -7.09
CA PHE I 224 8.91 11.81 -7.52
C PHE I 224 9.06 12.03 -9.04
N GLY I 225 10.10 11.46 -9.66
CA GLY I 225 10.71 12.18 -10.79
C GLY I 225 10.93 11.68 -12.21
N TRP I 226 10.04 12.13 -13.11
CA TRP I 226 10.27 12.15 -14.55
C TRP I 226 9.74 13.52 -15.01
N MET I 227 10.65 14.48 -15.19
CA MET I 227 10.27 15.87 -15.50
C MET I 227 11.08 16.48 -16.66
N ALA I 228 10.65 17.65 -17.13
CA ALA I 228 11.38 18.42 -18.14
C ALA I 228 12.35 19.41 -17.44
N LEU I 229 13.60 19.40 -17.88
CA LEU I 229 14.79 19.79 -17.09
C LEU I 229 15.95 19.31 -17.96
N GLY I 230 15.60 18.90 -19.18
CA GLY I 230 16.54 18.41 -20.15
C GLY I 230 17.07 19.59 -20.91
N VAL I 231 16.70 20.77 -20.45
CA VAL I 231 17.28 21.96 -21.00
C VAL I 231 18.74 21.94 -20.62
N PHE I 232 19.05 21.18 -19.57
CA PHE I 232 20.44 20.91 -19.18
C PHE I 232 21.25 20.38 -20.36
N GLY I 233 20.82 19.25 -20.92
CA GLY I 233 21.42 18.69 -22.13
C GLY I 233 21.45 19.67 -23.27
N VAL I 234 20.29 20.23 -23.61
CA VAL I 234 20.21 21.25 -24.68
C VAL I 234 21.31 22.33 -24.52
N VAL I 235 21.42 22.99 -23.36
CA VAL I 235 22.47 24.03 -23.28
C VAL I 235 23.90 23.45 -23.32
N LEU I 236 24.10 22.24 -22.82
CA LEU I 236 25.42 21.64 -22.95
C LEU I 236 25.80 21.35 -24.44
N GLN I 237 24.78 21.13 -25.27
CA GLN I 237 25.04 20.80 -26.66
C GLN I 237 25.39 22.07 -27.38
N ILE I 238 24.67 23.14 -27.06
CA ILE I 238 25.01 24.49 -27.52
C ILE I 238 26.44 24.85 -27.05
N LEU I 239 26.73 24.80 -25.76
CA LEU I 239 28.11 24.99 -25.33
C LEU I 239 29.18 24.08 -26.02
N GLY I 240 28.92 22.76 -26.13
CA GLY I 240 29.72 21.86 -27.00
C GLY I 240 30.03 22.53 -28.36
N ARG I 241 29.04 23.25 -28.91
CA ARG I 241 29.09 23.80 -30.27
C ARG I 241 29.74 25.19 -30.32
N ILE I 242 29.49 25.99 -29.29
CA ILE I 242 30.18 27.27 -29.11
C ILE I 242 31.68 27.06 -28.89
N HIS I 243 32.03 26.02 -28.14
CA HIS I 243 33.40 25.70 -27.82
C HIS I 243 34.19 25.42 -29.08
N ALA I 244 33.52 24.77 -30.04
CA ALA I 244 34.19 24.27 -31.23
C ALA I 244 34.29 25.36 -32.27
N LEU I 245 33.44 26.37 -32.17
CA LEU I 245 33.58 27.51 -33.07
C LEU I 245 34.63 28.53 -32.61
N ILE I 246 35.78 28.04 -32.12
CA ILE I 246 37.05 28.82 -31.97
C ILE I 246 38.26 27.96 -31.48
N GLY I 247 39.33 27.91 -32.28
CA GLY I 247 40.51 27.10 -31.93
C GLY I 247 41.58 27.87 -31.16
N LYS I 248 41.49 29.20 -31.22
CA LYS I 248 42.47 30.11 -30.63
C LYS I 248 41.87 30.72 -29.37
N GLU I 249 41.54 29.86 -28.42
CA GLU I 249 40.76 30.29 -27.23
C GLU I 249 41.51 30.51 -25.93
N GLY I 250 42.78 30.91 -26.07
CA GLY I 250 43.57 31.45 -24.96
C GLY I 250 42.99 32.77 -24.47
N VAL I 251 42.11 33.36 -25.30
CA VAL I 251 41.46 34.64 -25.01
C VAL I 251 40.37 34.51 -23.92
N ALA I 252 40.15 33.28 -23.44
CA ALA I 252 39.19 33.01 -22.36
C ALA I 252 39.59 31.77 -21.54
N HIS J 29 8.50 1.52 34.52
CA HIS J 29 9.36 2.73 34.41
C HIS J 29 9.25 3.29 33.03
N GLY J 30 9.59 4.57 32.86
CA GLY J 30 9.55 5.17 31.53
C GLY J 30 8.28 5.90 31.11
N GLU J 31 7.12 5.44 31.60
CA GLU J 31 5.82 6.07 31.27
C GLU J 31 5.86 7.59 31.53
N LYS J 32 6.81 7.97 32.36
CA LYS J 32 7.08 9.33 32.71
C LYS J 32 7.39 10.18 31.47
N SER J 33 7.92 9.53 30.44
CA SER J 33 8.27 10.21 29.21
C SER J 33 7.19 10.14 28.11
N GLN J 34 6.09 9.45 28.34
CA GLN J 34 4.98 9.52 27.41
C GLN J 34 4.17 10.80 27.59
N GLN J 35 3.44 11.17 26.54
CA GLN J 35 2.69 12.42 26.52
C GLN J 35 1.54 12.38 27.50
N ALA J 36 1.40 13.46 28.24
CA ALA J 36 0.55 13.55 29.38
C ALA J 36 -0.87 13.39 28.96
N PHE J 37 -1.27 14.05 27.86
CA PHE J 37 -2.67 13.98 27.48
C PHE J 37 -3.05 12.55 27.12
N LEU J 38 -2.17 11.86 26.43
CA LEU J 38 -2.47 10.48 26.11
C LEU J 38 -2.55 9.64 27.37
N ARG J 39 -1.66 9.87 28.31
CA ARG J 39 -1.69 9.09 29.53
C ARG J 39 -2.96 9.36 30.31
N MET J 40 -3.44 10.59 30.26
CA MET J 40 -4.66 10.94 30.97
C MET J 40 -5.93 10.49 30.27
N ARG J 41 -5.94 10.48 28.94
CA ARG J 41 -7.22 10.34 28.24
C ARG J 41 -7.41 9.00 27.56
N THR J 42 -6.75 7.96 28.07
CA THR J 42 -6.94 6.60 27.57
C THR J 42 -7.42 5.61 28.63
N LEU J 43 -6.54 5.23 29.55
CA LEU J 43 -6.92 4.27 30.58
C LEU J 43 -6.80 4.85 32.00
N ASN J 44 -7.91 4.83 32.72
CA ASN J 44 -7.98 5.43 34.03
C ASN J 44 -7.93 4.32 35.03
N TRP J 45 -6.75 4.15 35.62
CA TRP J 45 -6.46 3.04 36.49
C TRP J 45 -7.01 3.30 37.88
N TYR J 46 -7.54 2.27 38.51
CA TYR J 46 -7.96 2.36 39.90
C TYR J 46 -8.15 1.01 40.56
N ASP J 47 -7.98 0.99 41.88
CA ASP J 47 -8.08 -0.21 42.72
C ASP J 47 -6.95 -1.19 42.50
N VAL J 48 -5.88 -0.71 41.88
CA VAL J 48 -4.71 -1.53 41.57
C VAL J 48 -4.02 -1.88 42.86
N GLN J 49 -3.87 -3.17 43.10
CA GLN J 49 -3.15 -3.63 44.27
C GLN J 49 -2.17 -4.73 43.94
N TRP J 50 -1.25 -4.97 44.88
CA TRP J 50 -0.17 -5.92 44.67
C TRP J 50 -0.10 -7.07 45.65
N SER J 51 -1.18 -7.42 46.33
CA SER J 51 -1.22 -8.71 47.07
C SER J 51 -0.05 -9.08 47.98
N LYS J 52 1.17 -9.18 47.44
CA LYS J 52 2.42 -9.34 48.21
C LYS J 52 3.55 -8.50 47.62
N THR J 53 4.32 -7.84 48.46
CA THR J 53 5.43 -7.05 47.94
C THR J 53 6.77 -7.76 48.22
N THR J 54 6.70 -8.95 48.78
CA THR J 54 7.87 -9.78 48.89
C THR J 54 7.51 -11.21 48.53
N VAL J 55 8.25 -11.80 47.58
CA VAL J 55 8.11 -13.22 47.24
C VAL J 55 9.44 -14.00 47.17
N ASN J 56 9.39 -15.28 47.51
CA ASN J 56 10.51 -16.16 47.24
C ASN J 56 10.42 -16.69 45.82
N VAL J 57 11.54 -17.11 45.27
CA VAL J 57 11.50 -17.78 44.00
C VAL J 57 10.44 -18.88 44.13
N ASN J 58 9.53 -18.95 43.15
CA ASN J 58 8.45 -19.93 43.09
C ASN J 58 7.17 -19.52 43.82
N GLU J 59 7.18 -18.38 44.49
CA GLU J 59 6.00 -17.92 45.24
C GLU J 59 5.07 -17.01 44.41
N GLU J 60 3.75 -17.17 44.49
CA GLU J 60 2.80 -16.35 43.68
C GLU J 60 2.41 -15.04 44.36
N MET J 61 2.11 -14.02 43.56
CA MET J 61 1.36 -12.86 44.02
C MET J 61 0.32 -12.49 42.93
N ILE J 62 -0.81 -11.88 43.31
CA ILE J 62 -1.74 -11.32 42.30
C ILE J 62 -1.59 -9.81 42.17
N LEU J 63 -1.34 -9.33 40.97
CA LEU J 63 -1.44 -7.92 40.72
C LEU J 63 -2.83 -7.75 40.12
N SER J 64 -3.67 -6.97 40.78
CA SER J 64 -5.07 -6.80 40.35
C SER J 64 -5.45 -5.35 40.28
N GLY J 65 -6.57 -5.06 39.67
CA GLY J 65 -7.00 -3.68 39.57
C GLY J 65 -8.18 -3.56 38.68
N LYS J 66 -8.53 -2.31 38.37
CA LYS J 66 -9.66 -1.94 37.51
C LYS J 66 -9.25 -0.83 36.54
N VAL J 67 -9.89 -0.81 35.39
CA VAL J 67 -9.59 0.19 34.39
C VAL J 67 -10.89 0.77 33.80
N HIS J 68 -10.97 2.09 33.71
CA HIS J 68 -12.05 2.77 32.97
C HIS J 68 -11.49 3.30 31.65
N VAL J 69 -12.16 2.97 30.54
CA VAL J 69 -11.73 3.36 29.22
C VAL J 69 -12.32 4.73 28.87
N PHE J 70 -11.46 5.75 28.88
CA PHE J 70 -11.88 7.13 28.68
C PHE J 70 -12.83 7.33 27.52
N SER J 71 -13.81 8.21 27.64
CA SER J 71 -14.92 8.20 26.67
C SER J 71 -14.70 9.06 25.45
N ALA J 72 -13.85 10.07 25.55
CA ALA J 72 -13.34 10.77 24.36
C ALA J 72 -11.94 10.19 24.01
N TRP J 73 -11.91 8.94 23.53
CA TRP J 73 -10.64 8.29 23.19
C TRP J 73 -9.89 9.11 22.12
N PRO J 74 -8.57 9.26 22.28
CA PRO J 74 -7.81 10.17 21.39
C PRO J 74 -7.54 9.65 19.97
N GLN J 75 -7.80 10.51 18.99
CA GLN J 75 -7.56 10.16 17.59
C GLN J 75 -6.22 9.43 17.37
N ALA J 76 -5.19 9.92 18.04
CA ALA J 76 -3.83 9.39 17.95
C ALA J 76 -3.74 7.89 18.21
N VAL J 77 -4.66 7.40 19.02
CA VAL J 77 -4.64 6.00 19.43
C VAL J 77 -5.76 5.21 18.71
N ALA J 78 -5.40 4.18 17.96
CA ALA J 78 -6.38 3.34 17.31
C ALA J 78 -7.36 2.85 18.36
N ASN J 79 -8.49 2.30 17.92
CA ASN J 79 -9.52 1.83 18.84
C ASN J 79 -9.03 0.70 19.75
N PRO J 80 -9.38 0.73 21.06
CA PRO J 80 -8.96 -0.32 22.00
C PRO J 80 -9.74 -1.64 21.82
N ARG J 81 -10.42 -1.73 20.68
CA ARG J 81 -11.08 -2.90 20.15
C ARG J 81 -10.15 -4.12 20.09
N VAL J 82 -8.85 -3.86 20.04
CA VAL J 82 -7.85 -4.91 20.00
C VAL J 82 -6.78 -4.43 20.98
N SER J 83 -6.68 -5.15 22.11
CA SER J 83 -5.79 -4.79 23.23
C SER J 83 -5.27 -6.04 23.92
N PHE J 84 -4.24 -5.88 24.73
CA PHE J 84 -3.59 -7.00 25.42
C PHE J 84 -3.12 -6.61 26.83
N LEU J 85 -3.70 -7.23 27.86
CA LEU J 85 -3.29 -7.00 29.25
C LEU J 85 -1.87 -7.55 29.49
N ASN J 86 -1.10 -6.91 30.37
CA ASN J 86 0.28 -7.35 30.56
C ASN J 86 0.87 -6.98 31.91
N ALA J 87 1.80 -7.76 32.41
CA ALA J 87 2.61 -7.30 33.54
C ALA J 87 3.79 -6.55 32.99
N GLY J 88 3.84 -5.25 33.27
CA GLY J 88 5.02 -4.45 32.95
C GLY J 88 6.14 -4.71 33.92
N GLU J 89 7.24 -5.25 33.43
CA GLU J 89 8.36 -5.62 34.27
C GLU J 89 9.64 -5.81 33.42
N PRO J 90 10.81 -5.72 34.06
CA PRO J 90 12.02 -5.81 33.27
C PRO J 90 12.32 -7.25 32.85
N GLY J 91 11.56 -7.75 31.87
CA GLY J 91 11.72 -9.13 31.42
C GLY J 91 11.12 -10.08 32.44
N PRO J 92 11.45 -11.39 32.37
CA PRO J 92 10.72 -12.31 33.22
C PRO J 92 11.35 -12.52 34.60
N VAL J 93 11.22 -11.51 35.45
CA VAL J 93 11.67 -11.62 36.81
C VAL J 93 10.58 -12.35 37.60
N LEU J 94 9.32 -12.08 37.23
CA LEU J 94 8.18 -12.89 37.66
C LEU J 94 7.61 -13.50 36.40
N VAL J 95 7.28 -14.79 36.45
CA VAL J 95 6.67 -15.49 35.33
C VAL J 95 5.19 -15.33 35.50
N ARG J 96 4.49 -15.10 34.38
CA ARG J 96 3.04 -14.93 34.38
C ARG J 96 2.41 -16.27 34.15
N THR J 97 1.52 -16.63 35.06
CA THR J 97 1.00 -17.97 35.20
C THR J 97 -0.42 -18.01 34.70
N ALA J 98 -1.14 -16.90 34.93
CA ALA J 98 -2.44 -16.64 34.33
C ALA J 98 -2.65 -15.15 34.40
N GLN J 99 -3.68 -14.69 33.70
CA GLN J 99 -4.18 -13.35 33.84
C GLN J 99 -5.60 -13.35 33.32
N PHE J 100 -6.36 -12.33 33.75
CA PHE J 100 -7.80 -12.18 33.51
C PHE J 100 -8.15 -10.72 33.33
N ILE J 101 -9.13 -10.46 32.49
CA ILE J 101 -9.73 -9.15 32.30
C ILE J 101 -11.08 -9.42 31.69
N GLY J 102 -12.05 -8.53 31.91
CA GLY J 102 -13.37 -8.77 31.35
C GLY J 102 -14.14 -9.68 32.26
N GLU J 103 -13.91 -10.96 32.19
CA GLU J 103 -14.18 -11.88 33.30
C GLU J 103 -13.69 -13.19 32.70
N GLN J 104 -12.59 -13.03 31.95
CA GLN J 104 -12.06 -13.99 31.04
C GLN J 104 -10.58 -14.23 31.27
N PHE J 105 -10.17 -15.48 31.15
CA PHE J 105 -8.78 -15.80 30.99
C PHE J 105 -8.34 -15.12 29.68
N ALA J 106 -7.24 -14.37 29.72
CA ALA J 106 -6.89 -13.60 28.58
C ALA J 106 -5.44 -13.77 28.19
N PRO J 107 -5.05 -14.98 27.69
CA PRO J 107 -3.70 -15.11 27.15
C PRO J 107 -3.57 -14.44 25.76
N ARG J 108 -4.71 -14.09 25.16
CA ARG J 108 -4.74 -13.53 23.82
C ARG J 108 -5.29 -12.15 23.88
N SER J 109 -5.47 -11.51 22.74
CA SER J 109 -5.97 -10.13 22.77
C SER J 109 -7.46 -9.97 23.10
N VAL J 110 -7.80 -8.87 23.74
CA VAL J 110 -9.18 -8.59 24.16
C VAL J 110 -9.71 -7.24 23.62
N SER J 111 -11.02 -7.09 23.51
CA SER J 111 -11.67 -5.78 23.20
C SER J 111 -12.15 -5.05 24.44
N LEU J 112 -11.65 -3.82 24.58
CA LEU J 112 -12.10 -2.87 25.59
C LEU J 112 -13.09 -1.89 24.92
N GLU J 113 -14.30 -1.77 25.46
CA GLU J 113 -15.24 -0.80 24.92
C GLU J 113 -15.04 0.62 25.46
N ILE J 114 -15.17 1.61 24.59
CA ILE J 114 -15.00 3.00 25.02
C ILE J 114 -16.10 3.30 26.04
N GLY J 115 -15.73 4.03 27.10
CA GLY J 115 -16.64 4.40 28.16
C GLY J 115 -16.93 3.35 29.23
N LYS J 116 -16.38 2.15 29.11
CA LYS J 116 -16.71 1.08 30.03
C LYS J 116 -15.62 0.76 31.07
N ASP J 117 -15.93 -0.13 32.03
CA ASP J 117 -14.94 -0.46 33.06
C ASP J 117 -14.64 -1.94 33.13
N TYR J 118 -13.40 -2.26 33.41
CA TYR J 118 -13.00 -3.65 33.38
C TYR J 118 -12.18 -3.93 34.60
N ALA J 119 -12.45 -5.08 35.21
CA ALA J 119 -11.60 -5.67 36.26
C ALA J 119 -10.52 -6.52 35.63
N PHE J 120 -9.31 -6.47 36.16
CA PHE J 120 -8.26 -7.40 35.71
C PHE J 120 -7.50 -7.97 36.89
N SER J 121 -6.78 -9.05 36.64
CA SER J 121 -5.79 -9.57 37.60
C SER J 121 -4.73 -10.43 36.89
N ILE J 122 -3.53 -10.42 37.44
CA ILE J 122 -2.40 -11.15 36.88
C ILE J 122 -1.79 -11.91 38.02
N ASN J 123 -1.54 -13.21 37.79
CA ASN J 123 -0.87 -14.13 38.70
C ASN J 123 0.61 -14.24 38.33
N LEU J 124 1.47 -13.78 39.22
CA LEU J 124 2.91 -13.77 38.95
C LEU J 124 3.71 -14.73 39.85
N ARG J 125 4.81 -15.28 39.34
CA ARG J 125 5.58 -16.27 40.11
C ARG J 125 7.07 -15.92 40.14
N GLY J 126 7.58 -15.72 41.34
CA GLY J 126 8.95 -15.25 41.52
C GLY J 126 10.00 -16.10 40.87
N ARG J 127 10.89 -15.47 40.11
CA ARG J 127 11.87 -16.17 39.25
C ARG J 127 13.28 -15.65 39.50
N ARG J 128 13.49 -14.34 39.38
CA ARG J 128 14.83 -13.76 39.57
C ARG J 128 14.94 -12.91 40.80
N ALA J 129 15.94 -13.19 41.65
CA ALA J 129 16.16 -12.37 42.86
C ALA J 129 16.36 -10.87 42.51
N GLY J 130 15.81 -9.99 43.33
CA GLY J 130 16.04 -8.57 43.12
C GLY J 130 14.96 -7.68 43.73
N ARG J 131 14.85 -6.47 43.19
CA ARG J 131 13.82 -5.53 43.60
C ARG J 131 13.37 -4.97 42.29
N TRP J 132 12.11 -5.20 41.94
CA TRP J 132 11.63 -4.93 40.60
C TRP J 132 10.33 -4.14 40.60
N HIS J 133 10.23 -3.16 39.70
CA HIS J 133 9.03 -2.33 39.62
C HIS J 133 7.98 -2.87 38.62
N VAL J 134 6.96 -3.53 39.18
CA VAL J 134 6.02 -4.29 38.35
C VAL J 134 4.69 -3.56 38.18
N HIS J 135 4.33 -3.33 36.93
CA HIS J 135 3.22 -2.44 36.60
C HIS J 135 2.04 -3.19 36.09
N ALA J 136 0.84 -2.66 36.26
CA ALA J 136 -0.26 -3.05 35.40
C ALA J 136 0.04 -2.38 34.10
N GLN J 137 -0.23 -3.07 33.00
CA GLN J 137 0.02 -2.58 31.66
C GLN J 137 -1.00 -3.12 30.68
N ILE J 138 -1.46 -2.26 29.78
CA ILE J 138 -2.29 -2.68 28.65
C ILE J 138 -1.79 -2.02 27.36
N ASN J 139 -1.61 -2.81 26.30
CA ASN J 139 -1.21 -2.31 24.98
C ASN J 139 -2.38 -2.33 24.02
N VAL J 140 -2.54 -1.27 23.23
CA VAL J 140 -3.59 -1.16 22.23
C VAL J 140 -2.95 -1.26 20.84
N GLU J 141 -3.61 -1.95 19.92
CA GLU J 141 -3.05 -2.22 18.58
C GLU J 141 -2.41 -1.08 17.83
N GLY J 142 -3.17 -0.10 17.39
CA GLY J 142 -2.48 0.96 16.65
C GLY J 142 -1.94 1.98 17.64
N GLY J 143 -1.59 1.53 18.82
CA GLY J 143 -1.52 2.48 19.92
C GLY J 143 -0.18 2.52 20.54
N GLY J 144 0.20 1.42 21.15
CA GLY J 144 1.41 1.37 21.97
C GLY J 144 1.13 0.95 23.41
N PRO J 145 2.15 1.05 24.27
CA PRO J 145 1.98 0.66 25.66
C PRO J 145 1.38 1.76 26.53
N ILE J 146 0.40 1.37 27.35
CA ILE J 146 -0.24 2.25 28.34
C ILE J 146 0.06 1.63 29.68
N ILE J 147 0.67 2.42 30.54
CA ILE J 147 1.31 1.86 31.74
C ILE J 147 0.53 2.27 32.98
N GLY J 148 -0.04 1.32 33.66
CA GLY J 148 -0.69 1.63 34.92
C GLY J 148 0.31 1.67 36.07
N PRO J 149 -0.21 1.85 37.29
CA PRO J 149 0.65 2.02 38.42
C PRO J 149 1.58 0.83 38.66
N GLY J 150 2.74 1.07 39.24
CA GLY J 150 3.71 -0.02 39.52
C GLY J 150 4.19 -0.04 40.96
N GLN J 151 4.46 -1.20 41.51
CA GLN J 151 5.03 -1.28 42.85
C GLN J 151 6.30 -2.12 42.85
N TRP J 152 7.25 -1.72 43.68
CA TRP J 152 8.45 -2.55 43.99
C TRP J 152 8.14 -3.90 44.62
N ILE J 153 8.51 -4.97 43.93
CA ILE J 153 8.41 -6.33 44.48
C ILE J 153 9.83 -6.85 44.74
N GLU J 154 10.12 -7.26 45.98
CA GLU J 154 11.43 -7.92 46.30
C GLU J 154 11.32 -9.41 46.11
N ILE J 155 12.20 -9.96 45.28
CA ILE J 155 12.20 -11.40 45.02
C ILE J 155 13.46 -11.98 45.61
N LYS J 156 13.30 -12.98 46.48
CA LYS J 156 14.48 -13.53 47.13
C LYS J 156 14.62 -15.04 47.01
N GLY J 157 15.87 -15.51 46.97
CA GLY J 157 16.17 -16.91 46.69
C GLY J 157 17.15 -17.04 45.53
N ASP J 158 17.11 -18.18 44.86
CA ASP J 158 18.10 -18.53 43.84
C ASP J 158 17.40 -18.99 42.58
N MET J 159 17.70 -18.33 41.45
CA MET J 159 17.02 -18.64 40.19
C MET J 159 17.19 -20.08 39.77
N LYS J 160 18.25 -20.71 40.29
CA LYS J 160 18.49 -22.13 40.11
C LYS J 160 17.35 -23.01 40.64
N ASP J 161 16.58 -22.50 41.60
CA ASP J 161 15.51 -23.25 42.21
C ASP J 161 14.17 -23.09 41.50
N PHE J 162 14.07 -22.13 40.58
CA PHE J 162 12.82 -21.89 39.87
C PHE J 162 12.36 -23.10 39.05
N THR J 163 11.07 -23.33 39.13
CA THR J 163 10.38 -24.41 38.43
C THR J 163 9.14 -23.75 37.88
N ASP J 164 8.45 -24.39 36.94
CA ASP J 164 7.03 -24.07 36.78
C ASP J 164 6.05 -24.77 37.75
N PRO J 165 5.48 -25.92 37.39
CA PRO J 165 5.56 -26.56 36.12
C PRO J 165 4.18 -26.48 35.43
N VAL J 166 3.97 -27.33 34.42
CA VAL J 166 2.83 -27.19 33.53
C VAL J 166 2.30 -28.55 33.19
N THR J 167 0.97 -28.66 33.09
CA THR J 167 0.35 -29.98 32.86
C THR J 167 -0.11 -30.13 31.42
N LEU J 168 0.39 -31.17 30.77
CA LEU J 168 -0.02 -31.51 29.42
C LEU J 168 -1.38 -32.22 29.42
N LEU J 169 -2.08 -32.19 28.29
CA LEU J 169 -3.34 -32.92 28.16
C LEU J 169 -3.20 -34.40 28.43
N ASP J 170 -2.16 -35.02 27.88
CA ASP J 170 -1.93 -36.45 28.04
C ASP J 170 -1.63 -36.81 29.52
N GLY J 171 -1.67 -35.80 30.40
CA GLY J 171 -1.47 -35.99 31.83
C GLY J 171 -0.09 -35.74 32.43
N SER J 172 0.98 -35.83 31.64
CA SER J 172 2.31 -35.63 32.20
C SER J 172 2.57 -34.18 32.59
N THR J 173 3.58 -33.97 33.42
CA THR J 173 3.96 -32.61 33.85
C THR J 173 5.37 -32.29 33.35
N VAL J 174 5.54 -31.08 32.81
CA VAL J 174 6.83 -30.62 32.31
C VAL J 174 7.26 -29.38 33.08
N ASP J 175 8.56 -29.17 33.18
CA ASP J 175 9.06 -27.93 33.72
C ASP J 175 9.38 -26.99 32.55
N LEU J 176 8.56 -25.96 32.34
CA LEU J 176 8.72 -25.08 31.18
C LEU J 176 9.99 -24.28 31.18
N GLU J 177 10.68 -24.22 32.31
CA GLU J 177 11.97 -23.53 32.37
C GLU J 177 13.05 -24.25 31.55
N ASN J 178 13.03 -25.58 31.55
CA ASN J 178 14.05 -26.37 30.84
C ASN J 178 13.50 -27.22 29.69
N TYR J 179 12.19 -27.42 29.66
CA TYR J 179 11.57 -28.36 28.71
C TYR J 179 11.92 -28.10 27.25
N GLY J 180 12.24 -29.16 26.53
CA GLY J 180 12.38 -29.09 25.08
C GLY J 180 13.69 -28.55 24.58
N ILE J 181 14.38 -27.82 25.44
CA ILE J 181 15.64 -27.17 25.10
C ILE J 181 16.73 -28.14 24.61
N SER J 182 16.97 -29.22 25.34
CA SER J 182 17.98 -30.19 24.93
C SER J 182 17.77 -30.76 23.56
N ARG J 183 16.50 -30.92 23.20
CA ARG J 183 16.11 -31.54 21.97
C ARG J 183 16.34 -30.55 20.83
N ILE J 184 16.14 -29.26 21.11
CA ILE J 184 16.52 -28.18 20.19
C ILE J 184 18.03 -28.22 19.91
N TYR J 185 18.85 -28.28 20.95
CA TYR J 185 20.29 -28.34 20.76
C TYR J 185 20.69 -29.57 19.96
N ALA J 186 20.07 -30.69 20.29
CA ALA J 186 20.39 -31.98 19.72
C ALA J 186 20.14 -31.99 18.22
N TRP J 187 19.21 -31.18 17.77
CA TRP J 187 18.92 -31.03 16.34
C TRP J 187 19.69 -29.86 15.71
N HIS J 188 19.82 -28.74 16.42
CA HIS J 188 20.56 -27.60 15.89
C HIS J 188 22.08 -27.77 15.89
N LEU J 189 22.67 -28.28 16.96
CA LEU J 189 24.12 -28.31 16.96
C LEU J 189 24.75 -29.26 15.91
N PRO J 190 24.24 -30.51 15.78
CA PRO J 190 24.84 -31.32 14.71
C PRO J 190 24.72 -30.72 13.29
N TRP J 191 23.58 -30.15 12.92
CA TRP J 191 23.47 -29.50 11.62
C TRP J 191 24.45 -28.32 11.43
N LEU J 192 24.55 -27.44 12.45
CA LEU J 192 25.63 -26.42 12.54
C LEU J 192 27.04 -27.09 12.35
N ALA J 193 27.27 -28.28 12.92
CA ALA J 193 28.55 -29.00 12.76
C ALA J 193 28.75 -29.59 11.34
N VAL J 194 27.69 -30.18 10.78
CA VAL J 194 27.71 -30.71 9.42
C VAL J 194 27.95 -29.59 8.41
N GLY J 195 27.22 -28.49 8.57
CA GLY J 195 27.52 -27.25 7.87
C GLY J 195 29.00 -26.91 7.85
N ALA J 196 29.62 -26.79 9.03
CA ALA J 196 31.05 -26.44 9.11
C ALA J 196 32.01 -27.47 8.46
N ALA J 197 31.71 -28.76 8.60
CA ALA J 197 32.43 -29.81 7.88
C ALA J 197 32.43 -29.63 6.35
N TRP J 198 31.25 -29.32 5.80
CA TRP J 198 31.06 -29.15 4.36
C TRP J 198 31.85 -27.98 3.83
N ILE J 199 31.89 -26.86 4.57
CA ILE J 199 32.84 -25.77 4.30
C ILE J 199 34.32 -26.24 4.42
N LEU J 200 34.75 -26.77 5.57
CA LEU J 200 36.16 -27.13 5.74
C LEU J 200 36.61 -28.15 4.70
N PHE J 201 35.69 -29.03 4.31
CA PHE J 201 36.01 -30.05 3.33
C PHE J 201 36.51 -29.40 2.03
N TRP J 202 35.61 -28.76 1.32
CA TRP J 202 35.99 -28.07 0.10
C TRP J 202 37.15 -27.10 0.25
N PHE J 203 37.14 -26.30 1.31
CA PHE J 203 38.22 -25.35 1.54
C PHE J 203 39.55 -26.06 1.46
N ILE J 204 39.69 -27.13 2.23
CA ILE J 204 40.95 -27.85 2.31
C ILE J 204 41.26 -28.72 1.07
N ARG J 205 40.27 -29.45 0.56
CA ARG J 205 40.46 -30.22 -0.67
C ARG J 205 40.45 -29.34 -1.92
N LYS J 206 41.55 -28.63 -2.12
CA LYS J 206 41.70 -27.74 -3.28
C LYS J 206 40.98 -26.42 -3.01
N GLY J 207 41.79 -25.40 -2.67
CA GLY J 207 41.44 -24.28 -1.77
C GLY J 207 40.90 -22.97 -2.34
N ILE J 208 41.24 -21.84 -1.72
CA ILE J 208 40.72 -20.53 -2.20
C ILE J 208 41.54 -19.91 -3.33
N ILE J 209 42.73 -19.36 -3.04
CA ILE J 209 43.65 -18.87 -4.07
C ILE J 209 43.97 -19.90 -5.20
N ALA J 210 44.25 -21.17 -4.83
CA ALA J 210 44.53 -22.20 -5.84
C ALA J 210 43.35 -22.38 -6.83
N SER J 211 42.14 -22.12 -6.34
CA SER J 211 40.91 -22.19 -7.14
C SER J 211 40.60 -20.92 -7.91
N TYR J 212 40.93 -19.78 -7.32
CA TYR J 212 40.71 -18.54 -8.00
C TYR J 212 41.56 -18.59 -9.24
N VAL J 213 42.84 -18.88 -9.05
CA VAL J 213 43.80 -18.98 -10.12
C VAL J 213 43.26 -19.94 -11.18
N ARG J 214 42.81 -21.13 -10.79
CA ARG J 214 42.37 -22.12 -11.81
C ARG J 214 41.25 -21.66 -12.70
N VAL J 215 40.18 -21.15 -12.11
CA VAL J 215 39.07 -20.59 -12.83
C VAL J 215 39.52 -19.41 -13.70
N ALA J 216 40.40 -18.58 -13.15
CA ALA J 216 40.78 -17.34 -13.80
C ALA J 216 41.63 -17.65 -15.01
N GLU J 217 42.48 -18.67 -14.86
CA GLU J 217 43.33 -19.18 -15.94
C GLU J 217 42.45 -19.94 -16.90
N GLY J 218 42.83 -21.17 -17.20
CA GLY J 218 42.04 -21.98 -18.10
C GLY J 218 40.67 -22.18 -17.52
N ARG J 219 40.06 -23.30 -17.86
CA ARG J 219 38.79 -23.64 -17.24
C ARG J 219 39.03 -24.18 -15.83
N PRO J 220 37.98 -24.15 -14.98
CA PRO J 220 37.93 -24.87 -13.71
C PRO J 220 38.22 -26.31 -13.97
N ASP J 221 37.18 -27.16 -13.91
CA ASP J 221 37.26 -28.62 -14.21
C ASP J 221 38.40 -29.35 -13.52
N ASP J 222 39.50 -28.64 -13.31
CA ASP J 222 40.57 -29.07 -12.45
C ASP J 222 40.16 -28.79 -11.02
N VAL J 223 39.04 -28.08 -10.84
CA VAL J 223 38.50 -27.77 -9.52
C VAL J 223 37.40 -28.75 -9.19
N ILE J 224 36.40 -28.80 -10.06
CA ILE J 224 35.25 -29.65 -9.86
C ILE J 224 35.05 -30.56 -11.05
N GLY J 225 34.94 -31.85 -10.76
CA GLY J 225 34.45 -32.82 -11.71
C GLY J 225 34.22 -34.02 -10.83
N ASP J 226 33.21 -34.82 -11.16
CA ASP J 226 33.06 -36.16 -10.52
C ASP J 226 34.47 -36.73 -10.44
N ASP J 227 34.93 -37.18 -9.27
CA ASP J 227 34.14 -37.57 -8.12
C ASP J 227 33.67 -36.48 -7.15
N ASP J 228 33.96 -35.22 -7.44
CA ASP J 228 33.53 -34.11 -6.57
C ASP J 228 32.01 -34.02 -6.50
N ARG J 229 31.38 -34.13 -7.66
CA ARG J 229 29.95 -34.25 -7.76
C ARG J 229 29.38 -35.47 -7.02
N ARG J 230 30.11 -36.59 -7.03
CA ARG J 230 29.67 -37.84 -6.35
C ARG J 230 29.53 -37.65 -4.84
N ILE J 231 30.62 -37.19 -4.21
CA ILE J 231 30.58 -36.79 -2.80
C ILE J 231 29.31 -35.99 -2.55
N GLY J 232 29.12 -34.91 -3.30
CA GLY J 232 27.94 -34.08 -3.22
C GLY J 232 26.62 -34.82 -3.36
N ALA J 233 26.52 -35.73 -4.32
CA ALA J 233 25.27 -36.51 -4.51
C ALA J 233 25.04 -37.44 -3.33
N ILE J 234 26.13 -37.96 -2.77
CA ILE J 234 26.09 -38.80 -1.59
C ILE J 234 25.61 -37.95 -0.42
N VAL J 235 26.34 -36.85 -0.16
CA VAL J 235 26.04 -35.93 0.97
C VAL J 235 24.58 -35.43 0.98
N LEU J 236 24.08 -35.07 -0.19
CA LEU J 236 22.68 -34.75 -0.35
C LEU J 236 21.78 -35.91 0.04
N ALA J 237 22.01 -37.08 -0.53
CA ALA J 237 21.17 -38.24 -0.23
C ALA J 237 21.13 -38.59 1.26
N LEU J 238 22.28 -38.55 1.96
CA LEU J 238 22.33 -38.72 3.43
C LEU J 238 21.56 -37.59 4.13
N THR J 239 21.72 -36.37 3.66
CA THR J 239 20.99 -35.26 4.25
C THR J 239 19.50 -35.51 4.22
N ILE J 240 18.94 -35.85 3.06
CA ILE J 240 17.50 -36.05 2.91
C ILE J 240 17.01 -37.22 3.79
N LEU J 241 17.82 -38.27 3.87
CA LEU J 241 17.58 -39.39 4.75
C LEU J 241 17.54 -38.98 6.23
N ALA J 242 18.51 -38.18 6.66
CA ALA J 242 18.55 -37.74 8.05
C ALA J 242 17.34 -36.86 8.35
N THR J 243 16.93 -36.07 7.35
CA THR J 243 15.74 -35.25 7.48
C THR J 243 14.49 -36.14 7.56
N ILE J 244 14.33 -37.09 6.64
CA ILE J 244 13.16 -37.99 6.71
C ILE J 244 13.12 -38.78 8.04
N VAL J 245 14.27 -39.27 8.49
CA VAL J 245 14.37 -39.97 9.76
C VAL J 245 13.96 -39.08 10.95
N GLY J 246 14.68 -37.99 11.16
CA GLY J 246 14.32 -37.07 12.23
C GLY J 246 12.85 -36.66 12.22
N TYR J 247 12.25 -36.53 11.03
CA TYR J 247 10.84 -36.16 10.89
C TYR J 247 9.94 -37.27 11.38
N ALA J 248 10.23 -38.50 10.94
CA ALA J 248 9.47 -39.68 11.34
C ALA J 248 9.62 -40.00 12.84
N VAL J 249 10.84 -39.90 13.35
CA VAL J 249 11.10 -40.15 14.75
C VAL J 249 10.35 -39.12 15.58
N THR J 250 10.35 -37.86 15.16
CA THR J 250 9.64 -36.87 15.95
C THR J 250 8.11 -36.98 15.87
N ASN J 251 7.57 -37.60 14.84
CA ASN J 251 6.15 -37.96 14.85
C ASN J 251 5.84 -39.18 15.72
N SER J 252 6.87 -39.95 16.05
CA SER J 252 6.69 -41.09 16.95
C SER J 252 6.59 -40.67 18.40
N THR J 253 7.56 -39.90 18.87
CA THR J 253 7.37 -39.09 20.08
C THR J 253 6.32 -38.08 19.64
N PHE J 254 5.59 -37.44 20.51
CA PHE J 254 4.66 -36.38 19.96
C PHE J 254 3.80 -36.77 18.75
N PRO J 255 2.94 -37.78 18.87
CA PRO J 255 2.09 -38.08 17.71
C PRO J 255 0.81 -37.25 17.56
N ARG J 256 0.42 -36.48 18.58
CA ARG J 256 -0.74 -35.61 18.42
C ARG J 256 -0.31 -34.19 18.80
N THR J 257 -0.50 -33.25 17.88
CA THR J 257 -0.02 -31.89 18.08
C THR J 257 -1.05 -30.92 17.55
N ILE J 258 -1.00 -29.68 18.04
CA ILE J 258 -1.98 -28.68 17.59
C ILE J 258 -1.23 -27.45 17.10
N PRO J 259 -1.87 -26.65 16.23
CA PRO J 259 -1.33 -25.36 15.86
C PRO J 259 -1.45 -24.29 16.95
N LEU J 260 -0.61 -23.26 16.87
CA LEU J 260 -0.63 -22.13 17.82
C LEU J 260 -2.01 -21.58 17.92
N GLN J 261 -2.49 -21.40 19.16
CA GLN J 261 -3.83 -20.90 19.35
C GLN J 261 -3.85 -19.36 19.36
N ALA J 262 -4.53 -18.78 18.38
CA ALA J 262 -4.47 -17.32 18.18
C ALA J 262 -5.77 -16.67 17.70
N GLY J 263 -5.92 -15.41 18.09
CA GLY J 263 -7.08 -14.62 17.78
C GLY J 263 -7.67 -13.85 18.96
N LEU J 264 -8.36 -12.76 18.62
CA LEU J 264 -9.16 -12.02 19.55
C LEU J 264 -10.22 -12.90 20.26
N GLN J 265 -10.40 -12.68 21.57
CA GLN J 265 -11.36 -13.40 22.39
C GLN J 265 -12.75 -12.77 22.27
N LYS J 266 -13.79 -13.52 22.64
CA LYS J 266 -15.17 -13.00 22.78
C LYS J 266 -15.25 -11.71 23.63
N PRO J 267 -16.26 -10.88 23.36
CA PRO J 267 -16.37 -9.64 24.10
C PRO J 267 -16.31 -9.86 25.62
N LEU J 268 -15.73 -8.88 26.31
CA LEU J 268 -15.51 -8.92 27.74
C LEU J 268 -16.74 -8.49 28.50
N THR J 269 -16.79 -8.84 29.79
CA THR J 269 -17.87 -8.42 30.68
C THR J 269 -17.46 -7.17 31.49
N PRO J 270 -18.18 -6.05 31.27
CA PRO J 270 -17.77 -4.91 32.06
C PRO J 270 -18.27 -4.98 33.52
N ILE J 271 -17.65 -4.18 34.41
CA ILE J 271 -18.07 -3.98 35.78
C ILE J 271 -19.50 -3.40 35.83
N GLU J 272 -20.42 -4.10 36.50
CA GLU J 272 -21.82 -3.65 36.62
C GLU J 272 -22.12 -3.13 38.03
N THR J 273 -21.16 -3.28 38.92
CA THR J 273 -21.35 -2.95 40.31
C THR J 273 -20.64 -1.62 40.52
N GLU J 274 -21.27 -0.58 41.08
CA GLU J 274 -22.56 -0.60 41.74
C GLU J 274 -23.00 0.78 42.20
N GLY J 275 -22.22 1.85 42.00
CA GLY J 275 -20.97 1.87 41.22
C GLY J 275 -20.53 3.31 40.98
N THR J 276 -19.72 3.68 39.96
CA THR J 276 -19.20 2.91 38.79
C THR J 276 -19.75 3.61 37.56
N VAL J 277 -18.88 4.22 36.76
CA VAL J 277 -19.31 5.23 35.76
C VAL J 277 -20.42 4.76 34.84
N GLY J 278 -21.48 5.56 34.74
CA GLY J 278 -22.57 5.35 33.78
C GLY J 278 -23.36 4.07 33.95
N VAL J 279 -23.51 3.62 35.19
CA VAL J 279 -24.22 2.36 35.54
C VAL J 279 -25.19 2.55 36.72
N GLY J 280 -26.43 2.11 36.52
CA GLY J 280 -27.43 2.10 37.58
C GLY J 280 -28.18 3.42 37.75
N LYS J 281 -29.17 3.40 38.62
CA LYS J 281 -30.02 4.56 38.86
C LYS J 281 -29.22 5.69 39.51
N GLU J 282 -28.27 5.33 40.37
CA GLU J 282 -27.52 6.30 41.19
C GLU J 282 -26.16 6.73 40.61
N GLN J 283 -26.13 7.89 39.96
CA GLN J 283 -24.96 8.39 39.25
C GLN J 283 -24.40 9.67 39.83
N VAL J 284 -23.13 9.92 39.54
CA VAL J 284 -22.53 11.26 39.61
C VAL J 284 -22.04 11.67 38.20
N THR J 285 -22.29 12.93 37.86
CA THR J 285 -21.89 13.48 36.59
C THR J 285 -20.98 14.65 36.86
N THR J 286 -19.97 14.78 36.01
CA THR J 286 -19.03 15.88 36.12
C THR J 286 -18.73 16.42 34.72
N GLU J 287 -19.05 17.70 34.49
CA GLU J 287 -18.66 18.43 33.27
C GLU J 287 -17.50 19.33 33.63
N LEU J 288 -16.50 19.38 32.76
CA LEU J 288 -15.37 20.25 33.01
C LEU J 288 -15.66 21.56 32.35
N ASN J 289 -15.38 22.66 33.07
CA ASN J 289 -15.76 23.99 32.69
C ASN J 289 -14.55 24.91 32.82
N GLY J 290 -13.43 24.44 32.29
CA GLY J 290 -12.25 25.26 32.14
C GLY J 290 -11.32 25.01 33.27
N GLY J 291 -10.03 25.14 33.02
CA GLY J 291 -9.05 24.92 34.05
C GLY J 291 -7.71 25.48 33.69
N VAL J 292 -6.83 25.56 34.67
CA VAL J 292 -5.57 26.29 34.56
C VAL J 292 -4.45 25.50 35.25
N TYR J 293 -3.37 25.32 34.53
CA TYR J 293 -2.22 24.66 35.08
C TYR J 293 -1.02 25.54 34.85
N LYS J 294 -0.23 25.69 35.90
CA LYS J 294 0.91 26.60 35.91
C LYS J 294 2.11 25.92 35.29
N VAL J 295 2.84 26.68 34.46
CA VAL J 295 3.99 26.14 33.74
C VAL J 295 5.25 26.99 33.98
N PRO J 296 6.20 26.47 34.76
CA PRO J 296 6.10 25.27 35.59
C PRO J 296 5.41 25.60 36.91
N GLY J 297 4.76 24.66 37.60
CA GLY J 297 4.49 23.32 37.14
C GLY J 297 4.11 22.38 38.28
N ARG J 298 3.32 22.84 39.25
CA ARG J 298 2.85 21.92 40.31
C ARG J 298 1.33 21.87 40.49
N GLU J 299 0.61 22.86 39.99
CA GLU J 299 -0.82 23.00 40.31
C GLU J 299 -1.73 22.90 39.09
N LEU J 300 -2.93 22.40 39.32
CA LEU J 300 -3.97 22.38 38.33
C LEU J 300 -5.22 22.79 39.06
N THR J 301 -5.92 23.77 38.51
CA THR J 301 -7.15 24.26 39.11
C THR J 301 -8.24 24.08 38.09
N ILE J 302 -9.33 23.44 38.48
CA ILE J 302 -10.42 23.17 37.54
C ILE J 302 -11.79 23.52 38.10
N ASN J 303 -12.69 23.94 37.21
CA ASN J 303 -14.10 24.16 37.54
C ASN J 303 -14.96 22.98 37.09
N VAL J 304 -15.67 22.36 38.02
CA VAL J 304 -16.41 21.13 37.71
C VAL J 304 -17.88 21.36 37.95
N LYS J 305 -18.73 21.13 36.96
CA LYS J 305 -20.18 21.17 37.15
C LYS J 305 -20.68 19.79 37.51
N VAL J 306 -21.00 19.62 38.80
CA VAL J 306 -21.42 18.31 39.32
C VAL J 306 -22.95 18.19 39.37
N LYS J 307 -23.46 17.00 39.04
CA LYS J 307 -24.88 16.68 39.18
C LYS J 307 -25.03 15.40 39.96
N ASN J 308 -25.66 15.52 41.12
CA ASN J 308 -25.87 14.41 42.02
C ASN J 308 -27.18 13.67 41.76
N GLY J 309 -27.14 12.80 40.76
CA GLY J 309 -28.09 11.76 40.51
C GLY J 309 -28.22 10.65 41.54
N THR J 310 -27.51 10.72 42.68
CA THR J 310 -27.72 9.73 43.76
C THR J 310 -28.77 10.19 44.76
N SER J 311 -28.91 9.42 45.83
CA SER J 311 -29.81 9.78 46.91
C SER J 311 -29.05 9.94 48.22
N GLN J 312 -27.79 10.35 48.14
CA GLN J 312 -26.99 10.63 49.33
C GLN J 312 -26.07 11.82 49.12
N PRO J 313 -25.84 12.62 50.17
CA PRO J 313 -24.86 13.68 50.07
C PRO J 313 -23.48 13.10 49.81
N VAL J 314 -22.80 13.57 48.77
CA VAL J 314 -21.47 13.08 48.43
C VAL J 314 -20.45 14.20 48.54
N ARG J 315 -19.26 13.88 49.01
CA ARG J 315 -18.15 14.82 48.99
C ARG J 315 -17.15 14.32 47.95
N LEU J 316 -16.40 15.22 47.35
CA LEU J 316 -15.33 14.81 46.47
C LEU J 316 -14.12 14.29 47.26
N GLY J 317 -13.78 13.02 47.04
CA GLY J 317 -12.62 12.40 47.70
C GLY J 317 -11.30 12.28 46.93
N GLU J 318 -11.35 12.16 45.61
CA GLU J 318 -10.17 11.74 44.83
C GLU J 318 -10.23 12.21 43.39
N TYR J 319 -9.07 12.56 42.85
CA TYR J 319 -8.82 12.65 41.40
C TYR J 319 -7.67 11.70 41.01
N THR J 320 -7.95 10.75 40.10
CA THR J 320 -6.91 9.92 39.44
C THR J 320 -6.78 10.23 37.96
N ALA J 321 -5.53 10.29 37.51
CA ALA J 321 -5.17 10.63 36.15
C ALA J 321 -4.39 9.51 35.46
N ALA J 322 -3.08 9.45 35.67
CA ALA J 322 -2.32 8.53 34.83
C ALA J 322 -1.81 7.45 35.73
N GLY J 323 -2.71 6.86 36.49
CA GLY J 323 -2.29 6.05 37.60
C GLY J 323 -2.16 6.84 38.88
N LEU J 324 -1.74 8.11 38.80
CA LEU J 324 -1.60 8.98 39.97
C LEU J 324 -2.90 9.19 40.77
N ARG J 325 -2.76 9.37 42.09
CA ARG J 325 -3.91 9.56 42.97
C ARG J 325 -3.72 10.84 43.76
N PHE J 326 -4.66 11.76 43.58
CA PHE J 326 -4.69 13.02 44.32
C PHE J 326 -5.87 13.00 45.29
N LEU J 327 -5.55 12.86 46.57
CA LEU J 327 -6.57 12.65 47.59
C LEU J 327 -6.96 13.93 48.35
N ASN J 328 -8.20 13.94 48.82
CA ASN J 328 -8.70 15.01 49.65
C ASN J 328 -8.56 14.59 51.11
N PRO J 329 -7.72 15.31 51.88
CA PRO J 329 -7.47 14.90 53.26
C PRO J 329 -8.69 15.15 54.16
N THR J 330 -9.72 15.78 53.60
CA THR J 330 -11.02 15.82 54.23
C THR J 330 -11.69 14.46 54.19
N VAL J 331 -11.57 13.77 53.06
CA VAL J 331 -12.29 12.50 52.91
C VAL J 331 -11.38 11.32 53.21
N PHE J 332 -10.12 11.42 52.79
CA PHE J 332 -9.14 10.39 53.11
C PHE J 332 -8.38 10.88 54.34
N THR J 333 -9.00 10.71 55.51
CA THR J 333 -8.44 11.24 56.76
C THR J 333 -7.13 10.55 57.05
N GLN J 334 -6.99 9.32 56.55
CA GLN J 334 -5.71 8.60 56.55
C GLN J 334 -5.85 7.10 56.34
N LYS J 335 -5.27 6.55 55.27
CA LYS J 335 -4.38 7.13 54.26
C LYS J 335 -3.68 5.94 53.55
N PRO J 336 -4.08 5.65 52.31
CA PRO J 336 -4.08 4.28 51.81
C PRO J 336 -2.72 3.64 51.55
N ASP J 337 -2.73 2.31 51.45
CA ASP J 337 -1.61 1.53 50.96
C ASP J 337 -1.50 1.64 49.42
N PHE J 338 -0.52 2.41 48.96
CA PHE J 338 -0.34 2.65 47.54
C PHE J 338 1.09 3.17 47.38
N PRO J 339 1.75 2.79 46.28
CA PRO J 339 3.09 3.20 45.92
C PRO J 339 3.43 4.68 46.16
N ASP J 340 4.62 4.93 46.67
CA ASP J 340 5.28 6.24 46.66
C ASP J 340 4.41 7.37 46.06
N TYR J 341 4.24 7.53 44.75
CA TYR J 341 5.25 7.94 43.78
C TYR J 341 4.66 8.95 42.77
N LEU J 342 3.34 9.05 42.52
CA LEU J 342 2.13 8.21 42.75
C LEU J 342 0.99 8.49 43.74
N LEU J 343 1.22 8.50 45.04
CA LEU J 343 0.14 8.82 45.98
C LEU J 343 0.25 10.25 46.53
N ALA J 344 -0.66 11.14 46.13
CA ALA J 344 -0.60 12.51 46.56
C ALA J 344 -1.75 12.87 47.50
N ASP J 345 -1.36 13.28 48.72
CA ASP J 345 -2.30 13.76 49.73
C ASP J 345 -2.72 15.23 49.68
N ARG J 346 -2.92 15.75 48.46
CA ARG J 346 -3.53 17.06 48.22
C ARG J 346 -4.28 17.20 46.89
N GLY J 347 -5.56 16.88 46.93
CA GLY J 347 -6.47 17.21 45.87
C GLY J 347 -7.66 17.92 46.47
N LEU J 348 -7.37 18.95 47.28
CA LEU J 348 -8.32 19.88 47.90
C LEU J 348 -9.11 20.78 46.92
N SER J 349 -10.39 21.12 47.16
CA SER J 349 -11.22 20.66 48.27
C SER J 349 -12.57 21.38 48.20
N ASN J 350 -12.82 22.27 49.17
CA ASN J 350 -14.14 22.82 49.57
C ASN J 350 -15.13 21.79 50.10
N ASP J 351 -15.29 21.73 51.43
CA ASP J 351 -16.13 20.70 52.03
C ASP J 351 -17.56 21.12 52.23
N ASP J 352 -18.46 20.44 51.53
CA ASP J 352 -19.84 20.83 51.44
C ASP J 352 -20.55 19.73 50.77
N VAL J 353 -20.87 18.72 51.53
CA VAL J 353 -21.71 17.65 51.01
C VAL J 353 -22.57 18.15 49.80
N ILE J 354 -22.31 17.65 48.60
CA ILE J 354 -23.19 17.98 47.48
C ILE J 354 -24.47 17.20 47.70
N ALA J 355 -25.60 17.88 47.64
CA ALA J 355 -26.86 17.29 48.09
C ALA J 355 -27.48 16.38 47.06
N PRO J 356 -28.33 15.44 47.50
CA PRO J 356 -28.97 14.54 46.54
C PRO J 356 -29.87 15.31 45.59
N GLY J 357 -29.76 15.02 44.31
CA GLY J 357 -30.52 15.76 43.30
C GLY J 357 -29.95 17.14 42.99
N GLU J 358 -28.98 17.60 43.79
CA GLU J 358 -28.38 18.94 43.64
C GLU J 358 -27.47 18.98 42.43
N SER J 359 -27.29 20.18 41.92
CA SER J 359 -26.48 20.45 40.75
C SER J 359 -25.60 21.70 41.03
N LYS J 360 -24.29 21.47 41.23
CA LYS J 360 -23.37 22.49 41.75
C LYS J 360 -22.06 22.61 40.93
N GLU J 361 -21.51 23.82 40.86
CA GLU J 361 -20.20 24.01 40.27
C GLU J 361 -19.16 24.29 41.35
N ILE J 362 -18.11 23.49 41.37
CA ILE J 362 -17.08 23.57 42.41
C ILE J 362 -15.67 23.75 41.84
N VAL J 363 -14.86 24.54 42.51
CA VAL J 363 -13.48 24.74 42.11
C VAL J 363 -12.62 23.72 42.82
N VAL J 364 -11.94 22.88 42.05
CA VAL J 364 -11.03 21.88 42.61
C VAL J 364 -9.57 22.29 42.36
N LYS J 365 -8.71 22.15 43.35
CA LYS J 365 -7.33 22.52 43.20
C LYS J 365 -6.48 21.33 43.41
N ILE J 366 -5.76 20.95 42.37
CA ILE J 366 -4.88 19.82 42.45
C ILE J 366 -3.52 20.43 42.66
N GLN J 367 -2.90 20.15 43.78
CA GLN J 367 -1.54 20.57 43.95
C GLN J 367 -0.72 19.50 44.61
N ASP J 368 0.34 19.10 43.92
CA ASP J 368 1.39 18.26 44.49
C ASP J 368 2.59 18.25 43.55
N ALA J 369 3.75 17.88 44.09
CA ALA J 369 4.97 17.78 43.30
C ALA J 369 4.83 16.68 42.27
N ARG J 370 4.15 15.61 42.65
CA ARG J 370 3.98 14.45 41.79
C ARG J 370 3.35 14.79 40.44
N TRP J 371 2.62 15.90 40.36
CA TRP J 371 2.16 16.41 39.07
C TRP J 371 3.34 16.75 38.15
N ASP J 372 4.34 17.45 38.71
CA ASP J 372 5.59 17.79 37.99
C ASP J 372 6.51 16.57 37.79
N ILE J 373 6.68 15.75 38.80
CA ILE J 373 7.61 14.62 38.73
C ILE J 373 7.22 13.56 37.67
N GLU J 374 5.90 13.30 37.57
CA GLU J 374 5.34 12.33 36.62
C GLU J 374 5.06 13.00 35.30
N ARG J 375 5.47 14.26 35.24
CA ARG J 375 5.52 15.06 34.02
C ARG J 375 4.14 15.32 33.41
N LEU J 376 3.11 15.34 34.24
CA LEU J 376 1.82 15.77 33.75
C LEU J 376 1.84 17.27 33.41
N SER J 377 2.72 18.02 34.07
CA SER J 377 2.95 19.44 33.76
C SER J 377 3.46 19.72 32.34
N ASP J 378 4.05 18.70 31.72
CA ASP J 378 4.57 18.80 30.36
C ASP J 378 3.42 18.72 29.35
N LEU J 379 2.21 18.96 29.82
CA LEU J 379 1.03 19.01 28.98
C LEU J 379 1.10 20.10 27.93
N ALA J 380 1.83 21.16 28.24
CA ALA J 380 1.92 22.34 27.37
C ALA J 380 2.77 22.07 26.12
N TYR J 381 3.49 20.95 26.15
CA TYR J 381 4.34 20.49 25.06
C TYR J 381 3.54 19.59 24.11
N ASP J 382 2.31 19.23 24.48
CA ASP J 382 1.50 18.29 23.69
C ASP J 382 0.69 19.05 22.66
N THR J 383 0.10 18.29 21.74
CA THR J 383 -0.71 18.86 20.67
C THR J 383 -2.16 18.90 21.04
N ASP J 384 -2.49 18.38 22.22
CA ASP J 384 -3.82 18.49 22.76
C ASP J 384 -3.69 18.83 24.22
N SER J 385 -3.90 20.10 24.58
CA SER J 385 -3.82 20.57 25.96
C SER J 385 -5.16 20.36 26.66
N GLN J 386 -5.32 19.13 27.17
CA GLN J 386 -6.58 18.62 27.62
C GLN J 386 -6.42 17.56 28.70
N VAL J 387 -7.12 17.70 29.85
CA VAL J 387 -7.04 16.69 30.95
C VAL J 387 -8.04 15.55 30.80
N GLY J 388 -7.78 14.46 31.50
CA GLY J 388 -8.70 13.34 31.58
C GLY J 388 -8.57 12.71 32.95
N GLY J 389 -9.45 11.75 33.25
CA GLY J 389 -9.32 10.96 34.48
C GLY J 389 -10.64 10.80 35.22
N LEU J 390 -10.59 10.19 36.39
CA LEU J 390 -11.81 9.97 37.17
C LEU J 390 -11.81 10.73 38.47
N LEU J 391 -12.98 11.20 38.83
CA LEU J 391 -13.23 11.80 40.14
C LEU J 391 -13.99 10.81 41.02
N PHE J 392 -13.56 10.64 42.26
CA PHE J 392 -14.30 9.78 43.18
C PHE J 392 -15.04 10.52 44.29
N PHE J 393 -16.37 10.36 44.26
CA PHE J 393 -17.24 10.96 45.25
C PHE J 393 -17.68 9.96 46.32
N PHE J 394 -17.71 10.39 47.59
CA PHE J 394 -18.04 9.48 48.70
C PHE J 394 -19.22 9.92 49.51
N THR J 395 -20.05 8.95 49.84
CA THR J 395 -21.17 9.12 50.76
C THR J 395 -20.64 9.27 52.22
N PRO J 396 -21.52 9.68 53.18
CA PRO J 396 -21.09 9.70 54.60
C PRO J 396 -20.75 8.32 55.18
N ASP J 397 -21.44 7.27 54.70
CA ASP J 397 -21.04 5.87 54.93
C ASP J 397 -19.97 5.46 53.90
N GLY J 398 -19.87 4.17 53.61
CA GLY J 398 -18.87 3.72 52.62
C GLY J 398 -18.88 4.31 51.19
N LYS J 399 -19.97 4.04 50.48
CA LYS J 399 -20.11 4.08 49.01
C LYS J 399 -19.35 5.13 48.20
N ARG J 400 -18.59 4.62 47.23
CA ARG J 400 -17.87 5.42 46.26
C ARG J 400 -18.68 5.52 44.97
N PHE J 401 -18.86 6.74 44.46
CA PHE J 401 -19.53 6.96 43.18
C PHE J 401 -18.57 7.69 42.21
N ALA J 402 -18.30 7.09 41.06
CA ALA J 402 -17.34 7.63 40.08
C ALA J 402 -17.91 8.41 38.88
N ALA J 403 -17.25 9.50 38.53
CA ALA J 403 -17.57 10.28 37.34
C ALA J 403 -16.29 10.54 36.53
N GLU J 404 -16.45 10.64 35.22
CA GLU J 404 -15.33 10.88 34.33
C GLU J 404 -15.17 12.37 34.19
N ILE J 405 -13.94 12.84 34.36
CA ILE J 405 -13.66 14.24 34.12
C ILE J 405 -12.72 14.38 32.91
N GLY J 406 -12.94 15.41 32.12
CA GLY J 406 -12.04 15.70 31.04
C GLY J 406 -12.45 16.89 30.21
N GLY J 407 -11.47 17.45 29.52
CA GLY J 407 -11.69 18.61 28.64
C GLY J 407 -10.48 19.53 28.62
N PRO J 408 -10.62 20.67 27.90
CA PRO J 408 -9.59 21.68 27.65
C PRO J 408 -9.10 22.34 28.92
N VAL J 409 -7.79 22.49 29.07
CA VAL J 409 -7.21 23.25 30.20
C VAL J 409 -6.12 24.17 29.71
N ILE J 410 -6.02 25.36 30.28
CA ILE J 410 -5.13 26.38 29.73
C ILE J 410 -3.84 26.56 30.55
N PRO J 411 -2.67 26.64 29.90
CA PRO J 411 -1.45 26.81 30.69
C PRO J 411 -1.25 28.26 31.14
N LYS J 412 -0.71 28.46 32.32
CA LYS J 412 -0.36 29.81 32.76
C LYS J 412 1.15 29.81 32.92
N PHE J 413 1.83 30.67 32.16
CA PHE J 413 3.28 30.62 32.14
C PHE J 413 3.96 31.38 33.28
N VAL J 414 5.07 30.80 33.76
CA VAL J 414 5.72 31.06 35.07
C VAL J 414 4.74 31.40 36.19
N HIS K 29 -22.47 28.12 -3.92
CA HIS K 29 -22.53 27.81 -5.38
C HIS K 29 -21.88 26.45 -5.73
N GLY K 30 -22.26 25.90 -6.88
CA GLY K 30 -21.70 24.64 -7.38
C GLY K 30 -22.38 23.35 -6.98
N GLU K 31 -22.99 23.34 -5.80
CA GLU K 31 -23.65 22.14 -5.27
C GLU K 31 -24.65 21.49 -6.27
N LYS K 32 -25.23 22.37 -7.09
CA LYS K 32 -26.10 22.06 -8.20
C LYS K 32 -25.51 21.01 -9.10
N SER K 33 -24.18 20.89 -9.04
CA SER K 33 -23.55 19.91 -9.89
C SER K 33 -23.14 18.68 -9.14
N GLN K 34 -23.54 18.54 -7.89
CA GLN K 34 -23.21 17.26 -7.22
C GLN K 34 -24.36 16.29 -7.40
N GLN K 35 -24.06 14.99 -7.28
CA GLN K 35 -25.10 14.04 -7.60
C GLN K 35 -26.23 14.12 -6.60
N ALA K 36 -27.45 14.21 -7.14
CA ALA K 36 -28.71 14.30 -6.40
C ALA K 36 -28.80 13.33 -5.21
N PHE K 37 -28.66 12.04 -5.51
CA PHE K 37 -28.95 11.07 -4.46
C PHE K 37 -28.01 11.33 -3.27
N LEU K 38 -26.78 11.74 -3.55
CA LEU K 38 -25.81 12.01 -2.49
C LEU K 38 -26.18 13.19 -1.67
N ARG K 39 -26.64 14.24 -2.36
CA ARG K 39 -27.12 15.44 -1.68
C ARG K 39 -28.28 15.08 -0.80
N MET K 40 -29.13 14.16 -1.27
CA MET K 40 -30.40 13.92 -0.59
C MET K 40 -30.23 13.02 0.62
N ARG K 41 -29.24 12.15 0.56
CA ARG K 41 -29.21 11.05 1.52
C ARG K 41 -27.95 11.10 2.40
N THR K 42 -27.52 12.32 2.72
CA THR K 42 -26.36 12.56 3.62
C THR K 42 -26.72 13.53 4.71
N LEU K 43 -26.87 14.81 4.35
CA LEU K 43 -27.32 15.79 5.36
C LEU K 43 -28.68 16.42 5.00
N ASN K 44 -29.56 16.43 5.99
CA ASN K 44 -30.87 17.03 5.78
C ASN K 44 -30.93 18.31 6.63
N TRP K 45 -30.68 19.42 5.91
CA TRP K 45 -30.51 20.76 6.50
C TRP K 45 -31.86 21.27 6.86
N TYR K 46 -31.98 21.90 8.03
CA TYR K 46 -33.23 22.60 8.34
C TYR K 46 -33.05 23.71 9.40
N ASP K 47 -34.03 24.63 9.47
CA ASP K 47 -33.95 25.79 10.37
C ASP K 47 -32.67 26.62 10.16
N VAL K 48 -32.07 26.55 8.95
CA VAL K 48 -30.91 27.39 8.61
C VAL K 48 -31.36 28.82 8.49
N GLN K 49 -30.74 29.68 9.29
CA GLN K 49 -30.99 31.13 9.21
C GLN K 49 -29.71 31.97 9.30
N TRP K 50 -29.82 33.19 8.77
CA TRP K 50 -28.69 34.09 8.61
C TRP K 50 -28.72 35.43 9.37
N SER K 51 -29.41 35.56 10.47
CA SER K 51 -29.22 36.70 11.40
C SER K 51 -29.09 38.17 10.87
N LYS K 52 -28.13 38.44 9.99
CA LYS K 52 -28.14 39.65 9.20
C LYS K 52 -27.78 39.28 7.77
N THR K 53 -28.57 39.75 6.78
CA THR K 53 -28.18 39.74 5.39
C THR K 53 -27.30 40.94 4.97
N THR K 54 -27.10 41.94 5.82
CA THR K 54 -26.32 43.16 5.42
C THR K 54 -25.38 43.60 6.51
N VAL K 55 -24.11 43.78 6.22
CA VAL K 55 -23.12 44.06 7.30
C VAL K 55 -21.96 44.94 6.84
N ASN K 56 -21.53 45.86 7.69
CA ASN K 56 -20.35 46.64 7.38
C ASN K 56 -19.09 45.85 7.66
N VAL K 57 -18.02 46.19 6.97
CA VAL K 57 -16.75 45.69 7.39
C VAL K 57 -16.67 45.77 8.94
N ASN K 58 -16.16 44.73 9.60
CA ASN K 58 -16.13 44.60 11.10
C ASN K 58 -17.41 44.21 11.88
N GLU K 59 -18.57 44.16 11.23
CA GLU K 59 -19.85 43.82 11.88
C GLU K 59 -20.20 42.30 11.80
N GLU K 60 -20.61 41.69 12.93
CA GLU K 60 -20.89 40.25 12.97
C GLU K 60 -22.30 39.89 12.49
N MET K 61 -22.46 38.63 12.11
CA MET K 61 -23.77 38.00 11.93
C MET K 61 -23.58 36.51 12.29
N ILE K 62 -24.65 35.86 12.73
CA ILE K 62 -24.56 34.41 12.93
C ILE K 62 -25.30 33.66 11.86
N LEU K 63 -24.64 32.65 11.31
CA LEU K 63 -25.32 31.72 10.42
C LEU K 63 -25.54 30.46 11.23
N SER K 64 -26.79 30.04 11.33
CA SER K 64 -27.15 28.95 12.24
C SER K 64 -28.17 28.07 11.59
N GLY K 65 -28.33 26.88 12.14
CA GLY K 65 -29.32 25.90 11.67
C GLY K 65 -29.12 24.53 12.31
N LYS K 66 -29.84 23.55 11.76
CA LYS K 66 -29.82 22.22 12.30
C LYS K 66 -29.60 21.25 11.17
N VAL K 67 -29.20 20.02 11.50
CA VAL K 67 -28.83 19.05 10.48
C VAL K 67 -29.20 17.70 11.04
N HIS K 68 -29.88 16.90 10.23
CA HIS K 68 -30.18 15.48 10.58
C HIS K 68 -29.36 14.63 9.64
N VAL K 69 -28.47 13.79 10.20
CA VAL K 69 -27.63 12.88 9.41
C VAL K 69 -28.53 11.72 8.95
N PHE K 70 -28.61 11.46 7.64
CA PHE K 70 -29.60 10.50 7.11
C PHE K 70 -29.21 9.09 7.51
N SER K 71 -30.17 8.28 7.95
CA SER K 71 -29.82 6.95 8.49
C SER K 71 -29.31 5.93 7.44
N ALA K 72 -29.74 6.04 6.20
CA ALA K 72 -29.20 5.18 5.16
C ALA K 72 -28.03 5.89 4.50
N TRP K 73 -26.98 6.15 5.26
CA TRP K 73 -25.86 6.93 4.75
C TRP K 73 -25.24 6.11 3.64
N PRO K 74 -25.03 6.69 2.42
CA PRO K 74 -24.55 5.99 1.20
C PRO K 74 -23.14 5.43 1.37
N GLN K 75 -22.82 4.41 0.58
CA GLN K 75 -21.53 3.71 0.78
C GLN K 75 -20.45 4.58 0.16
N ALA K 76 -20.87 5.35 -0.87
CA ALA K 76 -19.91 6.14 -1.62
C ALA K 76 -19.20 7.13 -0.69
N VAL K 77 -19.83 7.49 0.42
CA VAL K 77 -19.33 8.56 1.29
C VAL K 77 -18.78 8.04 2.64
N ALA K 78 -17.51 8.29 2.96
CA ALA K 78 -16.96 7.63 4.17
C ALA K 78 -17.83 7.97 5.38
N ASN K 79 -17.65 7.27 6.48
CA ASN K 79 -18.43 7.55 7.70
C ASN K 79 -18.24 8.97 8.29
N PRO K 80 -19.36 9.71 8.55
CA PRO K 80 -19.32 11.09 9.08
C PRO K 80 -18.79 11.13 10.51
N ARG K 81 -18.11 10.06 10.87
CA ARG K 81 -17.37 9.95 12.11
C ARG K 81 -16.37 11.07 12.16
N VAL K 82 -15.91 11.54 10.98
CA VAL K 82 -14.76 12.49 10.96
C VAL K 82 -15.02 13.61 10.04
N SER K 83 -15.48 14.73 10.61
CA SER K 83 -16.17 15.83 9.84
C SER K 83 -15.80 17.23 10.34
N PHE K 84 -16.15 18.21 9.49
CA PHE K 84 -15.85 19.61 9.71
C PHE K 84 -17.00 20.59 9.24
N LEU K 85 -17.32 21.51 10.16
CA LEU K 85 -18.34 22.51 9.91
C LEU K 85 -17.64 23.65 9.21
N ASN K 86 -18.39 24.40 8.40
CA ASN K 86 -17.86 25.47 7.60
C ASN K 86 -18.87 26.46 6.95
N ALA K 87 -18.29 27.59 6.61
CA ALA K 87 -19.01 28.61 5.95
C ALA K 87 -18.57 28.46 4.51
N GLY K 88 -19.48 27.97 3.66
CA GLY K 88 -19.24 28.01 2.21
C GLY K 88 -19.28 29.44 1.79
N GLU K 89 -18.22 29.94 1.18
CA GLU K 89 -18.09 31.34 0.82
C GLU K 89 -16.86 31.59 -0.09
N PRO K 90 -16.88 32.66 -0.91
CA PRO K 90 -15.78 32.70 -1.89
C PRO K 90 -14.55 33.31 -1.24
N GLY K 91 -13.78 32.55 -0.50
CA GLY K 91 -12.59 33.11 0.20
C GLY K 91 -13.02 33.88 1.45
N PRO K 92 -12.09 34.55 2.10
CA PRO K 92 -12.53 35.08 3.38
C PRO K 92 -13.20 36.44 3.21
N VAL K 93 -14.39 36.48 2.55
CA VAL K 93 -15.14 37.73 2.44
C VAL K 93 -15.71 38.08 3.79
N LEU K 94 -16.23 37.09 4.53
CA LEU K 94 -16.39 37.20 5.99
C LEU K 94 -15.34 36.31 6.71
N VAL K 95 -14.77 36.84 7.80
CA VAL K 95 -13.88 36.10 8.71
C VAL K 95 -14.69 35.31 9.75
N ARG K 96 -14.43 34.02 9.87
CA ARG K 96 -15.12 33.17 10.87
C ARG K 96 -14.50 33.42 12.25
N THR K 97 -15.35 33.81 13.21
CA THR K 97 -14.80 34.22 14.53
C THR K 97 -14.89 33.15 15.64
N ALA K 98 -15.87 32.27 15.45
CA ALA K 98 -16.01 31.02 16.16
C ALA K 98 -17.14 30.23 15.41
N GLN K 99 -17.21 28.91 15.66
CA GLN K 99 -18.33 28.13 15.19
C GLN K 99 -18.63 27.09 16.23
N PHE K 100 -19.85 26.52 16.19
CA PHE K 100 -20.29 25.53 17.15
C PHE K 100 -21.16 24.50 16.46
N ILE K 101 -21.14 23.28 17.01
CA ILE K 101 -21.98 22.18 16.53
C ILE K 101 -21.94 21.10 17.60
N GLY K 102 -23.05 20.45 17.85
CA GLY K 102 -22.99 19.38 18.79
C GLY K 102 -23.34 19.94 20.12
N GLU K 103 -22.52 20.85 20.64
CA GLU K 103 -22.90 21.90 21.62
C GLU K 103 -21.56 22.40 22.08
N GLN K 104 -20.73 22.65 21.06
CA GLN K 104 -19.28 22.58 21.19
C GLN K 104 -18.63 23.53 20.20
N PHE K 105 -17.77 24.38 20.75
CA PHE K 105 -16.83 25.16 19.96
C PHE K 105 -16.09 24.11 19.09
N ALA K 106 -16.07 24.37 17.77
CA ALA K 106 -15.54 23.38 16.83
C ALA K 106 -14.54 23.99 15.79
N PRO K 107 -13.28 24.27 16.28
CA PRO K 107 -12.20 24.66 15.35
C PRO K 107 -11.52 23.44 14.74
N ARG K 108 -11.80 22.28 15.31
CA ARG K 108 -11.20 21.04 14.87
C ARG K 108 -12.31 20.13 14.37
N SER K 109 -11.97 18.89 14.03
CA SER K 109 -13.01 18.09 13.34
C SER K 109 -13.88 17.33 14.36
N VAL K 110 -15.14 17.05 13.96
CA VAL K 110 -16.15 16.51 14.88
C VAL K 110 -16.68 15.14 14.37
N SER K 111 -17.53 14.46 15.16
CA SER K 111 -18.14 13.17 14.79
C SER K 111 -19.64 13.31 14.76
N LEU K 112 -20.23 13.08 13.61
CA LEU K 112 -21.70 13.06 13.52
C LEU K 112 -22.11 11.60 13.55
N GLU K 113 -23.13 11.30 14.31
CA GLU K 113 -23.59 9.94 14.38
C GLU K 113 -24.75 9.66 13.41
N ILE K 114 -24.66 8.57 12.67
CA ILE K 114 -25.75 8.28 11.72
C ILE K 114 -27.18 8.33 12.34
N GLY K 115 -28.06 9.14 11.71
CA GLY K 115 -29.47 9.14 12.08
C GLY K 115 -29.77 10.05 13.24
N LYS K 116 -28.96 11.07 13.48
CA LYS K 116 -29.15 11.90 14.69
C LYS K 116 -29.16 13.32 14.23
N ASP K 117 -29.65 14.23 15.08
CA ASP K 117 -29.69 15.67 14.68
C ASP K 117 -28.70 16.57 15.39
N TYR K 118 -28.18 17.56 14.66
CA TYR K 118 -27.26 18.50 15.31
C TYR K 118 -27.53 19.95 14.96
N ALA K 119 -27.56 20.78 16.01
CA ALA K 119 -27.53 22.25 15.95
C ALA K 119 -26.15 22.69 15.65
N PHE K 120 -26.07 23.72 14.84
CA PHE K 120 -24.78 24.36 14.61
C PHE K 120 -24.96 25.88 14.43
N SER K 121 -23.90 26.62 14.76
CA SER K 121 -23.84 28.02 14.35
C SER K 121 -22.43 28.51 14.07
N ILE K 122 -22.36 29.50 13.18
CA ILE K 122 -21.11 30.15 12.80
C ILE K 122 -21.24 31.64 13.03
N ASN K 123 -20.22 32.26 13.63
CA ASN K 123 -20.16 33.71 13.76
C ASN K 123 -19.21 34.19 12.76
N LEU K 124 -19.64 35.08 11.88
CA LEU K 124 -18.82 35.56 10.75
C LEU K 124 -18.64 37.10 10.82
N ARG K 125 -17.62 37.69 10.23
CA ARG K 125 -17.35 39.09 10.54
C ARG K 125 -16.89 39.76 9.26
N GLY K 126 -17.61 40.82 8.84
CA GLY K 126 -17.46 41.41 7.50
C GLY K 126 -16.04 41.86 7.22
N ARG K 127 -15.56 41.55 6.01
CA ARG K 127 -14.17 41.80 5.62
C ARG K 127 -14.07 42.44 4.22
N ARG K 128 -14.55 41.80 3.18
CA ARG K 128 -14.56 42.45 1.86
C ARG K 128 -15.91 42.94 1.34
N ALA K 129 -16.04 44.23 1.00
CA ALA K 129 -17.34 44.73 0.41
C ALA K 129 -17.79 43.95 -0.81
N GLY K 130 -19.06 43.64 -0.88
CA GLY K 130 -19.61 43.11 -2.14
C GLY K 130 -20.88 42.41 -1.75
N ARG K 131 -21.23 41.33 -2.44
CA ARG K 131 -22.50 40.67 -2.28
C ARG K 131 -22.12 39.21 -2.54
N TRP K 132 -22.49 38.32 -1.64
CA TRP K 132 -21.78 37.03 -1.54
C TRP K 132 -22.74 35.96 -1.06
N HIS K 133 -22.56 34.74 -1.59
CA HIS K 133 -23.43 33.63 -1.22
C HIS K 133 -22.79 32.77 -0.12
N VAL K 134 -23.32 32.91 1.07
CA VAL K 134 -22.75 32.25 2.19
C VAL K 134 -23.63 31.09 2.65
N HIS K 135 -23.17 29.86 2.36
CA HIS K 135 -23.84 28.63 2.82
C HIS K 135 -23.29 28.03 4.13
N ALA K 136 -24.14 27.21 4.77
CA ALA K 136 -23.71 26.30 5.76
C ALA K 136 -23.05 25.18 4.95
N GLN K 137 -21.98 24.59 5.50
CA GLN K 137 -21.32 23.53 4.83
C GLN K 137 -20.68 22.62 5.84
N ILE K 138 -20.76 21.30 5.57
CA ILE K 138 -20.08 20.28 6.33
C ILE K 138 -19.30 19.36 5.37
N ASN K 139 -18.01 19.10 5.69
CA ASN K 139 -17.20 18.18 4.86
C ASN K 139 -16.99 16.93 5.59
N VAL K 140 -17.11 15.80 4.92
CA VAL K 140 -16.92 14.49 5.58
C VAL K 140 -15.63 13.88 5.04
N GLU K 141 -14.86 13.20 5.90
CA GLU K 141 -13.45 12.86 5.58
C GLU K 141 -13.15 12.15 4.27
N GLY K 142 -13.69 10.95 4.04
CA GLY K 142 -13.40 10.32 2.74
C GLY K 142 -14.59 10.68 1.88
N GLY K 143 -15.04 11.93 2.01
CA GLY K 143 -16.41 12.22 1.62
C GLY K 143 -16.44 13.23 0.51
N GLY K 144 -16.04 14.43 0.91
CA GLY K 144 -16.25 15.59 0.07
C GLY K 144 -17.03 16.68 0.82
N PRO K 145 -17.25 17.80 0.14
CA PRO K 145 -18.07 18.81 0.74
C PRO K 145 -19.53 18.48 0.54
N ILE K 146 -20.26 18.55 1.66
CA ILE K 146 -21.72 18.69 1.56
C ILE K 146 -22.18 20.11 1.93
N ILE K 147 -22.83 20.73 0.94
CA ILE K 147 -23.22 22.15 0.94
C ILE K 147 -24.63 22.34 1.36
N GLY K 148 -24.83 22.88 2.56
CA GLY K 148 -26.15 23.44 3.07
C GLY K 148 -26.65 24.74 2.41
N PRO K 149 -27.89 25.19 2.73
CA PRO K 149 -28.47 26.37 2.04
C PRO K 149 -27.61 27.62 2.21
N GLY K 150 -27.71 28.54 1.26
CA GLY K 150 -26.96 29.80 1.34
C GLY K 150 -27.81 31.06 1.12
N GLN K 151 -27.30 32.17 1.64
CA GLN K 151 -27.98 33.45 1.39
C GLN K 151 -27.00 34.53 0.95
N TRP K 152 -27.49 35.43 0.09
CA TRP K 152 -26.72 36.60 -0.28
C TRP K 152 -26.49 37.58 0.91
N ILE K 153 -25.24 37.91 1.20
CA ILE K 153 -24.92 38.84 2.25
C ILE K 153 -24.23 39.98 1.55
N GLU K 154 -24.73 41.22 1.72
CA GLU K 154 -24.04 42.44 1.29
C GLU K 154 -23.14 42.88 2.42
N ILE K 155 -21.89 43.08 2.09
CA ILE K 155 -20.91 43.57 3.03
C ILE K 155 -20.53 44.90 2.43
N LYS K 156 -20.69 45.96 3.23
CA LYS K 156 -20.31 47.31 2.77
C LYS K 156 -19.30 48.02 3.70
N GLY K 157 -18.57 48.97 3.13
CA GLY K 157 -17.40 49.58 3.80
C GLY K 157 -16.11 49.40 3.02
N ASP K 158 -15.01 49.44 3.72
CA ASP K 158 -13.72 49.41 3.06
C ASP K 158 -12.85 48.38 3.71
N MET K 159 -12.38 47.42 2.92
CA MET K 159 -11.51 46.39 3.47
C MET K 159 -10.28 46.94 4.25
N LYS K 160 -9.78 48.13 3.88
CA LYS K 160 -8.75 48.82 4.64
C LYS K 160 -9.07 48.96 6.13
N ASP K 161 -10.35 49.14 6.43
CA ASP K 161 -10.82 49.27 7.81
C ASP K 161 -10.88 47.98 8.64
N PHE K 162 -10.83 46.82 7.98
CA PHE K 162 -10.91 45.57 8.71
C PHE K 162 -9.85 45.34 9.79
N THR K 163 -10.33 44.88 10.94
CA THR K 163 -9.49 44.50 12.05
C THR K 163 -10.06 43.23 12.58
N ASP K 164 -9.24 42.47 13.28
CA ASP K 164 -9.80 41.48 14.11
C ASP K 164 -10.52 42.03 15.36
N PRO K 165 -9.80 42.07 16.52
CA PRO K 165 -8.50 41.50 16.77
C PRO K 165 -8.66 40.29 17.70
N VAL K 166 -7.64 39.99 18.52
CA VAL K 166 -7.51 38.69 19.15
C VAL K 166 -6.53 38.76 20.31
N THR K 167 -6.89 38.13 21.43
CA THR K 167 -6.17 38.24 22.69
C THR K 167 -5.28 37.05 22.92
N LEU K 168 -3.98 37.30 23.06
CA LEU K 168 -3.05 36.25 23.48
C LEU K 168 -3.22 36.00 24.95
N LEU K 169 -2.55 34.94 25.40
CA LEU K 169 -2.62 34.40 26.75
C LEU K 169 -1.83 35.27 27.63
N ASP K 170 -0.75 35.82 27.10
CA ASP K 170 0.13 36.74 27.86
C ASP K 170 -0.49 38.14 28.02
N GLY K 171 -1.78 38.27 27.70
CA GLY K 171 -2.54 39.51 27.92
C GLY K 171 -2.61 40.48 26.76
N SER K 172 -1.65 40.42 25.83
CA SER K 172 -1.68 41.33 24.70
C SER K 172 -2.84 41.07 23.69
N THR K 173 -3.06 42.01 22.75
CA THR K 173 -4.00 41.81 21.63
C THR K 173 -3.28 42.02 20.29
N VAL K 174 -3.61 41.20 19.31
CA VAL K 174 -2.95 41.37 18.04
C VAL K 174 -4.05 41.60 17.02
N ASP K 175 -3.68 42.22 15.91
CA ASP K 175 -4.56 42.26 14.79
C ASP K 175 -4.18 41.13 13.85
N LEU K 176 -4.94 40.05 13.88
CA LEU K 176 -4.57 38.91 13.04
C LEU K 176 -4.45 39.24 11.56
N GLU K 177 -5.19 40.25 11.08
CA GLU K 177 -5.14 40.58 9.67
C GLU K 177 -3.74 40.93 9.22
N ASN K 178 -2.96 41.52 10.12
CA ASN K 178 -1.62 42.02 9.78
C ASN K 178 -0.57 41.24 10.61
N TYR K 179 -0.95 40.69 11.76
CA TYR K 179 0.07 40.20 12.71
C TYR K 179 1.11 39.21 12.14
N GLY K 180 2.37 39.38 12.53
CA GLY K 180 3.46 38.45 12.20
C GLY K 180 4.07 38.65 10.82
N ILE K 181 3.32 39.32 9.94
CA ILE K 181 3.69 39.40 8.53
C ILE K 181 4.99 40.11 8.20
N SER K 182 5.29 41.24 8.82
CA SER K 182 6.57 41.84 8.45
C SER K 182 7.74 41.05 9.04
N ARG K 183 7.48 40.37 10.15
CA ARG K 183 8.51 39.55 10.73
C ARG K 183 8.84 38.40 9.77
N ILE K 184 7.88 38.03 8.94
CA ILE K 184 8.16 37.00 7.95
C ILE K 184 9.04 37.58 6.85
N TYR K 185 8.65 38.72 6.30
CA TYR K 185 9.44 39.37 5.27
C TYR K 185 10.83 39.73 5.79
N ALA K 186 10.93 40.21 7.02
CA ALA K 186 12.23 40.57 7.58
C ALA K 186 13.16 39.39 7.57
N TRP K 187 12.62 38.16 7.66
CA TRP K 187 13.48 36.98 7.56
C TRP K 187 13.56 36.48 6.10
N HIS K 188 12.43 36.44 5.40
CA HIS K 188 12.44 35.91 4.04
C HIS K 188 13.19 36.74 2.97
N LEU K 189 13.07 38.05 3.05
CA LEU K 189 13.61 38.85 1.98
C LEU K 189 15.12 38.87 1.98
N PRO K 190 15.75 39.15 3.15
CA PRO K 190 17.20 39.18 3.24
C PRO K 190 17.80 37.92 2.68
N TRP K 191 17.33 36.75 3.13
CA TRP K 191 17.88 35.46 2.64
C TRP K 191 17.69 35.30 1.13
N LEU K 192 16.49 35.60 0.62
CA LEU K 192 16.29 35.61 -0.84
C LEU K 192 17.38 36.53 -1.50
N ALA K 193 17.73 37.63 -0.83
CA ALA K 193 18.82 38.52 -1.32
C ALA K 193 20.21 37.89 -1.18
N VAL K 194 20.58 37.41 0.02
CA VAL K 194 21.85 36.68 0.19
C VAL K 194 21.91 35.56 -0.82
N GLY K 195 20.75 34.96 -1.10
CA GLY K 195 20.62 33.94 -2.14
C GLY K 195 21.19 34.44 -3.45
N ALA K 196 20.56 35.49 -4.00
CA ALA K 196 20.97 36.06 -5.31
C ALA K 196 22.48 36.48 -5.38
N ALA K 197 22.97 37.13 -4.31
CA ALA K 197 24.32 37.65 -4.25
C ALA K 197 25.35 36.49 -4.36
N TRP K 198 25.05 35.36 -3.73
CA TRP K 198 25.89 34.15 -3.92
C TRP K 198 25.95 33.72 -5.38
N ILE K 199 24.79 33.71 -6.06
CA ILE K 199 24.76 33.38 -7.49
C ILE K 199 25.53 34.42 -8.31
N LEU K 200 25.28 35.72 -8.09
CA LEU K 200 25.88 36.77 -8.96
C LEU K 200 27.34 36.75 -8.78
N PHE K 201 27.77 36.66 -7.52
CA PHE K 201 29.18 36.61 -7.20
C PHE K 201 29.89 35.60 -8.07
N TRP K 202 29.46 34.33 -8.02
CA TRP K 202 30.19 33.32 -8.77
C TRP K 202 30.07 33.51 -10.27
N PHE K 203 28.86 33.79 -10.74
CA PHE K 203 28.62 34.00 -12.17
C PHE K 203 29.60 35.00 -12.70
N ILE K 204 29.66 36.18 -12.06
CA ILE K 204 30.53 37.28 -12.47
C ILE K 204 32.04 37.04 -12.21
N ARG K 205 32.44 36.54 -11.03
CA ARG K 205 33.86 36.17 -10.80
C ARG K 205 34.25 34.88 -11.53
N LYS K 206 34.28 34.99 -12.86
CA LYS K 206 34.69 33.85 -13.66
C LYS K 206 33.43 33.05 -13.95
N GLY K 207 33.02 33.08 -15.23
CA GLY K 207 31.62 33.02 -15.69
C GLY K 207 31.14 31.68 -16.22
N ILE K 208 30.11 31.71 -17.06
CA ILE K 208 29.49 30.48 -17.56
C ILE K 208 30.30 29.86 -18.70
N ILE K 209 30.19 30.37 -19.93
CA ILE K 209 31.11 29.98 -21.04
C ILE K 209 32.60 29.86 -20.65
N ALA K 210 33.21 30.93 -20.13
CA ALA K 210 34.58 30.82 -19.66
C ALA K 210 34.84 29.53 -18.80
N SER K 211 33.84 29.15 -17.99
CA SER K 211 33.96 27.98 -17.10
C SER K 211 33.68 26.61 -17.77
N TYR K 212 32.67 26.62 -18.68
CA TYR K 212 32.38 25.47 -19.48
C TYR K 212 33.65 25.10 -20.18
N VAL K 213 34.16 26.04 -20.98
CA VAL K 213 35.44 25.83 -21.68
C VAL K 213 36.56 25.28 -20.73
N ARG K 214 36.84 25.92 -19.60
CA ARG K 214 37.97 25.43 -18.78
C ARG K 214 37.85 23.97 -18.39
N VAL K 215 36.65 23.59 -17.95
CA VAL K 215 36.37 22.23 -17.49
C VAL K 215 36.49 21.25 -18.66
N ALA K 216 35.93 21.63 -19.81
CA ALA K 216 35.89 20.78 -20.96
C ALA K 216 37.29 20.60 -21.54
N GLU K 217 38.15 21.60 -21.35
CA GLU K 217 39.52 21.56 -21.85
C GLU K 217 40.33 20.78 -20.84
N GLY K 218 41.44 21.35 -20.39
CA GLY K 218 42.20 20.77 -19.28
C GLY K 218 41.34 20.62 -18.04
N ARG K 219 41.97 20.57 -16.90
CA ARG K 219 41.19 20.56 -15.68
C ARG K 219 40.47 21.93 -15.45
N PRO K 220 39.50 21.94 -14.51
CA PRO K 220 39.07 23.14 -13.81
C PRO K 220 40.24 23.82 -13.13
N ASP K 221 40.27 23.72 -11.80
CA ASP K 221 41.35 24.26 -10.93
C ASP K 221 41.77 25.69 -11.24
N ASP K 222 41.57 26.06 -12.51
CA ASP K 222 41.65 27.42 -12.97
C ASP K 222 40.28 28.06 -12.74
N VAL K 223 39.29 27.25 -12.37
CA VAL K 223 37.97 27.77 -12.00
C VAL K 223 37.85 27.89 -10.48
N ILE K 224 38.20 26.82 -9.77
CA ILE K 224 38.13 26.79 -8.34
C ILE K 224 39.48 26.44 -7.72
N GLY K 225 39.86 27.18 -6.69
CA GLY K 225 40.87 26.73 -5.78
C GLY K 225 40.85 27.76 -4.71
N ASP K 226 41.09 27.39 -3.45
CA ASP K 226 41.32 28.35 -2.36
C ASP K 226 42.19 29.36 -3.03
N ASP K 227 41.83 30.65 -3.00
CA ASP K 227 40.87 31.24 -2.07
C ASP K 227 39.36 31.20 -2.35
N ASP K 228 38.96 30.63 -3.49
CA ASP K 228 37.54 30.35 -3.78
C ASP K 228 36.83 29.55 -2.70
N ARG K 229 37.50 28.52 -2.19
CA ARG K 229 37.06 27.76 -1.03
C ARG K 229 37.04 28.60 0.26
N ARG K 230 38.06 29.42 0.45
CA ARG K 230 38.06 30.27 1.62
C ARG K 230 36.79 31.12 1.71
N ILE K 231 36.45 31.76 0.60
CA ILE K 231 35.23 32.56 0.52
C ILE K 231 34.03 31.77 1.06
N GLY K 232 33.87 30.57 0.51
CA GLY K 232 32.80 29.66 0.87
C GLY K 232 32.86 29.27 2.33
N ALA K 233 34.04 28.86 2.80
CA ALA K 233 34.21 28.54 4.22
C ALA K 233 33.79 29.70 5.09
N ILE K 234 34.18 30.92 4.68
CA ILE K 234 33.73 32.14 5.35
C ILE K 234 32.22 32.27 5.30
N VAL K 235 31.67 32.42 4.08
CA VAL K 235 30.22 32.61 3.92
C VAL K 235 29.42 31.58 4.77
N LEU K 236 29.82 30.31 4.71
CA LEU K 236 29.12 29.29 5.49
C LEU K 236 29.12 29.65 6.98
N ALA K 237 30.31 29.98 7.49
CA ALA K 237 30.50 30.28 8.91
C ALA K 237 29.67 31.49 9.35
N LEU K 238 29.58 32.51 8.48
CA LEU K 238 28.60 33.60 8.72
C LEU K 238 27.18 33.06 8.73
N THR K 239 26.81 32.29 7.70
CA THR K 239 25.44 31.78 7.52
C THR K 239 24.94 31.04 8.75
N ILE K 240 25.78 30.16 9.32
CA ILE K 240 25.39 29.39 10.48
C ILE K 240 25.32 30.28 11.69
N LEU K 241 26.16 31.30 11.71
CA LEU K 241 26.09 32.28 12.78
C LEU K 241 24.75 33.05 12.69
N ALA K 242 24.48 33.66 11.55
CA ALA K 242 23.21 34.34 11.34
C ALA K 242 22.01 33.45 11.71
N THR K 243 22.15 32.14 11.49
CA THR K 243 21.10 31.16 11.77
C THR K 243 20.94 30.97 13.28
N ILE K 244 22.04 30.72 13.96
CA ILE K 244 22.05 30.67 15.42
C ILE K 244 21.46 31.97 16.03
N VAL K 245 21.97 33.12 15.57
CA VAL K 245 21.62 34.38 16.20
C VAL K 245 20.12 34.55 16.11
N GLY K 246 19.58 34.55 14.86
CA GLY K 246 18.13 34.61 14.57
C GLY K 246 17.28 33.62 15.38
N TYR K 247 17.80 32.40 15.56
CA TYR K 247 17.17 31.43 16.44
C TYR K 247 17.12 31.89 17.91
N ALA K 248 18.25 32.34 18.47
CA ALA K 248 18.30 32.68 19.91
C ALA K 248 17.56 33.99 20.20
N VAL K 249 17.72 34.94 19.28
CA VAL K 249 16.86 36.12 19.26
C VAL K 249 15.37 35.79 19.24
N THR K 250 14.91 34.86 18.39
CA THR K 250 13.45 34.64 18.38
C THR K 250 12.92 33.89 19.59
N ASN K 251 13.80 33.14 20.27
CA ASN K 251 13.46 32.53 21.55
C ASN K 251 13.39 33.55 22.72
N SER K 252 14.01 34.71 22.53
CA SER K 252 13.97 35.76 23.54
C SER K 252 12.69 36.55 23.45
N THR K 253 12.35 37.10 22.28
CA THR K 253 10.95 37.40 21.98
C THR K 253 10.28 36.04 22.00
N PHE K 254 9.00 35.92 22.35
CA PHE K 254 8.39 34.56 22.21
C PHE K 254 9.12 33.40 22.96
N PRO K 255 9.29 33.48 24.30
CA PRO K 255 9.96 32.33 24.98
C PRO K 255 9.04 31.17 25.35
N ARG K 256 7.72 31.34 25.23
CA ARG K 256 6.81 30.24 25.58
C ARG K 256 5.86 30.00 24.41
N THR K 257 5.97 28.81 23.81
CA THR K 257 5.27 28.48 22.59
C THR K 257 4.65 27.10 22.66
N ILE K 258 3.47 26.96 22.00
CA ILE K 258 2.77 25.67 21.93
C ILE K 258 2.81 25.12 20.51
N PRO K 259 2.81 23.79 20.36
CA PRO K 259 2.65 23.20 19.02
C PRO K 259 1.18 23.28 18.50
N LEU K 260 0.95 23.24 17.19
CA LEU K 260 -0.45 23.35 16.65
C LEU K 260 -1.38 22.38 17.37
N GLN K 261 -2.59 22.81 17.65
CA GLN K 261 -3.46 21.99 18.43
C GLN K 261 -4.41 21.27 17.46
N ALA K 262 -4.27 19.95 17.30
CA ALA K 262 -5.09 19.19 16.32
C ALA K 262 -5.60 17.89 16.89
N GLY K 263 -6.67 17.40 16.27
CA GLY K 263 -7.31 16.17 16.71
C GLY K 263 -8.81 16.37 16.80
N LEU K 264 -9.56 15.36 16.34
CA LEU K 264 -10.96 15.12 16.60
C LEU K 264 -11.40 15.51 18.00
N GLN K 265 -12.65 15.95 18.12
CA GLN K 265 -13.13 16.43 19.42
C GLN K 265 -14.04 15.41 20.06
N LYS K 266 -14.19 15.45 21.39
CA LYS K 266 -15.13 14.56 22.10
C LYS K 266 -16.46 14.46 21.39
N PRO K 267 -17.12 13.30 21.52
CA PRO K 267 -18.47 13.17 20.86
C PRO K 267 -19.38 14.36 21.17
N LEU K 268 -20.12 14.79 20.16
CA LEU K 268 -21.05 15.89 20.23
C LEU K 268 -22.32 15.57 21.03
N THR K 269 -23.15 16.57 21.28
CA THR K 269 -24.47 16.33 21.87
C THR K 269 -25.50 16.45 20.76
N PRO K 270 -26.34 15.43 20.56
CA PRO K 270 -27.47 15.68 19.62
C PRO K 270 -28.63 16.55 20.21
N ILE K 271 -29.46 17.06 19.32
CA ILE K 271 -30.72 17.71 19.70
C ILE K 271 -31.69 16.68 20.32
N GLU K 272 -32.06 16.88 21.60
CA GLU K 272 -33.01 16.00 22.36
C GLU K 272 -34.40 16.59 22.42
N THR K 273 -34.53 17.83 21.96
CA THR K 273 -35.79 18.51 22.01
C THR K 273 -36.37 18.18 20.67
N GLU K 274 -37.60 17.71 20.52
CA GLU K 274 -38.61 17.64 21.53
C GLU K 274 -39.97 17.25 20.93
N GLY K 275 -40.14 17.16 19.58
CA GLY K 275 -39.07 17.09 18.54
C GLY K 275 -39.56 16.54 17.18
N THR K 276 -38.70 16.11 16.21
CA THR K 276 -37.27 15.75 16.27
C THR K 276 -37.06 14.22 16.08
N VAL K 277 -36.57 13.84 14.91
CA VAL K 277 -36.52 12.42 14.54
C VAL K 277 -36.00 11.45 15.61
N GLY K 278 -36.86 10.48 15.93
CA GLY K 278 -36.53 9.34 16.80
C GLY K 278 -36.24 9.72 18.23
N VAL K 279 -36.96 10.72 18.74
CA VAL K 279 -36.76 11.20 20.10
C VAL K 279 -38.11 11.34 20.81
N GLY K 280 -38.12 10.89 22.08
CA GLY K 280 -39.26 11.02 22.99
C GLY K 280 -40.45 10.13 22.69
N LYS K 281 -41.45 10.20 23.57
CA LYS K 281 -42.68 9.37 23.48
C LYS K 281 -43.50 9.66 22.20
N GLU K 282 -43.50 10.92 21.77
CA GLU K 282 -44.28 11.36 20.63
C GLU K 282 -43.46 11.45 19.31
N GLN K 283 -43.74 10.54 18.37
CA GLN K 283 -43.03 10.44 17.09
C GLN K 283 -44.01 10.60 15.92
N VAL K 284 -43.49 10.93 14.74
CA VAL K 284 -44.11 10.53 13.47
C VAL K 284 -43.15 9.59 12.73
N THR K 285 -43.73 8.69 11.92
CA THR K 285 -42.99 7.68 11.21
C THR K 285 -43.45 7.70 9.76
N THR K 286 -42.51 7.53 8.82
CA THR K 286 -42.81 7.60 7.38
C THR K 286 -42.04 6.59 6.52
N GLU K 287 -42.68 5.49 6.12
CA GLU K 287 -42.11 4.54 5.21
C GLU K 287 -42.43 5.01 3.81
N LEU K 288 -41.44 4.98 2.91
CA LEU K 288 -41.70 5.28 1.52
C LEU K 288 -42.10 3.98 0.84
N ASN K 289 -43.13 4.04 0.01
CA ASN K 289 -43.68 2.89 -0.68
C ASN K 289 -43.61 3.08 -2.20
N GLY K 290 -42.43 3.40 -2.73
CA GLY K 290 -42.28 3.63 -4.18
C GLY K 290 -42.73 5.01 -4.62
N GLY K 291 -42.14 5.52 -5.70
CA GLY K 291 -42.38 6.88 -6.14
C GLY K 291 -41.91 7.05 -7.57
N VAL K 292 -42.37 8.12 -8.21
CA VAL K 292 -42.18 8.32 -9.65
C VAL K 292 -41.81 9.78 -9.90
N TYR K 293 -40.78 10.01 -10.72
CA TYR K 293 -40.30 11.34 -11.01
C TYR K 293 -40.08 11.40 -12.49
N LYS K 294 -40.74 12.40 -13.10
CA LYS K 294 -40.75 12.57 -14.55
C LYS K 294 -39.43 13.10 -15.09
N VAL K 295 -38.95 12.50 -16.15
CA VAL K 295 -37.68 12.90 -16.74
C VAL K 295 -37.90 13.32 -18.21
N PRO K 296 -37.76 14.64 -18.50
CA PRO K 296 -37.68 15.73 -17.55
C PRO K 296 -39.08 16.16 -17.13
N GLY K 297 -39.25 16.85 -16.00
CA GLY K 297 -38.24 17.05 -14.99
C GLY K 297 -38.62 18.00 -13.87
N ARG K 298 -39.90 18.08 -13.47
CA ARG K 298 -40.30 19.03 -12.39
C ARG K 298 -41.07 18.40 -11.24
N GLU K 299 -41.46 17.12 -11.37
CA GLU K 299 -42.42 16.49 -10.44
C GLU K 299 -41.90 15.20 -9.85
N LEU K 300 -42.27 14.96 -8.60
CA LEU K 300 -41.92 13.74 -7.90
C LEU K 300 -43.17 13.35 -7.08
N THR K 301 -43.64 12.13 -7.26
CA THR K 301 -44.86 11.72 -6.62
C THR K 301 -44.55 10.53 -5.73
N ILE K 302 -44.95 10.56 -4.46
CA ILE K 302 -44.52 9.49 -3.55
C ILE K 302 -45.61 8.95 -2.62
N ASN K 303 -45.59 7.63 -2.41
CA ASN K 303 -46.49 7.01 -1.44
C ASN K 303 -45.82 6.89 -0.06
N VAL K 304 -46.45 7.49 0.95
CA VAL K 304 -45.88 7.50 2.26
C VAL K 304 -46.80 6.79 3.20
N LYS K 305 -46.24 5.80 3.89
CA LYS K 305 -46.98 5.11 4.93
C LYS K 305 -46.66 5.82 6.22
N VAL K 306 -47.60 6.62 6.71
CA VAL K 306 -47.38 7.37 7.94
C VAL K 306 -47.98 6.69 9.16
N LYS K 307 -47.23 6.69 10.27
CA LYS K 307 -47.74 6.27 11.59
C LYS K 307 -47.68 7.43 12.59
N ASN K 308 -48.84 7.77 13.12
CA ASN K 308 -48.94 8.87 14.06
C ASN K 308 -48.84 8.36 15.49
N GLY K 309 -47.61 8.16 15.95
CA GLY K 309 -47.24 7.91 17.33
C GLY K 309 -47.39 9.13 18.24
N THR K 310 -48.01 10.22 17.74
CA THR K 310 -48.28 11.39 18.62
C THR K 310 -49.67 11.31 19.22
N SER K 311 -50.02 12.29 20.05
CA SER K 311 -51.37 12.38 20.65
C SER K 311 -52.10 13.61 20.13
N GLN K 312 -51.83 13.96 18.88
CA GLN K 312 -52.46 15.13 18.20
C GLN K 312 -52.55 14.94 16.68
N PRO K 313 -53.71 15.33 16.11
CA PRO K 313 -53.94 15.28 14.65
C PRO K 313 -52.89 16.12 13.92
N VAL K 314 -52.20 15.53 12.95
CA VAL K 314 -51.07 16.23 12.33
C VAL K 314 -51.31 16.34 10.86
N ARG K 315 -51.01 17.48 10.24
CA ARG K 315 -50.95 17.59 8.76
C ARG K 315 -49.51 17.70 8.28
N LEU K 316 -49.27 17.11 7.10
CA LEU K 316 -47.98 17.25 6.42
C LEU K 316 -47.74 18.70 5.94
N GLY K 317 -46.61 19.27 6.39
CA GLY K 317 -46.29 20.69 6.09
C GLY K 317 -45.23 20.90 5.04
N GLU K 318 -44.33 19.93 4.94
CA GLU K 318 -43.02 20.21 4.34
C GLU K 318 -42.27 18.96 3.99
N TYR K 319 -41.69 18.99 2.80
CA TYR K 319 -40.61 18.10 2.42
C TYR K 319 -39.36 18.98 2.24
N THR K 320 -38.23 18.56 2.85
CA THR K 320 -36.90 19.15 2.56
C THR K 320 -35.90 18.09 2.10
N ALA K 321 -35.17 18.43 1.03
CA ALA K 321 -34.25 17.55 0.36
C ALA K 321 -32.77 17.95 0.54
N ALA K 322 -32.31 18.88 -0.28
CA ALA K 322 -30.87 19.06 -0.34
C ALA K 322 -30.53 20.53 0.00
N GLY K 323 -31.03 20.94 1.15
CA GLY K 323 -31.22 22.36 1.35
C GLY K 323 -32.65 22.73 1.04
N LEU K 324 -33.15 22.33 -0.13
CA LEU K 324 -34.53 22.72 -0.64
C LEU K 324 -35.72 22.57 0.31
N ARG K 325 -36.61 23.57 0.35
CA ARG K 325 -37.91 23.40 1.07
C ARG K 325 -39.09 23.38 0.12
N PHE K 326 -39.83 22.26 0.09
CA PHE K 326 -41.17 22.14 -0.62
C PHE K 326 -42.32 22.20 0.35
N LEU K 327 -42.93 23.39 0.44
CA LEU K 327 -43.97 23.71 1.42
C LEU K 327 -45.37 23.33 0.94
N ASN K 328 -46.24 23.03 1.90
CA ASN K 328 -47.68 22.82 1.72
C ASN K 328 -48.45 24.13 1.98
N PRO K 329 -49.01 24.76 0.93
CA PRO K 329 -49.64 26.10 1.16
C PRO K 329 -50.81 26.01 2.14
N THR K 330 -51.37 24.80 2.28
CA THR K 330 -52.46 24.60 3.23
C THR K 330 -51.98 24.81 4.66
N VAL K 331 -50.73 24.41 4.94
CA VAL K 331 -50.12 24.49 6.31
C VAL K 331 -49.34 25.77 6.46
N PHE K 332 -48.49 26.04 5.46
CA PHE K 332 -47.74 27.29 5.41
C PHE K 332 -48.58 28.24 4.64
N THR K 333 -49.65 28.72 5.29
CA THR K 333 -50.62 29.67 4.69
C THR K 333 -49.89 30.87 4.13
N GLN K 334 -48.87 31.36 4.88
CA GLN K 334 -47.89 32.30 4.34
C GLN K 334 -46.92 32.79 5.39
N LYS K 335 -45.60 32.56 5.24
CA LYS K 335 -44.83 32.08 4.04
C LYS K 335 -43.36 32.58 4.19
N PRO K 336 -42.44 31.68 4.58
CA PRO K 336 -41.27 32.01 5.41
C PRO K 336 -40.16 32.84 4.80
N ASP K 337 -39.38 33.41 5.70
CA ASP K 337 -38.09 34.02 5.37
C ASP K 337 -37.05 32.92 5.06
N PHE K 338 -36.75 32.80 3.77
CA PHE K 338 -35.84 31.81 3.28
C PHE K 338 -35.41 32.16 1.85
N PRO K 339 -34.12 31.92 1.51
CA PRO K 339 -33.51 32.12 0.19
C PRO K 339 -34.35 31.70 -1.01
N ASP K 340 -34.67 32.66 -1.90
CA ASP K 340 -35.11 32.44 -3.30
C ASP K 340 -35.63 31.02 -3.60
N TYR K 341 -34.80 29.96 -3.66
CA TYR K 341 -33.91 29.59 -4.78
C TYR K 341 -34.03 28.06 -5.09
N LEU K 342 -34.64 27.20 -4.23
CA LEU K 342 -34.70 27.07 -2.72
C LEU K 342 -36.06 27.03 -1.97
N LEU K 343 -36.74 28.14 -1.84
CA LEU K 343 -38.07 28.05 -1.24
C LEU K 343 -39.21 27.75 -2.29
N ALA K 344 -39.76 26.55 -2.22
CA ALA K 344 -40.82 26.14 -3.13
C ALA K 344 -42.14 26.01 -2.40
N ASP K 345 -43.08 26.89 -2.75
CA ASP K 345 -44.46 26.87 -2.26
C ASP K 345 -45.45 25.91 -3.01
N ARG K 346 -44.97 24.69 -3.28
CA ARG K 346 -45.79 23.58 -3.72
C ARG K 346 -45.15 22.21 -3.40
N GLY K 347 -45.48 21.70 -2.22
CA GLY K 347 -45.35 20.30 -1.90
C GLY K 347 -46.70 19.89 -1.35
N LEU K 348 -47.75 20.10 -2.17
CA LEU K 348 -49.13 19.55 -2.01
C LEU K 348 -49.28 18.00 -2.11
N SER K 349 -50.19 17.33 -1.38
CA SER K 349 -50.97 17.82 -0.21
C SER K 349 -51.89 16.73 0.35
N ASN K 350 -53.18 16.80 -0.02
CA ASN K 350 -54.36 16.13 0.61
C ASN K 350 -54.62 16.48 2.09
N ASP K 351 -55.55 17.39 2.37
CA ASP K 351 -55.80 17.82 3.77
C ASP K 351 -56.72 16.91 4.56
N ASP K 352 -56.14 16.26 5.56
CA ASP K 352 -56.85 15.29 6.37
C ASP K 352 -56.04 14.99 7.59
N VAL K 353 -56.20 15.85 8.58
CA VAL K 353 -55.54 15.61 9.85
C VAL K 353 -55.28 14.07 10.10
N ILE K 354 -54.06 13.59 9.92
CA ILE K 354 -53.75 12.21 10.34
C ILE K 354 -54.00 12.13 11.87
N ALA K 355 -54.81 11.16 12.28
CA ALA K 355 -55.34 11.08 13.65
C ALA K 355 -54.37 10.43 14.66
N PRO K 356 -54.52 10.77 15.95
CA PRO K 356 -53.53 10.23 16.91
C PRO K 356 -53.59 8.72 16.90
N GLY K 357 -52.44 8.06 17.05
CA GLY K 357 -52.36 6.59 16.85
C GLY K 357 -52.69 6.05 15.44
N GLU K 358 -53.28 6.87 14.57
CA GLU K 358 -53.65 6.43 13.21
C GLU K 358 -52.43 6.00 12.36
N SER K 359 -52.72 5.27 11.27
CA SER K 359 -51.71 4.62 10.47
C SER K 359 -52.22 4.59 9.04
N LYS K 360 -51.74 5.53 8.22
CA LYS K 360 -52.36 5.85 6.95
C LYS K 360 -51.33 6.02 5.81
N GLU K 361 -51.76 5.75 4.59
CA GLU K 361 -50.89 5.88 3.41
C GLU K 361 -51.39 6.98 2.46
N ILE K 362 -50.56 7.99 2.24
CA ILE K 362 -50.95 9.20 1.55
C ILE K 362 -50.07 9.43 0.35
N VAL K 363 -50.61 10.06 -0.69
CA VAL K 363 -49.91 10.27 -1.96
C VAL K 363 -49.48 11.70 -1.96
N VAL K 364 -48.17 11.94 -2.08
CA VAL K 364 -47.57 13.29 -1.92
C VAL K 364 -47.02 13.71 -3.26
N LYS K 365 -47.24 14.97 -3.61
CA LYS K 365 -46.88 15.47 -4.94
C LYS K 365 -45.98 16.70 -4.80
N ILE K 366 -44.68 16.43 -4.87
CA ILE K 366 -43.65 17.44 -4.94
C ILE K 366 -43.62 17.93 -6.37
N GLN K 367 -44.10 19.15 -6.59
CA GLN K 367 -43.95 19.83 -7.87
C GLN K 367 -43.34 21.22 -7.62
N ASP K 368 -42.38 21.59 -8.46
CA ASP K 368 -41.86 22.95 -8.53
C ASP K 368 -40.65 22.95 -9.45
N ALA K 369 -40.47 24.10 -10.13
CA ALA K 369 -39.35 24.23 -11.06
C ALA K 369 -38.04 23.95 -10.33
N ARG K 370 -38.01 24.25 -9.02
CA ARG K 370 -36.78 24.25 -8.24
C ARG K 370 -36.13 22.85 -8.18
N TRP K 371 -36.98 21.81 -8.21
CA TRP K 371 -36.56 20.43 -8.42
C TRP K 371 -35.65 20.35 -9.65
N ASP K 372 -36.12 20.84 -10.80
CA ASP K 372 -35.29 20.82 -12.03
C ASP K 372 -34.09 21.75 -11.89
N ILE K 373 -34.32 22.97 -11.38
CA ILE K 373 -33.25 23.99 -11.36
C ILE K 373 -32.03 23.60 -10.44
N GLU K 374 -32.30 23.10 -9.23
CA GLU K 374 -31.26 22.56 -8.36
C GLU K 374 -30.93 21.09 -8.71
N ARG K 375 -31.28 20.70 -9.93
CA ARG K 375 -30.89 19.43 -10.53
C ARG K 375 -31.08 18.17 -9.67
N LEU K 376 -32.07 18.18 -8.80
CA LEU K 376 -32.53 16.92 -8.23
C LEU K 376 -33.10 16.01 -9.33
N SER K 377 -33.70 16.61 -10.39
CA SER K 377 -34.23 15.84 -11.54
C SER K 377 -33.17 14.96 -12.25
N ASP K 378 -31.90 15.33 -12.11
CA ASP K 378 -30.78 14.55 -12.67
C ASP K 378 -30.46 13.23 -11.89
N LEU K 379 -31.37 12.86 -11.01
CA LEU K 379 -31.34 11.60 -10.31
C LEU K 379 -31.22 10.43 -11.28
N ALA K 380 -31.81 10.58 -12.47
CA ALA K 380 -31.84 9.53 -13.52
C ALA K 380 -30.46 9.22 -14.06
N TYR K 381 -29.57 10.17 -13.88
CA TYR K 381 -28.17 9.97 -14.19
C TYR K 381 -27.37 9.18 -13.10
N ASP K 382 -27.94 8.94 -11.93
CA ASP K 382 -27.10 8.47 -10.80
C ASP K 382 -27.00 6.93 -10.74
N THR K 383 -26.03 6.41 -10.01
CA THR K 383 -25.94 4.95 -9.80
C THR K 383 -26.84 4.47 -8.63
N ASP K 384 -27.71 5.33 -8.13
CA ASP K 384 -28.62 4.92 -7.07
C ASP K 384 -29.90 5.78 -7.10
N SER K 385 -30.93 5.28 -7.78
CA SER K 385 -32.11 6.07 -8.12
C SER K 385 -33.08 6.08 -6.98
N GLN K 386 -32.83 6.99 -6.04
CA GLN K 386 -33.36 6.83 -4.69
C GLN K 386 -33.39 8.19 -3.96
N VAL K 387 -34.55 8.64 -3.43
CA VAL K 387 -34.66 9.95 -2.69
C VAL K 387 -34.26 9.76 -1.21
N GLY K 388 -33.95 10.86 -0.54
CA GLY K 388 -33.92 10.93 0.94
C GLY K 388 -34.45 12.30 1.36
N GLY K 389 -34.36 12.62 2.67
CA GLY K 389 -34.82 13.93 3.17
C GLY K 389 -35.72 13.85 4.39
N LEU K 390 -36.24 14.98 4.86
CA LEU K 390 -37.22 15.00 6.01
C LEU K 390 -38.60 15.53 5.61
N LEU K 391 -39.63 15.01 6.30
CA LEU K 391 -41.01 15.50 6.16
C LEU K 391 -41.38 16.18 7.44
N PHE K 392 -42.02 17.34 7.35
CA PHE K 392 -42.45 17.97 8.60
C PHE K 392 -43.97 17.93 8.80
N PHE K 393 -44.41 17.40 9.95
CA PHE K 393 -45.84 17.28 10.24
C PHE K 393 -46.25 18.24 11.33
N PHE K 394 -47.34 18.96 11.10
CA PHE K 394 -47.80 19.98 12.08
C PHE K 394 -49.13 19.72 12.77
N THR K 395 -49.16 19.97 14.08
CA THR K 395 -50.35 19.96 14.93
C THR K 395 -51.18 21.22 14.61
N PRO K 396 -52.46 21.27 15.04
CA PRO K 396 -53.29 22.48 14.95
C PRO K 396 -52.70 23.72 15.67
N ASP K 397 -52.03 23.49 16.81
CA ASP K 397 -51.22 24.53 17.48
C ASP K 397 -49.87 24.67 16.76
N GLY K 398 -48.85 25.11 17.48
CA GLY K 398 -47.48 25.11 16.90
C GLY K 398 -46.85 23.78 16.41
N LYS K 399 -46.71 22.81 17.34
CA LYS K 399 -45.70 21.72 17.22
C LYS K 399 -45.46 21.09 15.83
N ARG K 400 -44.16 21.01 15.52
CA ARG K 400 -43.63 20.37 14.31
C ARG K 400 -43.03 19.07 14.75
N PHE K 401 -43.54 17.99 14.14
CA PHE K 401 -42.97 16.67 14.38
C PHE K 401 -42.31 16.18 13.07
N ALA K 402 -41.03 15.76 13.18
CA ALA K 402 -40.20 15.35 12.00
C ALA K 402 -39.99 13.83 11.78
N ALA K 403 -40.06 13.42 10.51
CA ALA K 403 -39.84 12.05 10.07
C ALA K 403 -38.85 12.03 8.87
N GLU K 404 -37.92 11.08 8.91
CA GLU K 404 -37.05 10.81 7.78
C GLU K 404 -37.86 10.07 6.68
N ILE K 405 -37.81 10.58 5.44
CA ILE K 405 -38.30 9.84 4.31
C ILE K 405 -37.12 9.49 3.39
N GLY K 406 -37.20 8.33 2.73
CA GLY K 406 -36.18 7.95 1.75
C GLY K 406 -36.47 6.59 1.12
N GLY K 407 -35.84 6.32 -0.03
CA GLY K 407 -35.98 5.02 -0.69
C GLY K 407 -36.01 5.08 -2.20
N PRO K 408 -36.05 3.90 -2.84
CA PRO K 408 -36.22 3.75 -4.30
C PRO K 408 -37.32 4.60 -4.86
N VAL K 409 -37.01 5.30 -5.96
CA VAL K 409 -38.04 5.96 -6.78
C VAL K 409 -37.75 5.71 -8.29
N ILE K 410 -38.78 5.60 -9.11
CA ILE K 410 -38.59 5.17 -10.49
C ILE K 410 -38.79 6.34 -11.45
N PRO K 411 -37.98 6.42 -12.52
CA PRO K 411 -38.14 7.57 -13.38
C PRO K 411 -39.22 7.27 -14.41
N LYS K 412 -40.00 8.26 -14.78
CA LYS K 412 -40.91 8.08 -15.89
C LYS K 412 -40.43 9.00 -16.95
N PHE K 413 -40.00 8.44 -18.09
CA PHE K 413 -39.46 9.25 -19.19
C PHE K 413 -40.47 10.07 -20.06
N VAL K 414 -40.05 11.32 -20.41
CA VAL K 414 -40.86 12.42 -21.04
C VAL K 414 -42.29 12.50 -20.43
#